data_6KZ0
#
_entry.id   6KZ0
#
_cell.length_a   193.782
_cell.length_b   133.256
_cell.length_c   78.789
_cell.angle_alpha   90.000
_cell.angle_beta   93.545
_cell.angle_gamma   90.000
#
_symmetry.space_group_name_H-M   'C 1 2 1'
#
loop_
_entity.id
_entity.type
_entity.pdbx_description
1 polymer 'Genome polyprotein'
2 polymer 'GGVV H chain'
3 polymer 'GGVV L chain'
4 water water
#
loop_
_entity_poly.entity_id
_entity_poly.type
_entity_poly.pdbx_seq_one_letter_code
_entity_poly.pdbx_strand_id
1 'polypeptide(L)'
;GSGPNTEFALSLLRKNIMTITTSKGEFTGLGIHDRVCVIPTHAQPGDDVLVNGQKIRVKDKYKLVDPENINLELTVLTLD
RNEKFRDIRGFISEDLEGVDATLVVHSNNFTNTILEVGPVTMAGLINLSSTPTNRMIRYDYATKTGQCGGVLCATGKIFG
IHVGGNGRQGFSAQLKKQYFVEKQ
;
A,D,G,J
2 'polypeptide(L)'
;GAMMAQVQLVQSGAEVKQPGSSVKVSCKTSGDIFSTYGFNWVRQAPGQGLEWMGGIAPVFDTLKYAQRFQGRLLITADES
ATSVYMELSSLRSDDTAVYYCARAGQGGVVGNYLDYWGQGTLVTVSSGGGGSGGGGSGGGGS
;
B,E,H,K
3 'polypeptide(L)'
;DIQMTQSPSSLSASVGDRVTITCRASQGISNYLAWYQQKPGKVPKLLIYAASTLQSGVPSRFSGSGSGTDFTLTISSLQP
EDVATYYCQKYNSAPLTFGQGTKVDIKR
;
C,F,I,L
#
# COMPACT_ATOMS: atom_id res chain seq x y z
N GLY A 1 0.83 28.01 28.89
CA GLY A 1 1.49 26.72 28.94
C GLY A 1 0.80 25.57 28.21
N SER A 2 -0.44 25.78 27.79
CA SER A 2 -1.13 24.83 26.94
C SER A 2 -1.72 25.60 25.75
N GLY A 3 -2.74 25.02 25.13
CA GLY A 3 -3.39 25.65 24.00
C GLY A 3 -2.72 25.25 22.70
N PRO A 4 -3.32 25.66 21.58
CA PRO A 4 -2.79 25.23 20.28
C PRO A 4 -1.38 25.73 19.98
N ASN A 5 -0.97 26.87 20.54
CA ASN A 5 0.41 27.32 20.37
C ASN A 5 1.40 26.25 20.83
N THR A 6 1.14 25.66 21.99
CA THR A 6 2.05 24.66 22.52
C THR A 6 2.08 23.44 21.61
N GLU A 7 0.91 22.98 21.15
CA GLU A 7 0.88 21.82 20.26
C GLU A 7 1.65 22.08 18.98
N PHE A 8 1.46 23.27 18.40
CA PHE A 8 2.18 23.63 17.18
C PHE A 8 3.70 23.60 17.41
N ALA A 9 4.14 24.23 18.51
CA ALA A 9 5.56 24.23 18.82
C ALA A 9 6.09 22.81 19.01
N LEU A 10 5.33 21.96 19.72
CA LEU A 10 5.79 20.60 19.96
C LEU A 10 5.87 19.80 18.67
N SER A 11 4.92 20.00 17.77
CA SER A 11 4.96 19.27 16.51
C SER A 11 6.15 19.74 15.67
N LEU A 12 6.42 21.04 15.67
CA LEU A 12 7.61 21.54 14.98
C LEU A 12 8.89 20.94 15.56
N LEU A 13 8.98 20.86 16.89
CA LEU A 13 10.12 20.17 17.52
C LEU A 13 10.20 18.72 17.06
N ARG A 14 9.06 18.08 16.85
CA ARG A 14 9.06 16.67 16.49
C ARG A 14 9.54 16.46 15.05
N LYS A 15 9.16 17.37 14.14
CA LYS A 15 9.36 17.11 12.71
C LYS A 15 10.36 18.02 12.02
N ASN A 16 10.55 19.26 12.46
CA ASN A 16 11.27 20.25 11.66
C ASN A 16 12.36 21.02 12.38
N ILE A 17 12.38 21.08 13.71
CA ILE A 17 13.35 21.87 14.44
C ILE A 17 14.45 20.96 14.97
N MET A 18 15.69 21.29 14.65
CA MET A 18 16.84 20.46 15.04
C MET A 18 17.88 21.29 15.74
N THR A 19 18.87 20.60 16.32
CA THR A 19 20.12 21.23 16.72
C THR A 19 21.11 21.08 15.59
N ILE A 20 21.64 22.22 15.13
CA ILE A 20 22.68 22.23 14.13
C ILE A 20 23.97 22.68 14.80
N THR A 21 24.99 21.83 14.74
CA THR A 21 26.28 22.13 15.34
C THR A 21 27.25 22.47 14.23
N THR A 22 27.86 23.64 14.33
CA THR A 22 28.95 24.05 13.47
C THR A 22 30.20 24.21 14.32
N SER A 23 31.29 24.69 13.68
CA SER A 23 32.50 24.93 14.44
C SER A 23 32.30 26.05 15.47
N LYS A 24 31.27 26.88 15.31
CA LYS A 24 30.96 27.93 16.27
C LYS A 24 30.03 27.46 17.38
N GLY A 25 29.61 26.20 17.37
CA GLY A 25 28.75 25.77 18.45
C GLY A 25 27.38 25.30 18.00
N GLU A 26 26.45 25.24 18.95
CA GLU A 26 25.12 24.70 18.72
C GLU A 26 24.13 25.83 18.46
N PHE A 27 23.30 25.64 17.44
CA PHE A 27 22.24 26.56 17.08
C PHE A 27 20.96 25.78 16.82
N THR A 28 19.84 26.45 16.95
CA THR A 28 18.59 25.86 16.49
C THR A 28 18.45 26.07 14.99
N GLY A 29 18.02 25.04 14.29
CA GLY A 29 17.80 25.11 12.85
C GLY A 29 16.39 24.70 12.50
N LEU A 30 15.88 25.26 11.41
CA LEU A 30 14.50 25.02 10.99
C LEU A 30 14.48 24.37 9.62
N GLY A 31 13.99 23.13 9.55
CA GLY A 31 13.73 22.50 8.26
C GLY A 31 12.51 23.13 7.60
N ILE A 32 12.65 23.50 6.33
CA ILE A 32 11.59 24.21 5.62
C ILE A 32 10.77 23.26 4.77
N HIS A 33 11.45 22.44 3.97
CA HIS A 33 10.84 21.48 3.05
C HIS A 33 11.98 20.69 2.44
N ASP A 34 11.66 19.50 1.92
CA ASP A 34 12.65 18.67 1.27
C ASP A 34 13.87 18.50 2.18
N ARG A 35 15.04 18.92 1.71
CA ARG A 35 16.25 18.92 2.51
C ARG A 35 16.78 20.33 2.74
N VAL A 36 15.93 21.33 2.61
CA VAL A 36 16.29 22.72 2.84
C VAL A 36 16.03 23.03 4.31
N CYS A 37 17.01 23.66 4.97
CA CYS A 37 16.79 24.18 6.30
C CYS A 37 17.48 25.54 6.42
N VAL A 38 17.21 26.21 7.53
CA VAL A 38 17.65 27.57 7.78
C VAL A 38 18.36 27.63 9.12
N ILE A 39 19.46 28.40 9.18
CA ILE A 39 20.21 28.70 10.40
C ILE A 39 20.65 30.15 10.35
N PRO A 40 20.94 30.73 11.52
CA PRO A 40 21.56 32.06 11.53
C PRO A 40 22.88 32.03 10.78
N THR A 41 23.10 33.07 9.98
CA THR A 41 24.36 33.22 9.25
C THR A 41 25.55 33.24 10.20
N HIS A 42 25.38 33.83 11.40
CA HIS A 42 26.44 33.84 12.41
C HIS A 42 26.99 32.46 12.72
N ALA A 43 26.23 31.39 12.43
CA ALA A 43 26.69 30.04 12.74
C ALA A 43 27.84 29.60 11.84
N GLN A 44 28.02 30.25 10.69
CA GLN A 44 29.10 29.99 9.74
C GLN A 44 29.25 28.48 9.47
N PRO A 45 28.26 27.86 8.86
CA PRO A 45 28.36 26.42 8.57
C PRO A 45 29.42 26.13 7.52
N GLY A 46 30.18 25.06 7.75
CA GLY A 46 31.19 24.62 6.81
C GLY A 46 30.65 23.63 5.80
N ASP A 47 31.45 22.63 5.41
CA ASP A 47 30.99 21.58 4.52
C ASP A 47 30.26 20.46 5.24
N ASP A 48 30.45 20.32 6.54
CA ASP A 48 29.74 19.33 7.34
C ASP A 48 29.11 20.03 8.53
N VAL A 49 27.93 19.56 8.94
CA VAL A 49 27.33 20.01 10.17
C VAL A 49 26.89 18.78 10.94
N LEU A 50 26.64 18.96 12.24
CA LEU A 50 25.90 17.96 12.98
C LEU A 50 24.43 18.37 12.98
N VAL A 51 23.57 17.44 12.61
CA VAL A 51 22.13 17.58 12.73
C VAL A 51 21.71 16.61 13.83
N ASN A 52 21.26 17.17 14.97
CA ASN A 52 20.98 16.41 16.18
C ASN A 52 22.07 15.38 16.47
N GLY A 53 23.34 15.78 16.32
CA GLY A 53 24.44 14.91 16.65
C GLY A 53 24.96 14.04 15.52
N GLN A 54 24.22 13.91 14.41
CA GLN A 54 24.66 13.11 13.28
C GLN A 54 25.43 13.99 12.29
N LYS A 55 26.60 13.52 11.86
CA LYS A 55 27.35 14.27 10.86
C LYS A 55 26.65 14.17 9.50
N ILE A 56 26.41 15.33 8.89
CA ILE A 56 25.69 15.43 7.63
C ILE A 56 26.47 16.35 6.74
N ARG A 57 26.65 15.94 5.50
CA ARG A 57 27.32 16.78 4.53
C ARG A 57 26.38 17.87 4.03
N VAL A 58 26.95 19.08 3.84
CA VAL A 58 26.19 20.20 3.30
C VAL A 58 26.35 20.18 1.78
N LYS A 59 25.26 19.86 1.06
CA LYS A 59 25.32 19.88 -0.40
C LYS A 59 25.41 21.31 -0.92
N ASP A 60 24.71 22.25 -0.28
CA ASP A 60 24.76 23.63 -0.76
C ASP A 60 24.42 24.58 0.38
N LYS A 61 24.97 25.80 0.33
CA LYS A 61 24.71 26.83 1.34
C LYS A 61 24.69 28.18 0.65
N TYR A 62 23.80 29.07 1.12
CA TYR A 62 23.83 30.43 0.61
C TYR A 62 23.11 31.36 1.57
N LYS A 63 23.55 32.62 1.59
CA LYS A 63 22.85 33.62 2.35
C LYS A 63 21.60 34.07 1.59
N LEU A 64 20.68 34.69 2.31
CA LEU A 64 19.41 35.10 1.75
C LEU A 64 19.41 36.59 1.43
N VAL A 65 18.38 37.02 0.70
CA VAL A 65 18.26 38.37 0.19
C VAL A 65 17.35 39.22 1.09
N LEU A 72 20.40 39.05 5.35
CA LEU A 72 19.66 39.36 6.57
C LEU A 72 19.93 38.36 7.69
N GLU A 73 21.20 38.04 7.90
CA GLU A 73 21.65 37.11 8.94
C GLU A 73 21.09 35.69 8.81
N LEU A 74 20.42 35.31 7.72
CA LEU A 74 19.92 33.95 7.60
C LEU A 74 20.64 33.21 6.46
N THR A 75 20.94 31.94 6.68
CA THR A 75 21.61 31.10 5.69
C THR A 75 20.79 29.84 5.46
N VAL A 76 20.63 29.49 4.18
CA VAL A 76 19.89 28.32 3.73
C VAL A 76 20.88 27.21 3.41
N LEU A 77 20.65 26.01 3.97
CA LEU A 77 21.46 24.83 3.72
C LEU A 77 20.61 23.73 3.07
N THR A 78 21.14 23.15 2.01
CA THR A 78 20.66 21.89 1.47
C THR A 78 21.59 20.79 1.96
N LEU A 79 21.03 19.85 2.73
CA LEU A 79 21.78 18.78 3.39
C LEU A 79 21.74 17.49 2.58
N ASP A 80 22.83 16.72 2.69
CA ASP A 80 22.91 15.38 2.13
C ASP A 80 22.38 14.44 3.19
N ARG A 81 21.07 14.22 3.18
CA ARG A 81 20.34 13.53 4.22
C ARG A 81 19.26 12.65 3.61
N ASN A 82 18.93 11.54 4.29
CA ASN A 82 17.86 10.67 3.83
C ASN A 82 16.50 11.29 4.10
N GLU A 83 16.21 11.58 5.37
CA GLU A 83 14.95 12.17 5.80
C GLU A 83 14.64 13.48 5.09
N LYS A 84 13.37 13.66 4.74
CA LYS A 84 12.84 14.91 4.21
C LYS A 84 12.11 15.65 5.32
N PHE A 85 12.05 16.97 5.19
CA PHE A 85 11.36 17.80 6.16
C PHE A 85 9.90 17.86 5.78
N ARG A 86 9.03 17.93 6.78
CA ARG A 86 7.64 18.25 6.49
C ARG A 86 7.57 19.64 5.89
N ASP A 87 6.78 19.78 4.83
CA ASP A 87 6.68 21.06 4.13
C ASP A 87 5.91 22.05 4.99
N ILE A 88 6.62 22.99 5.63
CA ILE A 88 5.96 23.97 6.50
C ILE A 88 5.85 25.34 5.84
N ARG A 89 6.13 25.42 4.54
CA ARG A 89 6.13 26.72 3.87
C ARG A 89 4.76 27.40 3.94
N GLY A 90 3.68 26.60 3.93
CA GLY A 90 2.34 27.15 4.03
C GLY A 90 2.07 27.90 5.32
N PHE A 91 2.90 27.68 6.35
CA PHE A 91 2.76 28.38 7.62
C PHE A 91 3.53 29.71 7.68
N ILE A 92 4.45 29.95 6.74
CA ILE A 92 5.24 31.18 6.79
C ILE A 92 4.29 32.35 6.64
N SER A 93 4.32 33.26 7.60
CA SER A 93 3.36 34.34 7.64
C SER A 93 4.04 35.66 7.99
N GLU A 94 3.49 36.76 7.49
CA GLU A 94 3.90 38.10 7.90
C GLU A 94 2.80 38.82 8.68
N ASP A 95 1.77 38.10 9.13
CA ASP A 95 0.67 38.70 9.89
C ASP A 95 0.98 38.54 11.37
N LEU A 96 1.74 39.46 11.93
CA LEU A 96 2.14 39.32 13.30
C LEU A 96 1.65 40.28 14.33
N GLU A 97 0.76 41.13 13.96
CA GLU A 97 0.35 42.15 14.93
C GLU A 97 -0.97 41.74 15.56
N GLY A 98 -1.03 41.88 16.88
CA GLY A 98 -2.05 41.22 17.68
C GLY A 98 -1.73 39.78 18.02
N VAL A 99 -0.48 39.35 17.92
CA VAL A 99 -0.11 37.94 18.04
C VAL A 99 0.80 37.77 19.26
N ASP A 100 0.37 36.93 20.20
CA ASP A 100 1.25 36.43 21.26
C ASP A 100 2.02 35.24 20.71
N ALA A 101 3.32 35.40 20.54
CA ALA A 101 4.16 34.41 19.89
C ALA A 101 4.91 33.54 20.89
N THR A 102 5.37 32.40 20.40
CA THR A 102 6.29 31.55 21.12
C THR A 102 7.61 31.49 20.36
N LEU A 103 8.68 31.29 21.09
CA LEU A 103 10.01 31.09 20.52
C LEU A 103 10.42 29.68 20.90
N VAL A 104 10.68 28.84 19.89
CA VAL A 104 10.98 27.43 20.09
C VAL A 104 12.45 27.21 19.84
N VAL A 105 13.18 26.82 20.88
CA VAL A 105 14.62 26.61 20.79
C VAL A 105 14.92 25.16 21.15
N HIS A 106 15.95 24.63 20.49
CA HIS A 106 16.41 23.28 20.68
C HIS A 106 17.93 23.26 20.45
N SER A 107 18.67 23.80 21.40
CA SER A 107 20.13 23.87 21.30
C SER A 107 20.69 24.23 22.66
N ASN A 108 21.94 23.83 22.89
CA ASN A 108 22.67 24.06 24.15
C ASN A 108 21.83 23.45 25.28
N ASN A 109 21.76 24.11 26.45
CA ASN A 109 20.92 23.62 27.55
C ASN A 109 19.43 23.83 27.32
N PHE A 110 19.05 24.61 26.30
CA PHE A 110 17.63 24.86 26.00
C PHE A 110 17.12 23.87 24.94
N THR A 111 17.04 22.60 25.33
CA THR A 111 16.41 21.62 24.47
C THR A 111 14.91 21.55 24.75
N ASN A 112 14.13 21.27 23.70
CA ASN A 112 12.67 21.20 23.77
C ASN A 112 12.09 22.37 24.57
N THR A 113 12.48 23.59 24.18
CA THR A 113 12.18 24.77 24.98
C THR A 113 11.20 25.67 24.24
N ILE A 114 10.09 25.99 24.92
CA ILE A 114 9.01 26.78 24.33
C ILE A 114 8.85 28.00 25.22
N LEU A 115 9.34 29.14 24.77
CA LEU A 115 9.25 30.38 25.52
C LEU A 115 8.08 31.20 24.98
N GLU A 116 7.22 31.66 25.86
CA GLU A 116 6.11 32.53 25.44
C GLU A 116 6.62 33.96 25.52
N VAL A 117 6.82 34.59 24.36
CA VAL A 117 7.53 35.86 24.31
C VAL A 117 6.58 37.04 24.20
N GLY A 118 5.28 36.81 24.13
CA GLY A 118 4.29 37.87 24.13
C GLY A 118 4.06 38.43 22.74
N PRO A 119 3.49 39.63 22.69
CA PRO A 119 3.26 40.28 21.39
C PRO A 119 4.57 40.60 20.68
N VAL A 120 4.52 40.63 19.34
CA VAL A 120 5.70 40.87 18.52
C VAL A 120 5.37 41.97 17.53
N THR A 121 6.39 42.78 17.20
CA THR A 121 6.18 43.88 16.26
C THR A 121 7.44 44.09 15.43
N MET A 122 7.27 44.80 14.32
CA MET A 122 8.41 45.14 13.47
C MET A 122 9.09 46.40 13.99
N ALA A 123 10.41 46.47 13.81
CA ALA A 123 11.18 47.62 14.27
C ALA A 123 12.44 47.81 13.43
N ARG A 135 14.73 46.33 9.38
CA ARG A 135 13.57 45.92 10.16
C ARG A 135 13.65 44.46 10.58
N MET A 136 13.31 44.18 11.82
CA MET A 136 13.35 42.85 12.34
C MET A 136 12.13 42.71 13.20
N ILE A 137 11.84 41.50 13.63
CA ILE A 137 10.75 41.29 14.54
C ILE A 137 11.32 41.41 15.92
N ARG A 138 10.67 42.17 16.75
CA ARG A 138 11.13 42.39 18.11
C ARG A 138 10.09 41.84 19.06
N TYR A 139 10.57 41.22 20.13
CA TYR A 139 9.71 40.70 21.19
C TYR A 139 10.35 40.99 22.54
N ASP A 140 9.51 41.35 23.50
CA ASP A 140 9.98 41.76 24.83
C ASP A 140 10.10 40.53 25.72
N TYR A 141 11.29 39.94 25.72
CA TYR A 141 11.57 38.82 26.61
C TYR A 141 13.09 38.75 26.78
N ALA A 142 13.54 38.76 28.03
CA ALA A 142 14.96 38.76 28.32
C ALA A 142 15.61 37.50 27.76
N THR A 143 16.20 37.60 26.58
CA THR A 143 16.80 36.44 25.94
C THR A 143 18.17 36.15 26.54
N LYS A 144 18.46 34.86 26.67
CA LYS A 144 19.78 34.41 27.01
C LYS A 144 20.55 34.07 25.74
N THR A 145 21.87 34.04 25.86
CA THR A 145 22.70 33.54 24.78
C THR A 145 22.44 32.04 24.57
N GLY A 146 22.94 31.51 23.47
CA GLY A 146 22.74 30.10 23.15
C GLY A 146 21.36 29.74 22.64
N GLN A 147 20.51 30.73 22.35
CA GLN A 147 19.18 30.47 21.80
C GLN A 147 19.09 30.83 20.32
N CYS A 148 20.19 31.23 19.70
CA CYS A 148 20.14 31.66 18.30
C CYS A 148 19.56 30.56 17.41
N GLY A 149 18.80 30.97 16.41
CA GLY A 149 18.11 30.05 15.54
C GLY A 149 16.72 29.67 15.99
N GLY A 150 16.33 30.02 17.21
CA GLY A 150 15.00 29.73 17.71
C GLY A 150 13.92 30.21 16.77
N VAL A 151 12.86 29.41 16.62
CA VAL A 151 11.82 29.66 15.64
C VAL A 151 10.73 30.48 16.30
N LEU A 152 10.47 31.66 15.76
CA LEU A 152 9.41 32.54 16.24
C LEU A 152 8.12 32.19 15.50
N CYS A 153 7.10 31.78 16.25
CA CYS A 153 5.90 31.22 15.66
C CYS A 153 4.69 31.45 16.55
N ALA A 154 3.53 31.11 15.99
CA ALA A 154 2.26 31.03 16.71
C ALA A 154 1.45 29.92 16.04
N THR A 155 0.24 29.64 16.53
CA THR A 155 -0.53 28.54 15.96
C THR A 155 -0.71 28.75 14.46
N GLY A 156 -0.20 27.81 13.67
CA GLY A 156 -0.26 27.88 12.23
C GLY A 156 0.57 28.97 11.58
N LYS A 157 1.51 29.59 12.30
CA LYS A 157 2.27 30.70 11.76
C LYS A 157 3.73 30.60 12.17
N ILE A 158 4.64 30.66 11.20
CA ILE A 158 6.08 30.73 11.45
C ILE A 158 6.54 32.11 11.00
N PHE A 159 7.05 32.91 11.92
CA PHE A 159 7.37 34.30 11.64
C PHE A 159 8.84 34.51 11.34
N GLY A 160 9.73 33.89 12.10
CA GLY A 160 11.13 34.19 11.87
C GLY A 160 12.08 33.32 12.64
N ILE A 161 13.35 33.68 12.55
CA ILE A 161 14.45 32.98 13.22
C ILE A 161 15.15 33.96 14.17
N HIS A 162 15.30 33.58 15.43
CA HIS A 162 15.92 34.46 16.44
C HIS A 162 17.41 34.63 16.19
N VAL A 163 17.87 35.87 16.03
CA VAL A 163 19.26 36.13 15.69
C VAL A 163 19.96 37.06 16.67
N GLY A 164 19.32 37.44 17.76
CA GLY A 164 20.02 38.22 18.76
C GLY A 164 19.08 38.90 19.72
N GLY A 165 19.66 39.79 20.53
CA GLY A 165 18.90 40.55 21.50
C GLY A 165 19.78 41.63 22.08
N ASN A 166 19.15 42.47 22.91
CA ASN A 166 19.83 43.57 23.58
C ASN A 166 19.78 43.42 25.09
N GLY A 167 19.46 42.23 25.60
CA GLY A 167 19.38 42.02 27.02
C GLY A 167 18.00 42.19 27.62
N ARG A 168 17.09 42.89 26.95
CA ARG A 168 15.69 42.92 27.36
C ARG A 168 14.73 42.57 26.25
N GLN A 169 15.15 42.64 25.00
CA GLN A 169 14.35 42.23 23.86
C GLN A 169 15.15 41.24 23.02
N GLY A 170 14.41 40.41 22.31
CA GLY A 170 15.00 39.55 21.31
C GLY A 170 14.58 40.00 19.93
N PHE A 171 15.36 39.61 18.93
CA PHE A 171 15.12 40.02 17.55
C PHE A 171 15.17 38.79 16.66
N SER A 172 14.23 38.73 15.71
CA SER A 172 14.15 37.64 14.74
C SER A 172 14.21 38.21 13.33
N ALA A 173 15.00 37.54 12.49
CA ALA A 173 14.97 37.79 11.06
C ALA A 173 13.70 37.21 10.47
N GLN A 174 13.03 38.00 9.65
CA GLN A 174 11.73 37.63 9.13
C GLN A 174 11.86 36.59 8.02
N LEU A 175 11.01 35.58 8.07
CA LEU A 175 10.92 34.58 7.01
C LEU A 175 9.82 34.97 6.04
N LYS A 176 10.03 34.65 4.75
CA LYS A 176 9.07 34.99 3.71
C LYS A 176 8.90 33.81 2.76
N LYS A 177 7.68 33.68 2.23
CA LYS A 177 7.41 32.59 1.32
C LYS A 177 8.26 32.70 0.05
N GLN A 178 8.63 33.93 -0.36
CA GLN A 178 9.40 34.09 -1.59
C GLN A 178 10.77 33.43 -1.51
N TYR A 179 11.32 33.25 -0.31
CA TYR A 179 12.63 32.67 -0.21
C TYR A 179 12.70 31.21 -0.65
N PHE A 180 11.56 30.52 -0.75
CA PHE A 180 11.57 29.08 -1.05
C PHE A 180 10.57 28.83 -2.16
N VAL A 181 11.07 28.43 -3.34
CA VAL A 181 10.29 28.40 -4.56
C VAL A 181 9.11 27.45 -4.45
N VAL B 7 -13.90 26.36 1.84
CA VAL B 7 -13.48 25.18 2.56
C VAL B 7 -14.53 24.14 2.40
N GLN B 8 -14.15 22.97 1.93
CA GLN B 8 -15.07 21.93 1.74
C GLN B 8 -14.63 20.60 2.34
N LEU B 9 -15.53 19.99 3.08
CA LEU B 9 -15.33 18.72 3.69
C LEU B 9 -16.46 17.83 3.28
N VAL B 10 -16.20 16.93 2.39
CA VAL B 10 -17.21 16.04 1.85
C VAL B 10 -16.96 14.64 2.42
N GLN B 11 -17.95 14.11 3.14
CA GLN B 11 -17.84 12.82 3.81
C GLN B 11 -18.51 11.72 2.98
N SER B 12 -18.14 10.48 3.26
CA SER B 12 -18.76 9.33 2.62
C SER B 12 -20.20 9.14 3.12
N GLY B 13 -20.94 8.26 2.43
CA GLY B 13 -22.38 8.12 2.63
C GLY B 13 -22.80 7.20 3.77
N ALA B 14 -24.12 7.17 3.98
CA ALA B 14 -24.70 6.47 5.13
C ALA B 14 -24.33 4.98 5.15
N GLU B 15 -24.23 4.43 6.35
CA GLU B 15 -23.79 3.07 6.55
C GLU B 15 -24.70 2.35 7.52
N VAL B 16 -24.93 1.06 7.24
CA VAL B 16 -25.68 0.17 8.12
C VAL B 16 -24.78 -1.01 8.46
N LYS B 17 -24.60 -1.28 9.74
CA LYS B 17 -23.64 -2.28 10.20
C LYS B 17 -24.25 -3.14 11.30
N GLN B 18 -23.69 -4.33 11.46
CA GLN B 18 -24.15 -5.20 12.52
C GLN B 18 -23.20 -5.15 13.70
N PRO B 19 -23.66 -5.50 14.90
CA PRO B 19 -22.77 -5.42 16.06
C PRO B 19 -21.55 -6.31 15.89
N GLY B 20 -20.42 -5.83 16.37
CA GLY B 20 -19.17 -6.55 16.27
C GLY B 20 -18.36 -6.25 15.03
N SER B 21 -18.92 -5.60 14.02
CA SER B 21 -18.13 -5.28 12.84
C SER B 21 -17.51 -3.90 13.01
N SER B 22 -17.00 -3.34 11.91
CA SER B 22 -16.32 -2.07 11.94
C SER B 22 -16.83 -1.19 10.80
N VAL B 23 -16.62 0.11 10.94
CA VAL B 23 -17.07 1.08 9.94
C VAL B 23 -15.92 2.05 9.67
N LYS B 24 -15.76 2.40 8.39
CA LYS B 24 -14.78 3.39 7.95
C LYS B 24 -15.52 4.53 7.27
N VAL B 25 -15.27 5.75 7.75
CA VAL B 25 -15.86 6.96 7.18
C VAL B 25 -14.70 7.82 6.67
N SER B 26 -14.88 8.39 5.47
CA SER B 26 -13.88 9.23 4.86
C SER B 26 -14.35 10.68 4.84
N CYS B 27 -13.38 11.58 4.72
CA CYS B 27 -13.61 13.02 4.65
C CYS B 27 -12.61 13.63 3.68
N LYS B 28 -13.12 14.18 2.59
CA LYS B 28 -12.29 14.72 1.52
C LYS B 28 -12.21 16.25 1.60
N THR B 29 -11.01 16.79 1.41
CA THR B 29 -10.81 18.24 1.36
C THR B 29 -9.90 18.60 0.18
N SER B 30 -9.51 19.88 0.07
CA SER B 30 -8.97 20.39 -1.20
C SER B 30 -7.55 19.94 -1.49
N GLY B 31 -6.67 19.90 -0.49
CA GLY B 31 -5.29 19.53 -0.79
C GLY B 31 -4.30 20.54 -0.25
N ASP B 32 -4.58 21.82 -0.49
CA ASP B 32 -3.93 22.86 0.29
C ASP B 32 -4.31 22.71 1.75
N ILE B 33 -5.61 22.50 2.01
CA ILE B 33 -6.10 22.38 3.38
C ILE B 33 -5.60 21.10 4.03
N PHE B 34 -5.61 19.98 3.30
CA PHE B 34 -5.11 18.71 3.83
C PHE B 34 -3.66 18.82 4.29
N SER B 35 -2.83 19.55 3.57
CA SER B 35 -1.43 19.57 3.92
C SER B 35 -1.08 20.63 4.94
N THR B 36 -2.06 21.39 5.45
CA THR B 36 -1.75 22.41 6.45
C THR B 36 -2.59 22.30 7.71
N TYR B 37 -3.80 21.74 7.64
CA TYR B 37 -4.69 21.81 8.79
C TYR B 37 -4.82 20.46 9.50
N GLY B 38 -5.38 20.53 10.71
CA GLY B 38 -5.80 19.36 11.45
C GLY B 38 -7.29 19.10 11.30
N PHE B 39 -7.69 17.88 11.62
CA PHE B 39 -9.07 17.46 11.41
C PHE B 39 -9.49 16.59 12.59
N ASN B 40 -10.73 16.73 13.00
CA ASN B 40 -11.26 16.05 14.16
C ASN B 40 -12.53 15.30 13.77
N TRP B 41 -12.73 14.18 14.46
CA TRP B 41 -13.92 13.38 14.37
C TRP B 41 -14.73 13.58 15.65
N VAL B 42 -15.99 13.94 15.45
CA VAL B 42 -16.98 14.26 16.48
C VAL B 42 -18.25 13.50 16.14
N ARG B 43 -18.86 12.84 17.12
CA ARG B 43 -20.08 12.10 16.79
C ARG B 43 -21.26 12.61 17.60
N GLN B 44 -22.46 12.23 17.16
CA GLN B 44 -23.71 12.67 17.79
C GLN B 44 -24.75 11.57 17.64
N ALA B 45 -25.09 10.91 18.75
CA ALA B 45 -26.16 9.91 18.77
C ALA B 45 -27.54 10.59 18.66
N PRO B 46 -28.58 9.86 18.23
CA PRO B 46 -29.89 10.51 18.00
C PRO B 46 -30.44 11.18 19.24
N GLY B 47 -30.72 12.48 19.13
CA GLY B 47 -31.23 13.23 20.26
C GLY B 47 -30.24 13.53 21.36
N GLN B 48 -28.95 13.28 21.16
CA GLN B 48 -27.99 13.51 22.24
C GLN B 48 -26.97 14.59 21.83
N GLY B 49 -25.94 14.76 22.65
CA GLY B 49 -24.98 15.82 22.47
C GLY B 49 -23.80 15.44 21.58
N LEU B 50 -22.90 16.40 21.39
CA LEU B 50 -21.71 16.21 20.57
C LEU B 50 -20.64 15.51 21.39
N GLU B 51 -19.92 14.58 20.78
CA GLU B 51 -18.92 13.82 21.50
C GLU B 51 -17.63 13.78 20.68
N TRP B 52 -16.56 14.32 21.25
CA TRP B 52 -15.29 14.32 20.54
C TRP B 52 -14.67 12.93 20.53
N MET B 53 -14.19 12.52 19.36
CA MET B 53 -13.62 11.19 19.23
C MET B 53 -12.13 11.21 19.02
N GLY B 54 -11.63 12.15 18.23
CA GLY B 54 -10.21 12.10 17.93
C GLY B 54 -9.86 13.06 16.81
N GLY B 55 -8.58 13.05 16.45
CA GLY B 55 -8.11 13.98 15.44
C GLY B 55 -6.73 13.65 14.92
N ILE B 56 -6.42 14.24 13.76
CA ILE B 56 -5.18 14.01 13.04
C ILE B 56 -4.76 15.31 12.36
N ALA B 57 -3.49 15.66 12.47
CA ALA B 57 -2.91 16.72 11.64
C ALA B 57 -1.89 16.05 10.73
N PRO B 58 -2.25 15.81 9.46
CA PRO B 58 -1.36 15.04 8.58
C PRO B 58 0.01 15.67 8.38
N VAL B 59 0.09 17.00 8.30
CA VAL B 59 1.38 17.64 8.03
C VAL B 59 2.43 17.21 9.07
N PHE B 60 2.02 16.93 10.30
CA PHE B 60 2.96 16.55 11.36
C PHE B 60 2.73 15.14 11.89
N ASP B 61 1.85 14.36 11.26
CA ASP B 61 1.40 13.07 11.80
C ASP B 61 0.95 13.17 13.26
N THR B 62 0.32 14.29 13.62
CA THR B 62 -0.19 14.43 14.98
C THR B 62 -1.47 13.60 15.11
N LEU B 63 -1.51 12.71 16.10
CA LEU B 63 -2.70 11.91 16.37
C LEU B 63 -3.18 12.10 17.80
N LYS B 64 -4.49 12.24 17.97
CA LYS B 64 -5.07 12.30 19.30
C LYS B 64 -6.33 11.46 19.32
N TYR B 65 -6.49 10.68 20.38
CA TYR B 65 -7.63 9.80 20.56
C TYR B 65 -8.26 10.08 21.91
N ALA B 66 -9.59 10.12 21.95
CA ALA B 66 -10.28 10.17 23.23
C ALA B 66 -10.13 8.84 23.94
N GLN B 67 -9.89 8.89 25.25
CA GLN B 67 -9.73 7.70 26.04
C GLN B 67 -10.89 6.73 25.87
N ARG B 68 -12.09 7.26 25.68
CA ARG B 68 -13.29 6.43 25.59
C ARG B 68 -13.23 5.49 24.38
N PHE B 69 -12.50 5.88 23.33
CA PHE B 69 -12.43 5.08 22.12
C PHE B 69 -11.06 4.43 21.92
N GLN B 70 -10.12 4.68 22.84
CA GLN B 70 -8.76 4.18 22.70
C GLN B 70 -8.75 2.66 22.59
N GLY B 71 -8.08 2.15 21.55
CA GLY B 71 -8.03 0.72 21.32
C GLY B 71 -9.01 0.19 20.30
N ARG B 72 -10.05 0.95 19.93
CA ARG B 72 -10.96 0.46 18.91
C ARG B 72 -11.25 1.52 17.87
N LEU B 73 -10.45 2.60 17.84
CA LEU B 73 -10.59 3.66 16.87
C LEU B 73 -9.25 3.87 16.19
N LEU B 74 -9.26 3.95 14.86
CA LEU B 74 -8.07 4.24 14.06
C LEU B 74 -8.38 5.41 13.15
N ILE B 75 -7.61 6.49 13.27
CA ILE B 75 -7.78 7.66 12.42
C ILE B 75 -6.55 7.73 11.51
N THR B 76 -6.79 7.93 10.21
CA THR B 76 -5.71 7.87 9.22
C THR B 76 -5.89 8.98 8.20
N ALA B 77 -4.92 9.09 7.28
CA ALA B 77 -4.90 10.11 6.25
C ALA B 77 -4.27 9.54 4.97
N ASP B 78 -4.75 10.01 3.82
CA ASP B 78 -4.19 9.64 2.53
C ASP B 78 -4.02 10.91 1.71
N GLU B 79 -2.76 11.21 1.33
CA GLU B 79 -2.46 12.45 0.60
C GLU B 79 -2.95 12.38 -0.83
N SER B 80 -2.79 11.22 -1.48
CA SER B 80 -3.28 11.07 -2.84
C SER B 80 -4.79 11.34 -2.93
N ALA B 81 -5.55 10.89 -1.95
CA ALA B 81 -6.99 11.16 -1.96
C ALA B 81 -7.34 12.47 -1.27
N THR B 82 -6.35 13.17 -0.74
CA THR B 82 -6.52 14.35 0.14
C THR B 82 -7.66 14.14 1.13
N SER B 83 -7.61 13.01 1.83
CA SER B 83 -8.71 12.67 2.72
C SER B 83 -8.17 12.18 4.06
N VAL B 84 -8.96 12.37 5.10
CA VAL B 84 -8.73 11.74 6.39
C VAL B 84 -9.87 10.76 6.65
N TYR B 85 -9.63 9.83 7.57
CA TYR B 85 -10.51 8.69 7.77
C TYR B 85 -10.64 8.37 9.25
N MET B 86 -11.80 7.81 9.61
CA MET B 86 -11.95 7.18 10.91
C MET B 86 -12.47 5.78 10.69
N GLU B 87 -11.94 4.84 11.47
CA GLU B 87 -12.40 3.46 11.47
C GLU B 87 -12.69 3.06 12.90
N LEU B 88 -13.94 2.75 13.19
CA LEU B 88 -14.41 2.36 14.51
C LEU B 88 -14.76 0.87 14.48
N SER B 89 -14.23 0.12 15.43
CA SER B 89 -14.40 -1.33 15.42
C SER B 89 -15.24 -1.78 16.61
N SER B 90 -15.54 -3.08 16.60
CA SER B 90 -16.38 -3.69 17.62
C SER B 90 -17.66 -2.89 17.83
N LEU B 91 -18.38 -2.64 16.73
CA LEU B 91 -19.55 -1.78 16.78
C LEU B 91 -20.61 -2.37 17.71
N ARG B 92 -21.17 -1.50 18.53
CA ARG B 92 -22.32 -1.80 19.37
C ARG B 92 -23.45 -0.85 18.96
N SER B 93 -24.66 -1.15 19.42
CA SER B 93 -25.81 -0.37 18.96
C SER B 93 -25.77 1.06 19.49
N ASP B 94 -25.16 1.27 20.64
CA ASP B 94 -24.91 2.64 21.12
C ASP B 94 -23.94 3.41 20.24
N ASP B 95 -23.33 2.81 19.22
CA ASP B 95 -22.49 3.53 18.27
C ASP B 95 -23.31 4.12 17.11
N THR B 96 -24.59 3.80 17.07
CA THR B 96 -25.49 4.45 16.12
C THR B 96 -25.42 5.95 16.35
N ALA B 97 -24.99 6.68 15.32
CA ALA B 97 -24.74 8.11 15.49
C ALA B 97 -24.41 8.71 14.14
N VAL B 98 -24.48 10.05 14.08
CA VAL B 98 -23.93 10.82 12.98
C VAL B 98 -22.47 11.15 13.28
N TYR B 99 -21.58 10.87 12.34
CA TYR B 99 -20.15 11.11 12.48
C TYR B 99 -19.76 12.32 11.65
N TYR B 100 -19.14 13.30 12.29
CA TYR B 100 -18.74 14.56 11.68
C TYR B 100 -17.24 14.65 11.61
N CYS B 101 -16.76 15.06 10.46
CA CYS B 101 -15.40 15.55 10.25
C CYS B 101 -15.41 17.07 10.40
N ALA B 102 -14.42 17.62 11.11
CA ALA B 102 -14.37 19.07 11.29
C ALA B 102 -12.92 19.55 11.28
N ARG B 103 -12.71 20.70 10.68
CA ARG B 103 -11.38 21.28 10.61
C ARG B 103 -11.07 22.03 11.90
N ALA B 104 -9.89 21.77 12.46
CA ALA B 104 -9.36 22.62 13.52
C ALA B 104 -8.81 23.91 12.92
N GLY B 105 -9.05 25.02 13.62
CA GLY B 105 -8.69 26.32 13.07
C GLY B 105 -7.19 26.58 13.06
N GLN B 106 -6.83 27.62 12.27
CA GLN B 106 -5.53 28.27 12.22
C GLN B 106 -4.44 27.48 11.49
N GLY B 107 -4.38 26.17 11.66
CA GLY B 107 -3.42 25.35 10.92
C GLY B 107 -2.39 24.62 11.78
N GLY B 108 -2.00 23.41 11.36
CA GLY B 108 -0.92 22.70 12.01
C GLY B 108 -1.27 21.99 13.31
N VAL B 109 -2.52 22.02 13.76
CA VAL B 109 -2.88 21.47 15.07
C VAL B 109 -4.20 20.70 15.00
N VAL B 110 -4.31 19.71 15.90
CA VAL B 110 -5.56 19.02 16.16
C VAL B 110 -6.39 19.77 17.21
N GLY B 111 -5.76 20.19 18.30
CA GLY B 111 -6.44 20.84 19.41
C GLY B 111 -6.74 22.30 19.21
N ASN B 112 -7.89 22.60 18.66
CA ASN B 112 -8.31 23.99 18.45
C ASN B 112 -9.81 24.00 18.25
N TYR B 113 -10.37 25.21 18.21
CA TYR B 113 -11.76 25.34 17.84
C TYR B 113 -11.98 24.82 16.42
N LEU B 114 -13.20 24.36 16.13
CA LEU B 114 -13.52 23.69 14.87
C LEU B 114 -14.32 24.63 13.98
N ASP B 115 -13.71 25.16 12.92
CA ASP B 115 -14.37 26.22 12.17
C ASP B 115 -15.14 25.74 10.93
N TYR B 116 -14.86 24.57 10.40
CA TYR B 116 -15.64 24.05 9.28
C TYR B 116 -16.00 22.60 9.55
N TRP B 117 -17.23 22.22 9.25
CA TRP B 117 -17.73 20.87 9.51
C TRP B 117 -18.17 20.21 8.21
N GLY B 118 -17.87 18.93 8.05
CA GLY B 118 -18.45 18.17 6.95
C GLY B 118 -19.94 17.95 7.16
N GLN B 119 -20.60 17.36 6.16
CA GLN B 119 -22.04 17.26 6.25
C GLN B 119 -22.51 16.16 7.19
N GLY B 120 -21.61 15.30 7.66
CA GLY B 120 -22.03 14.23 8.57
C GLY B 120 -22.34 12.93 7.83
N THR B 121 -22.09 11.83 8.53
CA THR B 121 -22.35 10.49 7.99
C THR B 121 -23.12 9.70 9.03
N LEU B 122 -24.33 9.27 8.68
CA LEU B 122 -25.11 8.45 9.59
C LEU B 122 -24.60 7.01 9.58
N VAL B 123 -24.27 6.47 10.74
CA VAL B 123 -23.94 5.06 10.89
C VAL B 123 -25.00 4.47 11.79
N THR B 124 -25.71 3.47 11.29
CA THR B 124 -26.76 2.78 12.02
C THR B 124 -26.27 1.38 12.36
N VAL B 125 -26.19 1.06 13.65
CA VAL B 125 -25.82 -0.28 14.09
C VAL B 125 -27.10 -0.95 14.57
N SER B 126 -27.51 -1.99 13.87
CA SER B 126 -28.71 -2.75 14.18
C SER B 126 -28.50 -3.70 15.35
N SER B 127 -29.61 -4.06 15.98
CA SER B 127 -29.69 -5.15 16.97
C SER B 127 -31.11 -5.22 17.54
N ASP C 1 -12.74 11.43 34.11
CA ASP C 1 -12.14 12.42 33.22
C ASP C 1 -12.48 13.85 33.67
N ILE C 2 -12.65 14.73 32.69
CA ILE C 2 -12.92 16.15 32.89
C ILE C 2 -14.38 16.43 32.57
N GLN C 3 -14.97 17.41 33.24
CA GLN C 3 -16.37 17.76 33.04
C GLN C 3 -16.53 19.16 32.48
N MET C 4 -17.35 19.27 31.43
CA MET C 4 -17.85 20.54 30.92
C MET C 4 -19.36 20.49 31.12
N THR C 5 -19.89 21.32 32.01
CA THR C 5 -21.33 21.31 32.30
C THR C 5 -21.97 22.65 31.97
N GLN C 6 -23.15 22.60 31.39
CA GLN C 6 -23.86 23.81 30.99
C GLN C 6 -25.14 23.96 31.80
N SER C 7 -25.57 25.20 31.94
CA SER C 7 -26.76 25.51 32.67
C SER C 7 -27.38 26.73 32.00
N PRO C 8 -28.69 26.71 31.75
CA PRO C 8 -29.56 25.55 31.99
C PRO C 8 -29.32 24.48 30.91
N SER C 9 -30.00 23.33 30.99
CA SER C 9 -29.88 22.37 29.90
C SER C 9 -30.88 22.63 28.79
N SER C 10 -31.95 23.38 29.06
CA SER C 10 -32.91 23.79 28.04
C SER C 10 -33.71 24.97 28.57
N LEU C 11 -34.22 25.79 27.66
CA LEU C 11 -35.08 26.88 28.07
C LEU C 11 -35.97 27.29 26.90
N SER C 12 -37.09 27.90 27.24
CA SER C 12 -38.00 28.50 26.26
C SER C 12 -38.17 29.98 26.59
N ALA C 13 -37.92 30.83 25.62
CA ALA C 13 -38.01 32.26 25.86
C ALA C 13 -38.84 32.90 24.75
N SER C 14 -38.93 34.23 24.78
CA SER C 14 -39.68 34.98 23.79
C SER C 14 -38.73 35.68 22.83
N VAL C 15 -39.24 35.92 21.62
CA VAL C 15 -38.49 36.73 20.64
C VAL C 15 -38.17 38.07 21.31
N GLY C 16 -36.90 38.49 21.20
CA GLY C 16 -36.46 39.71 21.82
C GLY C 16 -35.89 39.55 23.21
N ASP C 17 -36.03 38.37 23.84
CA ASP C 17 -35.51 38.19 25.18
C ASP C 17 -33.99 38.14 25.21
N ARG C 18 -33.41 38.62 26.31
CA ARG C 18 -32.01 38.35 26.59
C ARG C 18 -31.87 36.94 27.15
N VAL C 19 -30.97 36.16 26.57
CA VAL C 19 -30.76 34.77 26.95
C VAL C 19 -29.30 34.60 27.36
N THR C 20 -29.08 33.93 28.49
CA THR C 20 -27.75 33.67 29.03
C THR C 20 -27.57 32.18 29.31
N ILE C 21 -26.47 31.61 28.81
CA ILE C 21 -26.13 30.21 29.01
C ILE C 21 -24.75 30.17 29.63
N THR C 22 -24.57 29.38 30.69
CA THR C 22 -23.27 29.27 31.32
C THR C 22 -22.65 27.90 31.06
N CYS C 23 -21.33 27.87 31.18
CA CYS C 23 -20.51 26.67 31.02
C CYS C 23 -19.48 26.67 32.13
N ARG C 24 -19.33 25.55 32.81
CA ARG C 24 -18.31 25.39 33.83
C ARG C 24 -17.39 24.24 33.44
N ALA C 25 -16.09 24.49 33.52
CA ALA C 25 -15.09 23.46 33.35
C ALA C 25 -14.60 23.01 34.73
N SER C 26 -14.49 21.70 34.92
CA SER C 26 -14.01 21.18 36.21
C SER C 26 -12.57 21.61 36.48
N GLN C 27 -11.76 21.79 35.44
CA GLN C 27 -10.41 22.34 35.53
C GLN C 27 -10.29 23.64 34.74
N GLY C 28 -9.39 24.52 35.18
CA GLY C 28 -9.16 25.77 34.46
C GLY C 28 -8.64 25.52 33.06
N ILE C 29 -9.17 26.25 32.08
CA ILE C 29 -8.82 26.06 30.68
C ILE C 29 -8.41 27.41 30.09
N SER C 30 -8.10 28.37 30.97
CA SER C 30 -7.80 29.73 30.58
C SER C 30 -8.93 30.24 29.67
N ASN C 31 -8.63 30.71 28.45
CA ASN C 31 -9.69 31.14 27.55
C ASN C 31 -9.83 30.26 26.31
N TYR C 32 -9.42 28.99 26.38
CA TYR C 32 -9.53 28.05 25.27
C TYR C 32 -10.93 27.41 25.27
N LEU C 33 -11.93 28.24 24.97
CA LEU C 33 -13.31 27.80 24.98
C LEU C 33 -14.00 28.28 23.71
N ALA C 34 -14.75 27.38 23.06
CA ALA C 34 -15.52 27.72 21.88
C ALA C 34 -17.00 27.44 22.13
N TRP C 35 -17.85 28.24 21.49
CA TRP C 35 -19.29 28.07 21.50
C TRP C 35 -19.76 27.76 20.09
N TYR C 36 -20.60 26.73 19.97
CA TYR C 36 -21.18 26.25 18.73
C TYR C 36 -22.72 26.33 18.79
N GLN C 37 -23.31 26.60 17.64
CA GLN C 37 -24.76 26.61 17.46
C GLN C 37 -25.13 25.50 16.49
N GLN C 38 -26.05 24.63 16.89
CA GLN C 38 -26.57 23.58 16.01
C GLN C 38 -28.09 23.77 15.87
N LYS C 39 -28.48 24.33 14.74
CA LYS C 39 -29.88 24.50 14.41
C LYS C 39 -30.50 23.14 14.08
N PRO C 40 -31.82 22.99 14.27
CA PRO C 40 -32.44 21.66 14.08
C PRO C 40 -32.15 21.12 12.69
N GLY C 41 -31.63 19.89 12.65
CA GLY C 41 -31.26 19.28 11.40
C GLY C 41 -30.06 19.87 10.69
N LYS C 42 -29.26 20.71 11.33
CA LYS C 42 -28.09 21.28 10.67
C LYS C 42 -26.81 20.79 11.34
N VAL C 43 -25.68 21.06 10.70
CA VAL C 43 -24.40 20.67 11.29
C VAL C 43 -24.04 21.76 12.30
N PRO C 44 -23.28 21.45 13.36
CA PRO C 44 -22.86 22.51 14.29
C PRO C 44 -22.07 23.59 13.57
N LYS C 45 -22.09 24.78 14.15
CA LYS C 45 -21.48 25.93 13.53
C LYS C 45 -20.80 26.76 14.61
N LEU C 46 -19.56 27.17 14.34
CA LEU C 46 -18.77 27.92 15.29
C LEU C 46 -19.35 29.31 15.45
N LEU C 47 -19.66 29.68 16.69
CA LEU C 47 -20.10 31.04 17.00
C LEU C 47 -18.98 31.86 17.61
N ILE C 48 -18.28 31.31 18.58
CA ILE C 48 -17.30 32.06 19.34
C ILE C 48 -16.11 31.15 19.63
N TYR C 49 -14.91 31.73 19.60
CA TYR C 49 -13.72 31.04 20.07
C TYR C 49 -12.94 32.00 20.96
N ALA C 50 -11.87 31.47 21.55
CA ALA C 50 -11.09 32.19 22.56
C ALA C 50 -12.01 32.81 23.61
N ALA C 51 -13.13 32.13 23.90
CA ALA C 51 -14.10 32.48 24.94
C ALA C 51 -14.96 33.68 24.60
N SER C 52 -14.41 34.69 23.89
CA SER C 52 -15.18 35.89 23.61
C SER C 52 -15.02 36.45 22.21
N THR C 53 -14.26 35.80 21.33
CA THR C 53 -14.08 36.32 19.98
C THR C 53 -15.16 35.79 19.05
N LEU C 54 -15.90 36.72 18.44
CA LEU C 54 -16.93 36.35 17.48
C LEU C 54 -16.28 35.81 16.21
N GLN C 55 -16.75 34.65 15.77
CA GLN C 55 -16.41 34.21 14.42
C GLN C 55 -16.96 35.23 13.41
N SER C 56 -16.26 35.40 12.30
CA SER C 56 -16.69 36.41 11.34
C SER C 56 -18.03 36.01 10.72
N GLY C 57 -18.91 36.99 10.54
CA GLY C 57 -20.25 36.75 10.07
C GLY C 57 -21.29 36.56 11.16
N VAL C 58 -20.89 36.27 12.38
CA VAL C 58 -21.86 36.00 13.45
C VAL C 58 -22.47 37.32 13.92
N PRO C 59 -23.79 37.41 14.04
CA PRO C 59 -24.41 38.67 14.48
C PRO C 59 -23.88 39.16 15.83
N SER C 60 -23.93 40.47 16.02
CA SER C 60 -23.39 41.08 17.23
C SER C 60 -24.26 40.88 18.47
N ARG C 61 -25.47 40.34 18.31
CA ARG C 61 -26.27 40.02 19.49
C ARG C 61 -25.73 38.83 20.27
N PHE C 62 -24.83 38.04 19.69
CA PHE C 62 -24.13 36.97 20.38
C PHE C 62 -22.84 37.52 20.99
N SER C 63 -22.60 37.20 22.26
CA SER C 63 -21.37 37.60 22.93
C SER C 63 -20.96 36.51 23.92
N GLY C 64 -19.66 36.43 24.16
CA GLY C 64 -19.13 35.48 25.10
C GLY C 64 -18.24 36.16 26.12
N SER C 65 -18.16 35.58 27.30
CA SER C 65 -17.30 36.11 28.34
C SER C 65 -16.79 34.99 29.21
N GLY C 66 -15.73 35.31 29.97
CA GLY C 66 -15.18 34.42 30.97
C GLY C 66 -13.76 33.98 30.67
N SER C 67 -13.12 33.42 31.68
CA SER C 67 -11.77 32.88 31.58
C SER C 67 -11.57 31.94 32.78
N GLY C 68 -10.79 30.90 32.57
CA GLY C 68 -10.53 29.94 33.63
C GLY C 68 -11.50 28.77 33.71
N THR C 69 -12.52 28.88 34.57
CA THR C 69 -13.49 27.81 34.74
C THR C 69 -14.94 28.19 34.42
N ASP C 70 -15.30 29.48 34.38
CA ASP C 70 -16.70 29.92 34.29
C ASP C 70 -16.89 30.79 33.07
N PHE C 71 -17.80 30.38 32.19
CA PHE C 71 -17.99 31.04 30.91
C PHE C 71 -19.46 31.29 30.67
N THR C 72 -19.75 32.32 29.87
CA THR C 72 -21.11 32.72 29.59
C THR C 72 -21.25 33.04 28.11
N LEU C 73 -22.31 32.52 27.49
CA LEU C 73 -22.78 32.91 26.17
C LEU C 73 -24.07 33.71 26.35
N THR C 74 -24.13 34.90 25.75
CA THR C 74 -25.30 35.76 25.81
C THR C 74 -25.82 36.00 24.41
N ILE C 75 -27.15 35.94 24.27
CA ILE C 75 -27.89 36.40 23.10
C ILE C 75 -28.71 37.60 23.56
N SER C 76 -28.36 38.80 23.09
CA SER C 76 -28.95 40.01 23.66
C SER C 76 -30.41 40.20 23.29
N SER C 77 -30.84 39.63 22.16
CA SER C 77 -32.23 39.73 21.71
C SER C 77 -32.55 38.47 20.91
N LEU C 78 -33.25 37.53 21.54
CA LEU C 78 -33.50 36.22 20.93
C LEU C 78 -34.34 36.35 19.68
N GLN C 79 -33.83 35.83 18.58
CA GLN C 79 -34.48 35.86 17.28
C GLN C 79 -34.97 34.47 16.87
N PRO C 80 -36.00 34.39 16.02
CA PRO C 80 -36.52 33.06 15.64
C PRO C 80 -35.46 32.14 15.06
N GLU C 81 -34.53 32.67 14.26
CA GLU C 81 -33.44 31.87 13.69
C GLU C 81 -32.43 31.38 14.73
N ASP C 82 -32.55 31.81 15.99
CA ASP C 82 -31.63 31.39 17.03
C ASP C 82 -32.08 30.11 17.75
N VAL C 83 -33.25 29.56 17.41
CA VAL C 83 -33.67 28.30 18.00
C VAL C 83 -32.65 27.23 17.64
N ALA C 84 -32.06 26.60 18.66
CA ALA C 84 -30.92 25.73 18.37
C ALA C 84 -30.49 25.10 19.69
N THR C 85 -29.55 24.16 19.58
CA THR C 85 -28.79 23.70 20.75
C THR C 85 -27.40 24.35 20.73
N TYR C 86 -26.99 24.92 21.86
CA TYR C 86 -25.68 25.57 21.95
C TYR C 86 -24.72 24.74 22.80
N TYR C 87 -23.51 24.53 22.29
CA TYR C 87 -22.50 23.72 22.98
C TYR C 87 -21.25 24.53 23.28
N CYS C 88 -20.72 24.36 24.48
CA CYS C 88 -19.34 24.79 24.74
C CYS C 88 -18.38 23.62 24.50
N GLN C 89 -17.11 23.97 24.29
CA GLN C 89 -16.06 23.00 24.06
C GLN C 89 -14.73 23.58 24.48
N LYS C 90 -13.96 22.81 25.26
CA LYS C 90 -12.61 23.22 25.62
C LYS C 90 -11.60 22.73 24.58
N TYR C 91 -10.54 23.50 24.40
CA TYR C 91 -9.45 23.04 23.56
C TYR C 91 -8.11 23.50 24.12
N ASN C 92 -8.01 23.59 25.46
CA ASN C 92 -6.72 23.79 26.10
C ASN C 92 -5.76 22.67 25.76
N SER C 93 -6.27 21.45 25.69
CA SER C 93 -5.52 20.26 25.28
C SER C 93 -6.55 19.15 25.08
N ALA C 94 -6.14 18.07 24.42
CA ALA C 94 -7.02 16.92 24.29
C ALA C 94 -7.28 16.34 25.67
N PRO C 95 -8.49 15.82 25.93
CA PRO C 95 -9.63 15.74 25.02
C PRO C 95 -10.34 17.07 24.77
N LEU C 96 -10.87 17.27 23.57
CA LEU C 96 -11.58 18.51 23.22
C LEU C 96 -13.05 18.37 23.61
N THR C 97 -13.29 18.35 24.92
CA THR C 97 -14.58 17.97 25.48
C THR C 97 -15.67 18.99 25.24
N PHE C 98 -16.84 18.50 24.81
CA PHE C 98 -18.05 19.29 24.66
C PHE C 98 -18.87 19.29 25.95
N GLY C 99 -19.47 20.42 26.27
CA GLY C 99 -20.52 20.42 27.28
C GLY C 99 -21.73 19.64 26.79
N GLN C 100 -22.70 19.44 27.69
CA GLN C 100 -23.82 18.59 27.30
C GLN C 100 -24.80 19.30 26.38
N GLY C 101 -24.67 20.60 26.20
CA GLY C 101 -25.54 21.35 25.31
C GLY C 101 -26.70 22.00 26.05
N THR C 102 -27.15 23.15 25.54
CA THR C 102 -28.31 23.86 26.05
C THR C 102 -29.29 24.08 24.90
N LYS C 103 -30.48 23.47 25.00
CA LYS C 103 -31.50 23.61 23.97
C LYS C 103 -32.28 24.89 24.18
N VAL C 104 -32.33 25.75 23.17
CA VAL C 104 -33.02 27.04 23.24
C VAL C 104 -34.18 27.00 22.25
N ASP C 105 -35.39 27.17 22.78
CA ASP C 105 -36.62 27.22 22.02
C ASP C 105 -37.38 28.51 22.28
N ILE C 106 -38.35 28.79 21.40
CA ILE C 106 -39.25 29.93 21.54
C ILE C 106 -40.66 29.40 21.75
N LYS C 107 -41.34 29.89 22.78
CA LYS C 107 -42.74 29.52 22.96
C LYS C 107 -43.57 29.71 21.67
N GLY D 1 15.14 20.06 28.00
CA GLY D 1 15.62 18.80 28.56
C GLY D 1 14.85 17.58 28.07
N SER D 2 15.47 16.40 28.16
CA SER D 2 14.76 15.15 27.92
C SER D 2 15.05 14.12 29.03
N GLY D 3 14.71 12.86 28.81
CA GLY D 3 15.02 11.84 29.77
C GLY D 3 13.98 11.75 30.87
N PRO D 4 14.14 10.76 31.76
CA PRO D 4 13.11 10.55 32.79
C PRO D 4 12.98 11.68 33.79
N ASN D 5 14.03 12.46 34.04
CA ASN D 5 13.92 13.64 34.92
C ASN D 5 12.83 14.58 34.44
N THR D 6 12.82 14.84 33.12
CA THR D 6 11.83 15.70 32.52
C THR D 6 10.43 15.10 32.61
N GLU D 7 10.27 13.80 32.31
CA GLU D 7 8.95 13.18 32.40
C GLU D 7 8.40 13.25 33.82
N PHE D 8 9.25 12.98 34.81
CA PHE D 8 8.83 13.06 36.20
C PHE D 8 8.36 14.48 36.54
N ALA D 9 9.17 15.49 36.16
CA ALA D 9 8.79 16.87 36.43
C ALA D 9 7.47 17.23 35.76
N LEU D 10 7.29 16.84 34.49
CA LEU D 10 6.05 17.18 33.79
C LEU D 10 4.84 16.50 34.42
N SER D 11 4.99 15.24 34.86
CA SER D 11 3.90 14.54 35.51
C SER D 11 3.53 15.18 36.83
N LEU D 12 4.54 15.64 37.59
CA LEU D 12 4.26 16.37 38.82
C LEU D 12 3.52 17.67 38.53
N LEU D 13 3.95 18.39 37.50
CA LEU D 13 3.23 19.59 37.08
C LEU D 13 1.79 19.24 36.75
N ARG D 14 1.59 18.07 36.16
CA ARG D 14 0.25 17.67 35.73
C ARG D 14 -0.66 17.36 36.92
N LYS D 15 -0.12 16.75 37.99
CA LYS D 15 -0.99 16.23 39.05
C LYS D 15 -0.83 16.87 40.42
N ASN D 16 0.33 17.42 40.76
CA ASN D 16 0.61 17.77 42.14
C ASN D 16 1.15 19.18 42.36
N ILE D 17 1.69 19.84 41.34
CA ILE D 17 2.27 21.16 41.49
C ILE D 17 1.27 22.20 41.03
N MET D 18 0.98 23.18 41.89
CA MET D 18 0.03 24.23 41.58
C MET D 18 0.63 25.61 41.87
N THR D 19 -0.09 26.65 41.44
CA THR D 19 0.15 28.00 41.92
C THR D 19 -0.75 28.27 43.12
N ILE D 20 -0.15 28.65 44.25
CA ILE D 20 -0.90 29.05 45.43
C ILE D 20 -0.73 30.55 45.62
N THR D 21 -1.84 31.28 45.61
CA THR D 21 -1.85 32.72 45.78
C THR D 21 -2.29 33.08 47.20
N THR D 22 -1.44 33.81 47.92
CA THR D 22 -1.75 34.40 49.22
C THR D 22 -1.77 35.93 49.10
N SER D 23 -1.90 36.59 50.24
CA SER D 23 -1.80 38.05 50.24
C SER D 23 -0.40 38.52 49.89
N LYS D 24 0.60 37.66 50.02
CA LYS D 24 1.99 37.97 49.70
C LYS D 24 2.39 37.67 48.25
N GLY D 25 1.46 37.23 47.41
CA GLY D 25 1.79 36.97 46.02
C GLY D 25 1.59 35.52 45.58
N GLU D 26 2.20 35.15 44.46
CA GLU D 26 2.07 33.81 43.88
C GLU D 26 3.27 32.96 44.28
N PHE D 27 3.00 31.74 44.72
CA PHE D 27 4.05 30.80 45.10
C PHE D 27 3.76 29.47 44.42
N THR D 28 4.81 28.67 44.26
CA THR D 28 4.61 27.29 43.83
C THR D 28 4.24 26.45 45.04
N GLY D 29 3.24 25.58 44.89
CA GLY D 29 2.80 24.69 45.94
C GLY D 29 2.83 23.23 45.51
N LEU D 30 3.06 22.34 46.47
CA LEU D 30 3.16 20.91 46.18
C LEU D 30 2.13 20.11 46.96
N GLY D 31 1.21 19.46 46.26
CA GLY D 31 0.34 18.50 46.93
C GLY D 31 1.12 17.25 47.30
N ILE D 32 0.97 16.81 48.55
CA ILE D 32 1.71 15.68 49.09
C ILE D 32 0.89 14.40 49.01
N HIS D 33 -0.38 14.50 49.41
CA HIS D 33 -1.36 13.42 49.43
C HIS D 33 -2.68 14.01 49.90
N ASP D 34 -3.77 13.32 49.58
CA ASP D 34 -5.09 13.72 50.03
C ASP D 34 -5.38 15.18 49.70
N ARG D 35 -5.62 15.99 50.73
CA ARG D 35 -5.77 17.42 50.59
C ARG D 35 -4.64 18.17 51.29
N VAL D 36 -3.52 17.51 51.55
CA VAL D 36 -2.38 18.13 52.20
C VAL D 36 -1.43 18.65 51.13
N CYS D 37 -0.99 19.89 51.28
CA CYS D 37 0.04 20.41 50.40
C CYS D 37 1.03 21.22 51.22
N VAL D 38 2.11 21.61 50.55
CA VAL D 38 3.25 22.27 51.14
C VAL D 38 3.50 23.56 50.39
N ILE D 39 3.80 24.62 51.14
CA ILE D 39 4.17 25.97 50.70
C ILE D 39 5.19 26.61 51.63
N PRO D 40 5.98 27.57 51.15
CA PRO D 40 6.89 28.30 52.03
C PRO D 40 6.15 29.08 53.11
N THR D 41 6.69 29.04 54.32
CA THR D 41 6.11 29.80 55.43
C THR D 41 6.05 31.29 55.09
N HIS D 42 7.08 31.78 54.36
CA HIS D 42 7.12 33.17 53.94
C HIS D 42 5.87 33.60 53.18
N ALA D 43 5.14 32.66 52.58
CA ALA D 43 3.94 33.03 51.84
C ALA D 43 2.82 33.50 52.77
N GLN D 44 2.91 33.16 54.06
CA GLN D 44 1.94 33.55 55.07
C GLN D 44 0.50 33.33 54.61
N PRO D 45 0.07 32.07 54.46
CA PRO D 45 -1.31 31.80 54.06
C PRO D 45 -2.30 32.22 55.13
N GLY D 46 -3.42 32.77 54.68
CA GLY D 46 -4.49 33.16 55.58
C GLY D 46 -5.53 32.08 55.77
N ASP D 47 -6.80 32.49 55.86
CA ASP D 47 -7.90 31.54 55.93
C ASP D 47 -8.33 31.02 54.57
N ASP D 48 -8.05 31.79 53.50
CA ASP D 48 -8.35 31.37 52.14
C ASP D 48 -7.09 31.55 51.29
N VAL D 49 -6.94 30.69 50.29
CA VAL D 49 -5.90 30.85 49.28
C VAL D 49 -6.54 30.68 47.91
N LEU D 50 -5.81 31.06 46.86
CA LEU D 50 -6.13 30.66 45.50
C LEU D 50 -5.28 29.45 45.14
N VAL D 51 -5.93 28.43 44.58
CA VAL D 51 -5.29 27.28 43.97
C VAL D 51 -5.53 27.38 42.47
N ASN D 52 -4.47 27.63 41.71
CA ASN D 52 -4.55 27.89 40.27
C ASN D 52 -5.71 28.82 39.91
N GLY D 53 -5.85 29.90 40.69
CA GLY D 53 -6.83 30.94 40.45
C GLY D 53 -8.17 30.74 41.14
N GLN D 54 -8.48 29.54 41.60
CA GLN D 54 -9.76 29.27 42.26
C GLN D 54 -9.64 29.46 43.76
N LYS D 55 -10.62 30.15 44.34
CA LYS D 55 -10.64 30.36 45.78
C LYS D 55 -10.91 29.07 46.53
N ILE D 56 -10.09 28.76 47.53
CA ILE D 56 -10.19 27.54 48.32
C ILE D 56 -10.01 27.89 49.80
N ARG D 57 -10.90 27.37 50.62
CA ARG D 57 -10.83 27.56 52.07
C ARG D 57 -9.74 26.68 52.67
N VAL D 58 -8.99 27.23 53.62
CA VAL D 58 -7.93 26.50 54.30
C VAL D 58 -8.51 25.88 55.55
N LYS D 59 -8.67 24.55 55.54
CA LYS D 59 -9.18 23.88 56.72
C LYS D 59 -8.15 23.86 57.83
N ASP D 60 -6.88 23.75 57.48
CA ASP D 60 -5.87 23.71 58.53
C ASP D 60 -4.55 24.23 57.97
N LYS D 61 -3.74 24.81 58.86
CA LYS D 61 -2.44 25.37 58.49
C LYS D 61 -1.49 25.15 59.64
N TYR D 62 -0.26 24.72 59.34
CA TYR D 62 0.71 24.66 60.43
C TYR D 62 2.13 24.54 59.89
N LYS D 63 3.09 25.09 60.64
CA LYS D 63 4.51 24.99 60.32
C LYS D 63 5.12 23.67 60.80
N LEU D 64 6.22 23.28 60.16
CA LEU D 64 6.89 22.01 60.45
C LEU D 64 8.21 22.19 61.19
N VAL D 65 8.68 21.08 61.76
CA VAL D 65 9.90 21.00 62.58
C VAL D 65 11.02 20.36 61.76
N LEU D 72 11.21 23.71 59.04
CA LEU D 72 12.09 24.85 58.85
C LEU D 72 11.80 25.61 57.58
N GLU D 73 10.97 26.65 57.69
CA GLU D 73 10.51 27.55 56.63
C GLU D 73 9.34 26.99 55.82
N LEU D 74 8.79 25.83 56.18
CA LEU D 74 7.72 25.22 55.41
C LEU D 74 6.42 25.20 56.20
N THR D 75 5.30 25.39 55.50
CA THR D 75 3.95 25.37 56.06
C THR D 75 3.14 24.37 55.26
N VAL D 76 2.42 23.50 55.97
CA VAL D 76 1.54 22.52 55.34
C VAL D 76 0.11 23.01 55.51
N LEU D 77 -0.64 22.94 54.42
CA LEU D 77 -2.05 23.34 54.33
C LEU D 77 -2.95 22.14 54.08
N THR D 78 -4.04 22.08 54.82
CA THR D 78 -5.16 21.23 54.48
C THR D 78 -6.23 22.11 53.85
N LEU D 79 -6.51 21.82 52.59
CA LEU D 79 -7.48 22.52 51.78
C LEU D 79 -8.83 21.90 51.73
N ASP D 80 -9.89 22.69 51.76
CA ASP D 80 -11.23 22.16 51.69
C ASP D 80 -11.47 22.10 50.24
N ARG D 81 -11.02 21.01 49.67
CA ARG D 81 -11.10 20.80 48.26
C ARG D 81 -11.55 19.40 48.09
N ASN D 82 -12.36 19.15 47.09
CA ASN D 82 -12.81 17.79 46.86
C ASN D 82 -11.75 16.88 46.26
N GLU D 83 -11.05 17.45 45.30
CA GLU D 83 -10.00 16.77 44.61
C GLU D 83 -8.92 16.41 45.53
N LYS D 84 -8.38 15.23 45.36
CA LYS D 84 -7.30 14.72 46.17
C LYS D 84 -5.99 14.66 45.39
N PHE D 85 -4.89 14.82 46.09
CA PHE D 85 -3.59 14.79 45.45
C PHE D 85 -3.18 13.35 45.27
N ARG D 86 -2.47 13.08 44.17
CA ARG D 86 -1.80 11.79 44.02
C ARG D 86 -0.76 11.67 45.13
N ASP D 87 -0.72 10.49 45.76
CA ASP D 87 0.18 10.26 46.90
C ASP D 87 1.63 10.12 46.43
N ILE D 88 2.43 11.17 46.65
CA ILE D 88 3.84 11.18 46.25
C ILE D 88 4.78 11.02 47.43
N ARG D 89 4.25 10.65 48.62
CA ARG D 89 5.12 10.49 49.79
C ARG D 89 6.19 9.43 49.57
N GLY D 90 5.89 8.39 48.80
CA GLY D 90 6.90 7.39 48.48
C GLY D 90 8.08 7.93 47.68
N PHE D 91 7.93 9.10 47.07
CA PHE D 91 9.03 9.70 46.32
C PHE D 91 9.88 10.62 47.19
N ILE D 92 9.43 10.99 48.38
CA ILE D 92 10.23 11.88 49.24
C ILE D 92 11.52 11.16 49.59
N SER D 93 12.64 11.79 49.31
CA SER D 93 13.94 11.15 49.52
C SER D 93 14.89 12.14 50.16
N GLU D 94 15.83 11.61 50.95
CA GLU D 94 16.96 12.37 51.45
C GLU D 94 18.28 11.90 50.86
N ASP D 95 18.23 11.13 49.77
CA ASP D 95 19.42 10.61 49.10
C ASP D 95 19.75 11.59 47.98
N LEU D 96 20.35 12.72 48.36
CA LEU D 96 20.46 13.86 47.46
C LEU D 96 21.86 14.19 46.96
N GLU D 97 22.89 13.43 47.31
CA GLU D 97 24.24 13.80 46.88
C GLU D 97 24.70 12.79 45.83
N GLY D 98 25.36 13.31 44.79
CA GLY D 98 25.53 12.61 43.54
C GLY D 98 24.36 12.73 42.58
N VAL D 99 23.48 13.71 42.78
CA VAL D 99 22.23 13.84 42.04
C VAL D 99 22.23 15.16 41.28
N ASP D 100 22.05 15.10 39.96
CA ASP D 100 21.72 16.29 39.18
C ASP D 100 20.22 16.54 39.28
N ALA D 101 19.84 17.61 39.96
CA ALA D 101 18.45 17.89 40.29
C ALA D 101 17.81 18.89 39.32
N THR D 102 16.49 18.83 39.28
CA THR D 102 15.68 19.81 38.59
C THR D 102 14.86 20.57 39.63
N LEU D 103 14.56 21.82 39.31
CA LEU D 103 13.70 22.66 40.12
C LEU D 103 12.48 22.95 39.27
N VAL D 104 11.31 22.53 39.75
CA VAL D 104 10.07 22.62 39.00
C VAL D 104 9.24 23.72 39.64
N VAL D 105 8.98 24.77 38.85
CA VAL D 105 8.31 25.98 39.30
C VAL D 105 7.01 26.14 38.50
N HIS D 106 5.98 26.68 39.18
CA HIS D 106 4.71 26.99 38.55
C HIS D 106 4.08 28.19 39.27
N SER D 107 4.65 29.38 39.04
CA SER D 107 4.16 30.61 39.66
C SER D 107 4.78 31.82 38.95
N ASN D 108 4.09 32.95 39.02
CA ASN D 108 4.55 34.23 38.41
C ASN D 108 4.81 33.97 36.92
N ASN D 109 5.91 34.49 36.38
CA ASN D 109 6.24 34.21 34.99
C ASN D 109 6.77 32.79 34.77
N PHE D 110 7.14 32.08 35.84
CA PHE D 110 7.72 30.74 35.71
C PHE D 110 6.64 29.67 35.83
N THR D 111 5.76 29.66 34.84
CA THR D 111 4.75 28.62 34.73
C THR D 111 5.35 27.44 33.96
N ASN D 112 4.95 26.23 34.36
CA ASN D 112 5.43 24.99 33.74
C ASN D 112 6.94 25.05 33.47
N THR D 113 7.70 25.37 34.51
CA THR D 113 9.12 25.68 34.34
C THR D 113 9.98 24.62 35.01
N ILE D 114 10.90 24.06 34.24
CA ILE D 114 11.77 22.97 34.64
C ILE D 114 13.20 23.45 34.45
N LEU D 115 13.88 23.74 35.54
CA LEU D 115 15.24 24.22 35.57
C LEU D 115 16.18 23.18 36.02
N GLU D 116 17.25 23.01 35.28
CA GLU D 116 18.22 22.04 35.65
C GLU D 116 19.29 22.71 36.45
N VAL D 117 19.34 22.45 37.73
CA VAL D 117 20.24 23.13 38.62
C VAL D 117 21.53 22.48 38.94
N GLY D 118 21.72 21.26 38.52
CA GLY D 118 22.97 20.56 38.70
C GLY D 118 23.03 19.85 40.04
N PRO D 119 24.25 19.52 40.47
CA PRO D 119 24.41 18.83 41.76
C PRO D 119 23.93 19.69 42.93
N VAL D 120 23.49 19.01 43.97
CA VAL D 120 22.93 19.66 45.15
C VAL D 120 23.66 19.09 46.36
N THR D 121 23.80 19.90 47.41
CA THR D 121 24.47 19.45 48.60
C THR D 121 23.81 20.04 49.83
N MET D 122 24.06 19.44 50.99
CA MET D 122 23.53 19.98 52.24
C MET D 122 24.50 21.02 52.79
N ALA D 123 23.97 22.20 53.13
CA ALA D 123 24.81 23.34 53.48
C ALA D 123 24.13 24.27 54.48
N ARG D 135 20.79 24.37 58.07
CA ARG D 135 20.75 23.07 57.39
C ARG D 135 19.80 23.10 56.19
N MET D 136 20.32 23.30 54.98
CA MET D 136 19.48 23.42 53.81
C MET D 136 20.10 22.69 52.63
N ILE D 137 19.33 22.54 51.57
CA ILE D 137 19.86 22.04 50.30
C ILE D 137 20.24 23.22 49.43
N ARG D 138 21.47 23.21 48.93
CA ARG D 138 22.00 24.30 48.12
C ARG D 138 22.36 23.79 46.74
N TYR D 139 22.04 24.60 45.73
CA TYR D 139 22.35 24.29 44.34
C TYR D 139 22.88 25.55 43.68
N ASP D 140 23.93 25.38 42.89
CA ASP D 140 24.61 26.51 42.26
C ASP D 140 23.90 26.80 40.95
N TYR D 141 22.90 27.61 41.04
CA TYR D 141 22.15 27.94 39.91
C TYR D 141 21.67 29.37 40.03
N ALA D 142 21.29 29.98 38.92
CA ALA D 142 20.91 31.39 38.87
C ALA D 142 19.51 31.75 39.35
N THR D 143 19.31 31.78 40.64
CA THR D 143 18.02 32.06 41.20
C THR D 143 17.43 33.48 41.00
N LYS D 144 16.17 33.51 40.65
CA LYS D 144 15.43 34.71 40.40
C LYS D 144 14.33 34.76 41.39
N THR D 145 13.78 35.93 41.58
CA THR D 145 12.67 36.11 42.49
C THR D 145 11.43 35.57 41.82
N GLY D 146 10.43 35.25 42.60
CA GLY D 146 9.20 34.69 42.10
C GLY D 146 9.23 33.19 41.86
N GLN D 147 10.28 32.50 42.33
CA GLN D 147 10.37 31.06 42.19
C GLN D 147 10.13 30.33 43.50
N CYS D 148 9.84 31.05 44.59
CA CYS D 148 9.67 30.43 45.89
C CYS D 148 8.57 29.37 45.81
N GLY D 149 8.77 28.29 46.54
CA GLY D 149 7.89 27.16 46.49
C GLY D 149 8.26 26.08 45.51
N GLY D 150 9.22 26.34 44.61
CA GLY D 150 9.67 25.38 43.62
C GLY D 150 10.10 24.02 44.18
N VAL D 151 9.76 22.95 43.45
CA VAL D 151 9.99 21.59 43.94
C VAL D 151 11.34 21.09 43.45
N LEU D 152 12.22 20.76 44.38
CA LEU D 152 13.53 20.20 44.03
C LEU D 152 13.39 18.69 44.00
N CYS D 153 13.67 18.11 42.82
CA CYS D 153 13.37 16.72 42.59
C CYS D 153 14.35 16.14 41.58
N ALA D 154 14.28 14.82 41.41
CA ALA D 154 14.92 14.08 40.34
C ALA D 154 14.02 12.88 40.05
N THR D 155 14.42 12.03 39.11
CA THR D 155 13.53 10.94 38.71
C THR D 155 13.18 10.07 39.91
N GLY D 156 11.89 9.99 40.22
CA GLY D 156 11.42 9.23 41.36
C GLY D 156 11.79 9.77 42.71
N LYS D 157 12.24 11.01 42.80
CA LYS D 157 12.74 11.56 44.05
C LYS D 157 12.28 13.00 44.20
N ILE D 158 11.68 13.31 45.35
CA ILE D 158 11.35 14.68 45.72
C ILE D 158 12.19 15.02 46.95
N PHE D 159 13.07 16.03 46.82
CA PHE D 159 13.99 16.41 47.89
C PHE D 159 13.51 17.58 48.72
N GLY D 160 12.98 18.63 48.12
CA GLY D 160 12.67 19.76 48.96
C GLY D 160 11.89 20.85 48.26
N ILE D 161 11.71 21.96 48.98
CA ILE D 161 10.98 23.11 48.48
C ILE D 161 11.90 24.32 48.50
N HIS D 162 11.97 25.02 47.36
CA HIS D 162 12.83 26.19 47.21
C HIS D 162 12.28 27.37 48.03
N VAL D 163 13.11 27.95 48.90
CA VAL D 163 12.66 29.03 49.77
C VAL D 163 13.52 30.28 49.66
N GLY D 164 14.51 30.30 48.79
CA GLY D 164 15.26 31.54 48.59
C GLY D 164 16.60 31.29 47.91
N GLY D 165 17.39 32.36 47.89
CA GLY D 165 18.73 32.32 47.32
C GLY D 165 19.50 33.55 47.71
N ASN D 166 20.75 33.57 47.29
CA ASN D 166 21.70 34.62 47.54
C ASN D 166 22.21 35.27 46.31
N GLY D 167 21.52 35.05 45.22
CA GLY D 167 21.86 35.61 43.95
C GLY D 167 22.68 34.74 43.06
N ARG D 168 23.41 33.79 43.59
CA ARG D 168 24.15 32.88 42.76
C ARG D 168 23.80 31.45 43.12
N GLN D 169 23.16 31.24 44.24
CA GLN D 169 22.76 29.94 44.65
C GLN D 169 21.38 29.91 45.19
N GLY D 170 20.76 28.76 45.08
CA GLY D 170 19.44 28.60 45.66
C GLY D 170 19.45 27.62 46.82
N PHE D 171 18.43 27.74 47.67
CA PHE D 171 18.29 26.93 48.86
C PHE D 171 16.87 26.38 48.94
N SER D 172 16.80 25.10 49.29
CA SER D 172 15.56 24.38 49.49
C SER D 172 15.52 23.83 50.90
N ALA D 173 14.38 23.99 51.56
CA ALA D 173 14.11 23.27 52.79
C ALA D 173 13.83 21.80 52.49
N GLN D 174 14.42 20.93 53.31
CA GLN D 174 14.36 19.49 53.10
C GLN D 174 12.99 18.93 53.50
N LEU D 175 12.47 18.06 52.64
CA LEU D 175 11.25 17.30 52.92
C LEU D 175 11.63 15.93 53.44
N LYS D 176 10.81 15.41 54.35
CA LYS D 176 11.04 14.10 54.95
C LYS D 176 9.74 13.35 55.02
N LYS D 177 9.81 12.03 54.85
CA LYS D 177 8.60 11.22 54.92
C LYS D 177 7.94 11.34 56.28
N GLN D 178 8.73 11.60 57.33
CA GLN D 178 8.16 11.64 58.67
C GLN D 178 7.21 12.82 58.88
N TYR D 179 7.31 13.88 58.06
CA TYR D 179 6.41 15.02 58.22
C TYR D 179 4.98 14.68 57.85
N PHE D 180 4.75 13.55 57.19
CA PHE D 180 3.42 13.15 56.75
C PHE D 180 3.25 11.69 57.14
N VAL D 181 2.34 11.42 58.08
CA VAL D 181 2.27 10.12 58.73
C VAL D 181 2.01 9.01 57.73
N GLN E 6 13.09 -8.38 45.42
CA GLN E 6 11.80 -8.73 45.99
C GLN E 6 10.66 -8.21 45.09
N VAL E 7 11.02 -7.71 43.92
CA VAL E 7 10.04 -7.20 42.98
C VAL E 7 9.45 -8.35 42.18
N GLN E 8 8.14 -8.32 41.98
CA GLN E 8 7.48 -9.42 41.29
C GLN E 8 6.44 -8.87 40.32
N LEU E 9 6.47 -9.38 39.10
CA LEU E 9 5.54 -9.00 38.04
C LEU E 9 5.02 -10.33 37.51
N VAL E 10 3.81 -10.70 37.92
CA VAL E 10 3.24 -11.99 37.55
C VAL E 10 2.18 -11.76 36.49
N GLN E 11 2.36 -12.38 35.34
CA GLN E 11 1.46 -12.22 34.19
C GLN E 11 0.47 -13.39 34.10
N SER E 12 -0.65 -13.13 33.44
CA SER E 12 -1.67 -14.16 33.22
C SER E 12 -1.19 -15.17 32.17
N GLY E 13 -1.95 -16.30 32.02
CA GLY E 13 -1.44 -17.43 31.27
C GLY E 13 -1.61 -17.30 29.76
N ALA E 14 -1.07 -18.29 29.04
CA ALA E 14 -1.06 -18.28 27.59
C ALA E 14 -2.48 -18.20 27.01
N GLU E 15 -2.59 -17.59 25.83
CA GLU E 15 -3.88 -17.39 25.16
C GLU E 15 -3.79 -17.84 23.71
N VAL E 16 -4.90 -18.38 23.21
CA VAL E 16 -5.08 -18.75 21.81
C VAL E 16 -6.28 -17.98 21.30
N LYS E 17 -6.08 -17.26 20.23
CA LYS E 17 -7.08 -16.45 19.65
C LYS E 17 -7.18 -16.57 18.13
N GLN E 18 -8.30 -16.16 17.62
CA GLN E 18 -8.55 -16.17 16.21
C GLN E 18 -8.37 -14.81 15.63
N PRO E 19 -8.03 -14.80 14.29
CA PRO E 19 -7.88 -13.45 13.70
C PRO E 19 -9.10 -12.55 13.82
N GLY E 20 -8.93 -11.26 14.07
CA GLY E 20 -10.01 -10.33 14.26
C GLY E 20 -10.52 -10.21 15.68
N SER E 21 -10.13 -11.10 16.59
CA SER E 21 -10.60 -11.00 17.97
C SER E 21 -9.63 -10.12 18.78
N SER E 22 -9.73 -10.17 20.11
CA SER E 22 -8.90 -9.33 20.95
C SER E 22 -8.38 -10.16 22.12
N VAL E 23 -7.30 -9.67 22.73
CA VAL E 23 -6.66 -10.37 23.83
C VAL E 23 -6.30 -9.36 24.93
N LYS E 24 -6.51 -9.75 26.17
CA LYS E 24 -6.14 -8.95 27.33
C LYS E 24 -5.11 -9.72 28.15
N VAL E 25 -3.98 -9.09 28.41
CA VAL E 25 -2.93 -9.66 29.23
C VAL E 25 -2.78 -8.80 30.48
N SER E 26 -2.65 -9.46 31.63
CA SER E 26 -2.51 -8.79 32.91
C SER E 26 -1.11 -8.94 33.49
N CYS E 27 -0.75 -8.00 34.36
CA CYS E 27 0.53 -8.00 35.03
C CYS E 27 0.31 -7.53 36.46
N LYS E 28 0.50 -8.43 37.41
CA LYS E 28 0.20 -8.14 38.80
C LYS E 28 1.47 -7.90 39.60
N THR E 29 1.45 -6.88 40.45
CA THR E 29 2.56 -6.59 41.35
C THR E 29 2.00 -6.23 42.71
N SER E 30 2.90 -5.84 43.61
CA SER E 30 2.53 -5.47 44.97
C SER E 30 1.99 -4.04 45.00
N GLY E 31 1.22 -3.75 46.05
CA GLY E 31 0.60 -2.43 46.17
C GLY E 31 1.61 -1.28 46.22
N ASP E 32 2.71 -1.46 46.96
CA ASP E 32 3.75 -0.44 47.03
C ASP E 32 4.32 -0.10 45.65
N ILE E 33 4.64 -1.13 44.86
CA ILE E 33 5.23 -0.91 43.54
C ILE E 33 4.21 -0.36 42.56
N PHE E 34 2.98 -0.89 42.60
CA PHE E 34 1.92 -0.42 41.71
C PHE E 34 1.71 1.09 41.86
N SER E 35 1.78 1.58 43.08
CA SER E 35 1.43 2.97 43.33
C SER E 35 2.60 3.94 43.15
N THR E 36 3.78 3.47 42.73
CA THR E 36 4.90 4.40 42.56
C THR E 36 5.61 4.29 41.21
N TYR E 37 5.58 3.13 40.54
CA TYR E 37 6.39 2.93 39.35
C TYR E 37 5.56 2.98 38.06
N GLY E 38 6.28 3.09 36.94
CA GLY E 38 5.72 2.89 35.62
C GLY E 38 6.02 1.50 35.08
N PHE E 39 5.24 1.10 34.06
CA PHE E 39 5.27 -0.23 33.46
C PHE E 39 5.11 -0.15 31.95
N ASN E 40 5.80 -1.01 31.24
CA ASN E 40 5.81 -1.02 29.79
C ASN E 40 5.47 -2.41 29.25
N TRP E 41 4.85 -2.42 28.11
CA TRP E 41 4.55 -3.63 27.38
C TRP E 41 5.45 -3.69 26.16
N VAL E 42 6.15 -4.83 26.06
CA VAL E 42 7.15 -5.17 25.04
C VAL E 42 6.77 -6.54 24.50
N ARG E 43 6.75 -6.71 23.20
CA ARG E 43 6.42 -8.04 22.69
C ARG E 43 7.57 -8.58 21.85
N GLN E 44 7.50 -9.88 21.57
CA GLN E 44 8.56 -10.56 20.84
C GLN E 44 7.92 -11.70 20.05
N ALA E 45 7.85 -11.55 18.72
CA ALA E 45 7.37 -12.62 17.85
C ALA E 45 8.43 -13.73 17.74
N PRO E 46 8.03 -14.96 17.39
CA PRO E 46 8.97 -16.09 17.42
C PRO E 46 10.18 -15.88 16.54
N GLY E 47 11.36 -15.99 17.14
CA GLY E 47 12.60 -15.77 16.42
C GLY E 47 12.94 -14.33 16.09
N GLN E 48 12.19 -13.34 16.59
CA GLN E 48 12.49 -11.95 16.25
C GLN E 48 12.89 -11.15 17.50
N GLY E 49 13.03 -9.84 17.32
CA GLY E 49 13.51 -8.97 18.37
C GLY E 49 12.41 -8.40 19.25
N LEU E 50 12.83 -7.64 20.25
CA LEU E 50 11.92 -7.01 21.17
C LEU E 50 11.34 -5.75 20.56
N GLU E 51 10.06 -5.52 20.79
CA GLU E 51 9.37 -4.35 20.25
C GLU E 51 8.56 -3.68 21.36
N TRP E 52 8.85 -2.39 21.60
CA TRP E 52 8.10 -1.65 22.59
C TRP E 52 6.69 -1.35 22.11
N MET E 53 5.73 -1.52 22.99
CA MET E 53 4.34 -1.25 22.62
C MET E 53 3.76 -0.05 23.34
N GLY E 54 4.11 0.15 24.60
CA GLY E 54 3.49 1.25 25.31
C GLY E 54 3.74 1.10 26.79
N GLY E 55 3.17 2.02 27.57
CA GLY E 55 3.44 2.03 29.00
C GLY E 55 2.49 2.92 29.78
N ILE E 56 2.47 2.71 31.09
CA ILE E 56 1.54 3.38 31.99
C ILE E 56 2.22 3.55 33.36
N ALA E 57 2.13 4.75 33.92
CA ALA E 57 2.48 4.99 35.31
C ALA E 57 1.20 5.36 36.07
N PRO E 58 0.60 4.42 36.81
CA PRO E 58 -0.71 4.70 37.43
C PRO E 58 -0.69 5.85 38.38
N VAL E 59 0.39 6.06 39.13
CA VAL E 59 0.42 7.13 40.13
C VAL E 59 0.09 8.48 39.50
N PHE E 60 0.49 8.70 38.24
CA PHE E 60 0.27 9.99 37.56
C PHE E 60 -0.64 9.85 36.36
N ASP E 61 -1.24 8.67 36.14
CA ASP E 61 -2.00 8.37 34.93
C ASP E 61 -1.19 8.66 33.66
N THR E 62 0.10 8.34 33.69
CA THR E 62 0.91 8.55 32.49
C THR E 62 0.67 7.42 31.51
N LEU E 63 0.30 7.77 30.27
CA LEU E 63 0.06 6.80 29.19
C LEU E 63 0.96 7.10 28.00
N LYS E 64 1.57 6.06 27.44
CA LYS E 64 2.38 6.20 26.23
C LYS E 64 2.08 5.05 25.31
N TYR E 65 1.97 5.34 24.00
CA TYR E 65 1.67 4.33 23.00
C TYR E 65 2.65 4.39 21.85
N ALA E 66 3.10 3.22 21.38
CA ALA E 66 3.82 3.22 20.11
C ALA E 66 2.81 3.52 19.00
N GLN E 67 3.23 4.36 18.04
CA GLN E 67 2.35 4.73 16.94
C GLN E 67 1.79 3.51 16.19
N ARG E 68 2.59 2.46 16.04
CA ARG E 68 2.16 1.32 15.24
C ARG E 68 0.94 0.61 15.84
N PHE E 69 0.75 0.69 17.15
CA PHE E 69 -0.34 -0.01 17.80
C PHE E 69 -1.42 0.93 18.35
N GLN E 70 -1.23 2.24 18.21
CA GLN E 70 -2.10 3.20 18.88
C GLN E 70 -3.58 3.05 18.52
N GLY E 71 -3.91 2.61 17.30
CA GLY E 71 -5.32 2.49 16.96
C GLY E 71 -6.01 1.25 17.52
N ARG E 72 -5.27 0.25 17.98
CA ARG E 72 -5.91 -0.98 18.43
C ARG E 72 -5.34 -1.51 19.75
N LEU E 73 -4.68 -0.67 20.53
CA LEU E 73 -4.12 -1.05 21.81
C LEU E 73 -4.69 -0.15 22.90
N LEU E 74 -5.09 -0.76 24.02
CA LEU E 74 -5.54 -0.03 25.21
C LEU E 74 -4.76 -0.52 26.40
N ILE E 75 -4.09 0.39 27.11
CA ILE E 75 -3.34 0.02 28.31
C ILE E 75 -4.05 0.60 29.52
N THR E 76 -4.26 -0.23 30.55
CA THR E 76 -5.04 0.20 31.72
C THR E 76 -4.40 -0.26 33.02
N ALA E 77 -4.98 0.21 34.12
CA ALA E 77 -4.48 -0.07 35.45
C ALA E 77 -5.66 -0.21 36.38
N ASP E 78 -5.54 -1.09 37.36
CA ASP E 78 -6.57 -1.25 38.38
C ASP E 78 -5.92 -1.36 39.75
N GLU E 79 -6.30 -0.43 40.63
CA GLU E 79 -5.70 -0.31 41.95
C GLU E 79 -6.16 -1.44 42.87
N SER E 80 -7.45 -1.79 42.80
CA SER E 80 -7.96 -2.91 43.61
C SER E 80 -7.19 -4.19 43.32
N ALA E 81 -6.83 -4.42 42.06
CA ALA E 81 -6.05 -5.58 41.67
C ALA E 81 -4.54 -5.33 41.69
N THR E 82 -4.11 -4.09 41.97
CA THR E 82 -2.72 -3.63 41.81
C THR E 82 -2.10 -4.24 40.57
N SER E 83 -2.78 -4.06 39.43
CA SER E 83 -2.33 -4.68 38.19
C SER E 83 -2.41 -3.67 37.05
N VAL E 84 -1.57 -3.87 36.04
CA VAL E 84 -1.69 -3.16 34.78
C VAL E 84 -2.05 -4.18 33.71
N TYR E 85 -2.55 -3.65 32.58
CA TYR E 85 -3.17 -4.48 31.57
C TYR E 85 -2.87 -3.94 30.18
N MET E 86 -2.85 -4.85 29.22
CA MET E 86 -2.84 -4.49 27.82
C MET E 86 -3.96 -5.22 27.09
N GLU E 87 -4.62 -4.52 26.20
CA GLU E 87 -5.67 -5.11 25.38
C GLU E 87 -5.36 -4.78 23.93
N LEU E 88 -5.08 -5.82 23.15
CA LEU E 88 -4.77 -5.68 21.72
C LEU E 88 -5.94 -6.27 20.93
N SER E 89 -6.49 -5.48 20.02
CA SER E 89 -7.68 -5.89 19.27
C SER E 89 -7.34 -6.03 17.80
N SER E 90 -8.33 -6.46 17.01
CA SER E 90 -8.14 -6.69 15.58
C SER E 90 -6.90 -7.56 15.34
N LEU E 91 -6.83 -8.67 16.08
CA LEU E 91 -5.67 -9.53 16.05
C LEU E 91 -5.45 -10.10 14.66
N ARG E 92 -4.19 -10.12 14.24
CA ARG E 92 -3.76 -10.80 13.03
C ARG E 92 -2.78 -11.89 13.44
N SER E 93 -2.50 -12.81 12.50
CA SER E 93 -1.63 -13.90 12.88
C SER E 93 -0.21 -13.42 13.16
N ASP E 94 0.20 -12.29 12.58
CA ASP E 94 1.45 -11.61 12.90
C ASP E 94 1.54 -11.12 14.34
N ASP E 95 0.45 -11.15 15.12
CA ASP E 95 0.49 -10.76 16.52
C ASP E 95 0.87 -11.91 17.43
N THR E 96 1.02 -13.11 16.89
CA THR E 96 1.56 -14.24 17.67
C THR E 96 2.92 -13.86 18.25
N ALA E 97 3.03 -13.85 19.57
CA ALA E 97 4.24 -13.37 20.24
C ALA E 97 4.14 -13.65 21.73
N VAL E 98 5.27 -13.53 22.40
CA VAL E 98 5.28 -13.41 23.86
C VAL E 98 5.20 -11.92 24.21
N TYR E 99 4.26 -11.58 25.08
CA TYR E 99 4.05 -10.21 25.52
C TYR E 99 4.57 -10.09 26.95
N TYR E 100 5.46 -9.12 27.16
CA TYR E 100 6.12 -8.89 28.44
C TYR E 100 5.63 -7.59 29.06
N CYS E 101 5.36 -7.68 30.34
CA CYS E 101 5.25 -6.53 31.20
C CYS E 101 6.62 -6.29 31.85
N ALA E 102 7.05 -5.04 31.89
CA ALA E 102 8.33 -4.71 32.50
C ALA E 102 8.25 -3.39 33.26
N ARG E 103 8.90 -3.34 34.41
CA ARG E 103 8.91 -2.14 35.24
C ARG E 103 9.99 -1.17 34.79
N ALA E 104 9.62 0.09 34.64
CA ALA E 104 10.60 1.16 34.46
C ALA E 104 11.27 1.49 35.78
N GLY E 105 12.56 1.76 35.72
CA GLY E 105 13.32 2.02 36.94
C GLY E 105 13.04 3.36 37.61
N GLN E 106 13.50 3.46 38.87
CA GLN E 106 13.58 4.68 39.67
C GLN E 106 12.24 5.18 40.20
N GLY E 107 11.18 5.13 39.39
CA GLY E 107 9.86 5.49 39.89
C GLY E 107 9.23 6.70 39.23
N GLY E 108 7.90 6.70 39.13
CA GLY E 108 7.14 7.85 38.67
C GLY E 108 7.13 8.10 37.18
N VAL E 109 7.78 7.25 36.39
CA VAL E 109 7.96 7.51 34.96
C VAL E 109 7.73 6.22 34.18
N VAL E 110 7.27 6.40 32.94
CA VAL E 110 7.21 5.33 31.95
C VAL E 110 8.52 5.21 31.18
N GLY E 111 9.05 6.34 30.73
CA GLY E 111 10.23 6.35 29.88
C GLY E 111 11.51 6.21 30.67
N ASN E 112 11.98 4.97 30.85
CA ASN E 112 13.23 4.69 31.56
C ASN E 112 13.70 3.29 31.21
N TYR E 113 14.92 2.96 31.65
CA TYR E 113 15.38 1.59 31.50
C TYR E 113 14.45 0.64 32.26
N LEU E 114 14.39 -0.60 31.81
CA LEU E 114 13.44 -1.58 32.34
C LEU E 114 14.21 -2.58 33.20
N ASP E 115 14.06 -2.47 34.53
CA ASP E 115 14.90 -3.28 35.41
C ASP E 115 14.27 -4.58 35.88
N TYR E 116 12.94 -4.72 35.85
CA TYR E 116 12.33 -6.01 36.19
C TYR E 116 11.32 -6.38 35.13
N TRP E 117 11.33 -7.65 34.74
CA TRP E 117 10.46 -8.17 33.70
C TRP E 117 9.58 -9.27 34.28
N GLY E 118 8.33 -9.30 33.86
CA GLY E 118 7.47 -10.43 34.14
C GLY E 118 7.89 -11.63 33.32
N GLN E 119 7.23 -12.76 33.57
CA GLN E 119 7.65 -14.00 32.94
C GLN E 119 7.21 -14.12 31.49
N GLY E 120 6.32 -13.25 31.02
CA GLY E 120 5.84 -13.28 29.64
C GLY E 120 4.57 -14.10 29.49
N THR E 121 3.74 -13.73 28.51
CA THR E 121 2.57 -14.54 28.20
C THR E 121 2.53 -14.76 26.70
N LEU E 122 2.46 -16.03 26.33
CA LEU E 122 2.36 -16.40 24.94
C LEU E 122 0.94 -16.14 24.43
N VAL E 123 0.83 -15.38 23.35
CA VAL E 123 -0.42 -15.22 22.62
C VAL E 123 -0.23 -15.83 21.25
N THR E 124 -1.05 -16.84 20.92
CA THR E 124 -1.00 -17.53 19.63
C THR E 124 -2.26 -17.13 18.86
N VAL E 125 -2.06 -16.55 17.69
CA VAL E 125 -3.14 -16.19 16.78
C VAL E 125 -3.13 -17.17 15.61
N SER E 126 -4.23 -17.88 15.41
CA SER E 126 -4.38 -18.81 14.30
C SER E 126 -4.49 -18.09 12.96
N SER E 127 -4.09 -18.78 11.89
CA SER E 127 -4.29 -18.27 10.52
C SER E 127 -5.78 -17.96 10.22
N ASP F 1 11.91 10.24 13.23
CA ASP F 1 11.96 9.16 14.22
C ASP F 1 13.37 8.59 14.29
N ILE F 2 13.73 8.03 15.44
CA ILE F 2 15.10 7.61 15.66
C ILE F 2 15.24 6.13 15.37
N GLN F 3 16.32 5.76 14.70
CA GLN F 3 16.60 4.37 14.38
C GLN F 3 17.72 3.92 15.30
N MET F 4 17.53 2.75 15.90
CA MET F 4 18.51 2.07 16.73
C MET F 4 18.97 0.86 15.93
N THR F 5 20.22 0.87 15.50
CA THR F 5 20.78 -0.21 14.71
C THR F 5 21.95 -0.79 15.48
N GLN F 6 22.10 -2.11 15.43
CA GLN F 6 23.20 -2.77 16.11
C GLN F 6 24.09 -3.42 15.06
N SER F 7 25.38 -3.60 15.43
CA SER F 7 26.32 -4.23 14.54
C SER F 7 27.35 -4.95 15.39
N PRO F 8 27.68 -6.22 15.06
CA PRO F 8 27.04 -6.99 14.00
C PRO F 8 25.61 -7.45 14.38
N SER F 9 24.88 -8.10 13.48
CA SER F 9 23.60 -8.65 13.90
C SER F 9 23.73 -10.03 14.50
N SER F 10 24.84 -10.73 14.24
CA SER F 10 25.08 -11.99 14.93
C SER F 10 26.55 -12.32 14.79
N LEU F 11 27.07 -13.09 15.76
CA LEU F 11 28.47 -13.53 15.67
C LEU F 11 28.66 -14.81 16.47
N SER F 12 29.70 -15.57 16.09
CA SER F 12 30.11 -16.76 16.81
C SER F 12 31.56 -16.59 17.21
N ALA F 13 31.82 -16.72 18.51
CA ALA F 13 33.17 -16.55 19.04
C ALA F 13 33.47 -17.73 19.96
N SER F 14 34.63 -17.66 20.59
CA SER F 14 35.12 -18.69 21.46
C SER F 14 35.04 -18.22 22.91
N VAL F 15 34.96 -19.19 23.82
CA VAL F 15 35.08 -18.90 25.23
C VAL F 15 36.40 -18.18 25.49
N GLY F 16 36.34 -17.08 26.23
CA GLY F 16 37.53 -16.30 26.48
C GLY F 16 37.77 -15.18 25.50
N ASP F 17 37.03 -15.12 24.40
CA ASP F 17 37.21 -14.02 23.46
C ASP F 17 36.62 -12.72 24.00
N ARG F 18 37.24 -11.62 23.59
CA ARG F 18 36.66 -10.30 23.75
C ARG F 18 35.61 -10.07 22.67
N VAL F 19 34.41 -9.65 23.06
CA VAL F 19 33.32 -9.42 22.12
C VAL F 19 32.85 -7.98 22.28
N THR F 20 32.74 -7.26 21.17
CA THR F 20 32.29 -5.88 21.18
C THR F 20 31.12 -5.75 20.23
N ILE F 21 30.05 -5.15 20.71
CA ILE F 21 28.83 -4.95 19.95
C ILE F 21 28.56 -3.45 19.95
N THR F 22 28.24 -2.89 18.79
CA THR F 22 27.93 -1.48 18.74
C THR F 22 26.44 -1.24 18.53
N CYS F 23 26.01 -0.08 18.99
CA CYS F 23 24.65 0.39 18.87
C CYS F 23 24.77 1.84 18.38
N ARG F 24 24.04 2.16 17.31
CA ARG F 24 23.99 3.49 16.76
C ARG F 24 22.56 4.01 16.82
N ALA F 25 22.42 5.22 17.36
CA ALA F 25 21.17 5.96 17.28
C ALA F 25 21.31 6.99 16.17
N SER F 26 20.31 7.05 15.29
CA SER F 26 20.38 7.99 14.16
C SER F 26 20.36 9.44 14.64
N GLN F 27 19.73 9.71 15.78
CA GLN F 27 19.78 11.02 16.41
C GLN F 27 20.34 10.88 17.83
N GLY F 28 20.97 11.94 18.32
CA GLY F 28 21.56 11.88 19.65
C GLY F 28 20.52 11.63 20.73
N ILE F 29 20.87 10.76 21.68
CA ILE F 29 20.00 10.40 22.80
C ILE F 29 20.73 10.55 24.12
N SER F 30 21.76 11.38 24.15
CA SER F 30 22.61 11.62 25.32
C SER F 30 23.12 10.27 25.84
N ASN F 31 22.98 9.94 27.12
CA ASN F 31 23.34 8.62 27.64
C ASN F 31 22.12 7.82 28.08
N TYR F 32 20.97 8.09 27.47
CA TYR F 32 19.71 7.39 27.80
C TYR F 32 19.64 6.08 27.01
N LEU F 33 20.58 5.21 27.33
CA LEU F 33 20.70 3.96 26.61
C LEU F 33 20.86 2.81 27.59
N ALA F 34 20.16 1.73 27.33
CA ALA F 34 20.26 0.52 28.13
C ALA F 34 20.64 -0.66 27.24
N TRP F 35 21.33 -1.62 27.83
CA TRP F 35 21.66 -2.89 27.22
C TRP F 35 20.99 -4.01 28.03
N TYR F 36 20.35 -4.93 27.29
CA TYR F 36 19.66 -6.11 27.81
C TYR F 36 20.29 -7.37 27.26
N GLN F 37 20.28 -8.41 28.09
CA GLN F 37 20.71 -9.75 27.72
C GLN F 37 19.50 -10.66 27.73
N GLN F 38 19.25 -11.37 26.64
CA GLN F 38 18.20 -12.38 26.61
C GLN F 38 18.83 -13.72 26.22
N LYS F 39 19.02 -14.58 27.20
CA LYS F 39 19.52 -15.91 26.92
C LYS F 39 18.45 -16.72 26.18
N PRO F 40 18.86 -17.72 25.40
CA PRO F 40 17.87 -18.53 24.64
C PRO F 40 16.83 -19.14 25.57
N GLY F 41 15.55 -18.96 25.23
CA GLY F 41 14.43 -19.44 26.04
C GLY F 41 14.22 -18.71 27.35
N LYS F 42 14.84 -17.56 27.57
CA LYS F 42 14.68 -16.84 28.83
C LYS F 42 14.05 -15.46 28.61
N VAL F 43 13.74 -14.82 29.72
CA VAL F 43 13.20 -13.46 29.75
C VAL F 43 14.36 -12.47 29.59
N PRO F 44 14.16 -11.32 28.96
CA PRO F 44 15.24 -10.32 28.89
C PRO F 44 15.65 -9.85 30.29
N LYS F 45 16.89 -9.41 30.42
CA LYS F 45 17.44 -8.99 31.70
C LYS F 45 18.31 -7.76 31.49
N LEU F 46 18.13 -6.75 32.34
CA LEU F 46 18.88 -5.50 32.24
C LEU F 46 20.34 -5.73 32.62
N LEU F 47 21.27 -5.41 31.72
CA LEU F 47 22.70 -5.46 32.02
C LEU F 47 23.25 -4.10 32.37
N ILE F 48 22.96 -3.08 31.55
CA ILE F 48 23.58 -1.76 31.69
C ILE F 48 22.51 -0.70 31.44
N TYR F 49 22.57 0.39 32.20
CA TYR F 49 21.75 1.57 31.91
C TYR F 49 22.63 2.81 31.99
N ALA F 50 22.05 3.95 31.59
CA ALA F 50 22.82 5.19 31.43
C ALA F 50 24.11 4.96 30.63
N ALA F 51 24.05 4.04 29.66
CA ALA F 51 25.12 3.74 28.71
C ALA F 51 26.30 2.97 29.32
N SER F 52 26.65 3.27 30.57
CA SER F 52 27.84 2.66 31.16
C SER F 52 27.69 2.22 32.62
N THR F 53 26.53 2.36 33.24
CA THR F 53 26.34 1.89 34.61
C THR F 53 25.89 0.42 34.61
N LEU F 54 26.67 -0.44 35.26
CA LEU F 54 26.29 -1.83 35.42
C LEU F 54 25.15 -1.95 36.42
N GLN F 55 24.10 -2.69 36.03
CA GLN F 55 23.13 -3.10 37.02
C GLN F 55 23.83 -3.95 38.09
N SER F 56 23.40 -3.84 39.34
CA SER F 56 24.08 -4.57 40.40
C SER F 56 23.88 -6.07 40.22
N GLY F 57 24.93 -6.82 40.53
CA GLY F 57 24.96 -8.25 40.30
C GLY F 57 25.56 -8.66 38.97
N VAL F 58 25.66 -7.76 38.01
CA VAL F 58 26.15 -8.12 36.68
C VAL F 58 27.67 -8.31 36.75
N PRO F 59 28.22 -9.41 36.21
CA PRO F 59 29.68 -9.61 36.26
C PRO F 59 30.41 -8.46 35.60
N SER F 60 31.62 -8.19 36.11
CA SER F 60 32.41 -7.05 35.64
C SER F 60 33.05 -7.24 34.28
N ARG F 61 32.98 -8.43 33.69
CA ARG F 61 33.46 -8.56 32.32
C ARG F 61 32.58 -7.80 31.32
N PHE F 62 31.39 -7.37 31.73
CA PHE F 62 30.52 -6.53 30.92
C PHE F 62 30.82 -5.06 31.18
N SER F 63 30.91 -4.29 30.10
CA SER F 63 31.08 -2.85 30.26
C SER F 63 30.41 -2.16 29.09
N GLY F 64 29.96 -0.94 29.32
CA GLY F 64 29.36 -0.15 28.27
C GLY F 64 30.02 1.22 28.21
N SER F 65 30.02 1.78 27.02
CA SER F 65 30.56 3.12 26.81
C SER F 65 29.80 3.77 25.68
N GLY F 66 29.99 5.08 25.53
CA GLY F 66 29.43 5.82 24.42
C GLY F 66 28.48 6.92 24.89
N SER F 67 28.18 7.78 23.94
CA SER F 67 27.28 8.89 24.28
C SER F 67 26.79 9.55 23.01
N GLY F 68 25.57 10.06 23.07
CA GLY F 68 25.08 10.75 21.90
C GLY F 68 24.43 9.82 20.90
N THR F 69 25.21 9.40 19.90
CA THR F 69 24.72 8.49 18.86
C THR F 69 25.43 7.15 18.80
N ASP F 70 26.60 6.98 19.43
CA ASP F 70 27.41 5.78 19.26
C ASP F 70 27.72 5.16 20.61
N PHE F 71 27.37 3.89 20.76
CA PHE F 71 27.50 3.16 22.01
C PHE F 71 28.13 1.81 21.75
N THR F 72 28.81 1.29 22.76
CA THR F 72 29.50 0.01 22.65
C THR F 72 29.25 -0.80 23.91
N LEU F 73 28.90 -2.06 23.73
CA LEU F 73 28.89 -3.05 24.79
C LEU F 73 30.09 -3.96 24.59
N THR F 74 30.89 -4.13 25.63
CA THR F 74 32.03 -5.01 25.57
C THR F 74 31.86 -6.12 26.59
N ILE F 75 32.19 -7.33 26.16
CA ILE F 75 32.39 -8.48 27.03
C ILE F 75 33.87 -8.82 26.95
N SER F 76 34.61 -8.54 28.02
CA SER F 76 36.07 -8.69 27.95
C SER F 76 36.50 -10.17 27.85
N SER F 77 35.67 -11.12 28.30
CA SER F 77 36.03 -12.54 28.24
C SER F 77 34.75 -13.39 28.16
N LEU F 78 34.40 -13.83 26.95
CA LEU F 78 33.14 -14.54 26.72
C LEU F 78 33.08 -15.85 27.48
N GLN F 79 32.06 -16.00 28.33
CA GLN F 79 31.86 -17.19 29.15
C GLN F 79 30.68 -18.02 28.63
N PRO F 80 30.65 -19.32 28.89
CA PRO F 80 29.56 -20.16 28.30
C PRO F 80 28.17 -19.65 28.61
N GLU F 81 27.96 -19.12 29.82
CA GLU F 81 26.65 -18.58 30.19
C GLU F 81 26.29 -17.30 29.45
N ASP F 82 27.21 -16.70 28.68
CA ASP F 82 26.93 -15.43 28.00
C ASP F 82 26.31 -15.59 26.62
N VAL F 83 26.09 -16.83 26.16
CA VAL F 83 25.40 -17.05 24.90
C VAL F 83 24.02 -16.42 25.01
N ALA F 84 23.69 -15.50 24.09
CA ALA F 84 22.48 -14.69 24.28
C ALA F 84 22.28 -13.76 23.10
N THR F 85 21.11 -13.15 23.04
CA THR F 85 20.89 -12.00 22.16
C THR F 85 20.94 -10.74 23.01
N TYR F 86 21.72 -9.76 22.58
CA TYR F 86 21.91 -8.52 23.32
C TYR F 86 21.16 -7.41 22.60
N TYR F 87 20.39 -6.63 23.35
CA TYR F 87 19.58 -5.56 22.79
C TYR F 87 20.00 -4.23 23.41
N CYS F 88 20.16 -3.21 22.59
CA CYS F 88 20.19 -1.85 23.12
C CYS F 88 18.79 -1.25 23.04
N GLN F 89 18.57 -0.21 23.82
CA GLN F 89 17.27 0.46 23.89
C GLN F 89 17.44 1.90 24.35
N LYS F 90 16.82 2.83 23.65
CA LYS F 90 16.80 4.23 24.04
C LYS F 90 15.65 4.53 25.01
N TYR F 91 15.85 5.53 25.86
CA TYR F 91 14.76 6.03 26.68
C TYR F 91 14.91 7.54 26.94
N ASN F 92 15.49 8.26 25.98
CA ASN F 92 15.44 9.72 26.03
C ASN F 92 14.00 10.20 26.05
N SER F 93 13.12 9.48 25.37
CA SER F 93 11.72 9.79 25.30
C SER F 93 11.03 8.59 24.67
N ALA F 94 9.71 8.51 24.85
CA ALA F 94 8.96 7.54 24.09
C ALA F 94 9.08 7.91 22.61
N PRO F 95 9.10 6.92 21.69
CA PRO F 95 9.07 5.48 21.97
C PRO F 95 10.38 4.91 22.53
N LEU F 96 10.30 3.89 23.39
CA LEU F 96 11.49 3.26 23.98
C LEU F 96 12.02 2.19 23.02
N THR F 97 12.56 2.68 21.90
CA THR F 97 12.90 1.81 20.76
C THR F 97 14.09 0.90 21.06
N PHE F 98 13.91 -0.40 20.78
CA PHE F 98 15.00 -1.38 20.88
C PHE F 98 15.73 -1.47 19.56
N GLY F 99 17.05 -1.66 19.63
CA GLY F 99 17.79 -2.11 18.46
C GLY F 99 17.33 -3.50 18.05
N GLN F 100 17.82 -3.95 16.88
CA GLN F 100 17.31 -5.23 16.37
C GLN F 100 17.93 -6.44 17.07
N GLY F 101 18.93 -6.25 17.90
CA GLY F 101 19.53 -7.35 18.63
C GLY F 101 20.76 -7.89 17.94
N THR F 102 21.71 -8.36 18.75
CA THR F 102 22.92 -9.01 18.26
C THR F 102 23.00 -10.39 18.91
N LYS F 103 22.90 -11.44 18.10
CA LYS F 103 22.95 -12.80 18.63
C LYS F 103 24.40 -13.23 18.77
N VAL F 104 24.77 -13.69 19.96
CA VAL F 104 26.11 -14.18 20.27
C VAL F 104 26.01 -15.66 20.60
N ASP F 105 26.73 -16.47 19.82
CA ASP F 105 26.86 -17.92 19.97
C ASP F 105 28.32 -18.28 20.18
N ILE F 106 28.54 -19.52 20.64
CA ILE F 106 29.88 -20.06 20.84
C ILE F 106 30.08 -21.21 19.85
N LYS F 107 31.18 -21.19 19.11
CA LYS F 107 31.55 -22.33 18.26
C LYS F 107 33.01 -22.76 18.42
N GLY G 1 -14.01 -19.00 -33.51
CA GLY G 1 -12.69 -19.06 -32.95
C GLY G 1 -12.08 -17.69 -32.79
N SER G 2 -12.90 -16.64 -32.80
CA SER G 2 -12.42 -15.29 -32.48
C SER G 2 -13.59 -14.46 -31.94
N GLY G 3 -13.33 -13.17 -31.72
CA GLY G 3 -14.36 -12.27 -31.27
C GLY G 3 -14.54 -12.30 -29.75
N PRO G 4 -15.38 -11.42 -29.24
CA PRO G 4 -15.52 -11.33 -27.78
C PRO G 4 -16.11 -12.57 -27.13
N ASN G 5 -16.94 -13.35 -27.83
CA ASN G 5 -17.43 -14.61 -27.27
C ASN G 5 -16.27 -15.52 -26.89
N THR G 6 -15.30 -15.63 -27.79
CA THR G 6 -14.13 -16.47 -27.54
C THR G 6 -13.33 -15.96 -26.37
N GLU G 7 -13.13 -14.64 -26.29
CA GLU G 7 -12.39 -14.11 -25.15
C GLU G 7 -13.12 -14.41 -23.84
N PHE G 8 -14.43 -14.21 -23.81
CA PHE G 8 -15.20 -14.47 -22.61
C PHE G 8 -15.08 -15.92 -22.18
N ALA G 9 -15.23 -16.83 -23.15
CA ALA G 9 -15.05 -18.24 -22.86
C ALA G 9 -13.65 -18.53 -22.31
N LEU G 10 -12.62 -17.95 -22.91
CA LEU G 10 -11.25 -18.20 -22.47
C LEU G 10 -11.02 -17.65 -21.06
N SER G 11 -11.60 -16.50 -20.76
CA SER G 11 -11.47 -15.93 -19.42
C SER G 11 -12.19 -16.79 -18.40
N LEU G 12 -13.37 -17.32 -18.76
CA LEU G 12 -14.07 -18.26 -17.87
C LEU G 12 -13.24 -19.51 -17.62
N LEU G 13 -12.64 -20.08 -18.67
CA LEU G 13 -11.72 -21.20 -18.51
C LEU G 13 -10.57 -20.83 -17.60
N ARG G 14 -10.12 -19.59 -17.67
CA ARG G 14 -8.97 -19.16 -16.88
C ARG G 14 -9.34 -19.05 -15.40
N LYS G 15 -10.55 -18.57 -15.08
CA LYS G 15 -10.84 -18.17 -13.71
C LYS G 15 -11.93 -18.99 -12.99
N ASN G 16 -12.89 -19.58 -13.69
CA ASN G 16 -14.10 -20.09 -13.04
C ASN G 16 -14.51 -21.50 -13.44
N ILE G 17 -14.02 -22.04 -14.55
CA ILE G 17 -14.42 -23.36 -15.02
C ILE G 17 -13.34 -24.38 -14.68
N MET G 18 -13.72 -25.46 -14.00
CA MET G 18 -12.77 -26.50 -13.58
C MET G 18 -13.26 -27.88 -14.02
N THR G 19 -12.38 -28.86 -13.87
CA THR G 19 -12.77 -30.26 -13.90
C THR G 19 -13.07 -30.73 -12.48
N ILE G 20 -14.26 -31.27 -12.28
CA ILE G 20 -14.68 -31.87 -11.02
C ILE G 20 -14.78 -33.38 -11.24
N THR G 21 -13.98 -34.15 -10.51
CA THR G 21 -14.03 -35.61 -10.60
C THR G 21 -14.77 -36.15 -9.38
N THR G 22 -15.84 -36.90 -9.63
CA THR G 22 -16.53 -37.64 -8.59
C THR G 22 -16.32 -39.11 -8.85
N SER G 23 -16.99 -39.96 -8.05
CA SER G 23 -16.93 -41.40 -8.29
C SER G 23 -17.58 -41.79 -9.61
N LYS G 24 -18.43 -40.93 -10.19
CA LYS G 24 -19.02 -41.18 -11.49
C LYS G 24 -18.18 -40.65 -12.64
N GLY G 25 -17.02 -40.06 -12.37
CA GLY G 25 -16.19 -39.60 -13.47
C GLY G 25 -15.93 -38.12 -13.49
N GLU G 26 -15.46 -37.61 -14.63
CA GLU G 26 -15.04 -36.22 -14.79
C GLU G 26 -16.17 -35.39 -15.38
N PHE G 27 -16.44 -34.24 -14.75
CA PHE G 27 -17.47 -33.33 -15.21
C PHE G 27 -16.89 -31.93 -15.24
N THR G 28 -17.49 -31.08 -16.06
CA THR G 28 -17.16 -29.67 -16.00
C THR G 28 -17.94 -29.01 -14.88
N GLY G 29 -17.26 -28.16 -14.12
CA GLY G 29 -17.90 -27.44 -13.04
C GLY G 29 -17.67 -25.94 -13.19
N LEU G 30 -18.64 -25.17 -12.70
CA LEU G 30 -18.59 -23.72 -12.84
C LEU G 30 -18.58 -23.08 -11.45
N GLY G 31 -17.49 -22.39 -11.12
CA GLY G 31 -17.47 -21.58 -9.92
C GLY G 31 -18.35 -20.34 -10.10
N ILE G 32 -19.20 -20.05 -9.12
CA ILE G 32 -20.15 -18.96 -9.19
C ILE G 32 -19.64 -17.72 -8.48
N HIS G 33 -19.13 -17.89 -7.27
CA HIS G 33 -18.58 -16.84 -6.42
C HIS G 33 -18.06 -17.53 -5.17
N ASP G 34 -17.16 -16.85 -4.47
CA ASP G 34 -16.63 -17.34 -3.21
C ASP G 34 -16.10 -18.76 -3.40
N ARG G 35 -16.63 -19.70 -2.62
CA ARG G 35 -16.31 -21.11 -2.77
C ARG G 35 -17.52 -21.92 -3.22
N VAL G 36 -18.50 -21.25 -3.82
CA VAL G 36 -19.68 -21.91 -4.36
C VAL G 36 -19.43 -22.24 -5.83
N CYS G 37 -19.75 -23.47 -6.23
CA CYS G 37 -19.75 -23.85 -7.63
C CYS G 37 -20.94 -24.75 -7.91
N VAL G 38 -21.16 -25.04 -9.19
CA VAL G 38 -22.28 -25.84 -9.66
C VAL G 38 -21.76 -26.96 -10.54
N ILE G 39 -22.37 -28.14 -10.39
CA ILE G 39 -22.15 -29.30 -11.25
C ILE G 39 -23.48 -30.01 -11.46
N PRO G 40 -23.61 -30.78 -12.53
CA PRO G 40 -24.84 -31.57 -12.71
C PRO G 40 -25.08 -32.52 -11.54
N THR G 41 -26.33 -32.67 -11.18
CA THR G 41 -26.77 -33.51 -10.11
C THR G 41 -26.36 -34.95 -10.38
N HIS G 42 -26.40 -35.32 -11.64
CA HIS G 42 -26.05 -36.62 -12.12
C HIS G 42 -24.63 -37.01 -11.75
N ALA G 43 -23.77 -36.06 -11.52
CA ALA G 43 -22.41 -36.33 -11.11
C ALA G 43 -22.33 -36.96 -9.72
N GLN G 44 -23.32 -36.76 -8.90
CA GLN G 44 -23.35 -37.37 -7.59
C GLN G 44 -22.15 -37.19 -6.68
N PRO G 45 -21.87 -35.87 -6.42
CA PRO G 45 -20.72 -35.66 -5.55
C PRO G 45 -20.80 -36.22 -4.13
N GLY G 46 -19.68 -36.70 -3.70
CA GLY G 46 -19.50 -37.28 -2.38
C GLY G 46 -19.03 -36.27 -1.36
N ASP G 47 -18.41 -36.71 -0.28
CA ASP G 47 -17.86 -35.77 0.69
C ASP G 47 -16.59 -35.11 0.18
N ASP G 48 -15.91 -35.74 -0.77
CA ASP G 48 -14.72 -35.21 -1.40
C ASP G 48 -14.87 -35.26 -2.91
N VAL G 49 -14.31 -34.27 -3.59
CA VAL G 49 -14.22 -34.28 -5.05
C VAL G 49 -12.79 -33.94 -5.44
N LEU G 50 -12.47 -34.17 -6.70
CA LEU G 50 -11.26 -33.60 -7.27
C LEU G 50 -11.64 -32.31 -7.99
N VAL G 51 -10.87 -31.26 -7.75
CA VAL G 51 -10.91 -30.01 -8.51
C VAL G 51 -9.61 -29.93 -9.27
N ASN G 52 -9.68 -30.08 -10.59
CA ASN G 52 -8.52 -30.19 -11.46
C ASN G 52 -7.43 -31.07 -10.86
N GLY G 53 -7.85 -32.22 -10.33
CA GLY G 53 -6.94 -33.21 -9.81
C GLY G 53 -6.62 -33.10 -8.32
N GLN G 54 -6.90 -31.96 -7.69
CA GLN G 54 -6.60 -31.79 -6.27
C GLN G 54 -7.80 -32.25 -5.47
N LYS G 55 -7.55 -33.09 -4.45
CA LYS G 55 -8.64 -33.53 -3.60
C LYS G 55 -9.09 -32.38 -2.71
N ILE G 56 -10.40 -32.11 -2.70
CA ILE G 56 -10.98 -31.00 -1.99
C ILE G 56 -12.20 -31.52 -1.24
N ARG G 57 -12.31 -31.15 0.03
CA ARG G 57 -13.44 -31.52 0.86
C ARG G 57 -14.66 -30.68 0.49
N VAL G 58 -15.81 -31.33 0.46
CA VAL G 58 -17.08 -30.66 0.16
C VAL G 58 -17.67 -30.18 1.47
N LYS G 59 -17.66 -28.86 1.69
CA LYS G 59 -18.24 -28.31 2.90
C LYS G 59 -19.76 -28.39 2.87
N ASP G 60 -20.38 -28.23 1.71
CA ASP G 60 -21.83 -28.33 1.66
C ASP G 60 -22.30 -28.71 0.26
N LYS G 61 -23.47 -29.36 0.20
CA LYS G 61 -24.04 -29.84 -1.04
C LYS G 61 -25.57 -29.74 -0.98
N TYR G 62 -26.20 -29.34 -2.08
CA TYR G 62 -27.66 -29.39 -2.17
C TYR G 62 -28.10 -29.25 -3.64
N LYS G 63 -29.24 -29.85 -3.95
CA LYS G 63 -29.88 -29.63 -5.24
C LYS G 63 -30.65 -28.31 -5.21
N LEU G 64 -30.95 -27.78 -6.39
CA LEU G 64 -31.57 -26.47 -6.50
C LEU G 64 -33.06 -26.54 -6.87
N VAL G 65 -33.71 -25.39 -6.70
CA VAL G 65 -35.14 -25.17 -6.95
C VAL G 65 -35.44 -25.25 -8.45
N LEU G 72 -33.42 -28.08 -11.32
CA LEU G 72 -33.61 -29.44 -11.80
C LEU G 72 -32.34 -30.30 -11.57
N GLU G 73 -31.56 -30.47 -12.62
CA GLU G 73 -30.37 -31.31 -12.65
C GLU G 73 -29.11 -30.63 -12.08
N LEU G 74 -29.20 -29.55 -11.31
CA LEU G 74 -27.99 -28.89 -10.81
C LEU G 74 -27.84 -29.05 -9.32
N THR G 75 -26.57 -29.17 -8.91
CA THR G 75 -26.19 -29.27 -7.52
C THR G 75 -25.11 -28.24 -7.20
N VAL G 76 -25.26 -27.60 -6.03
CA VAL G 76 -24.34 -26.57 -5.57
C VAL G 76 -23.39 -27.17 -4.54
N LEU G 77 -22.09 -26.95 -4.73
CA LEU G 77 -21.06 -27.38 -3.81
C LEU G 77 -20.39 -26.16 -3.19
N THR G 78 -20.26 -26.16 -1.87
CA THR G 78 -19.36 -25.27 -1.16
C THR G 78 -18.13 -26.10 -0.82
N LEU G 79 -16.99 -25.69 -1.39
CA LEU G 79 -15.74 -26.45 -1.28
C LEU G 79 -14.87 -25.93 -0.15
N ASP G 80 -14.11 -26.85 0.45
CA ASP G 80 -13.15 -26.47 1.48
C ASP G 80 -11.82 -26.19 0.78
N ARG G 81 -11.72 -24.97 0.27
CA ARG G 81 -10.58 -24.51 -0.50
C ARG G 81 -10.33 -23.06 -0.09
N ASN G 82 -9.07 -22.65 -0.11
CA ASN G 82 -8.78 -21.26 0.23
C ASN G 82 -9.14 -20.33 -0.91
N GLU G 83 -8.62 -20.63 -2.12
CA GLU G 83 -8.88 -19.82 -3.31
C GLU G 83 -10.38 -19.62 -3.54
N LYS G 84 -10.76 -18.38 -3.87
CA LYS G 84 -12.13 -18.00 -4.18
C LYS G 84 -12.34 -17.85 -5.69
N PHE G 85 -13.59 -18.00 -6.10
CA PHE G 85 -13.97 -17.83 -7.50
C PHE G 85 -14.27 -16.37 -7.75
N ARG G 86 -13.96 -15.91 -8.95
CA ARG G 86 -14.42 -14.60 -9.38
C ARG G 86 -15.94 -14.58 -9.41
N ASP G 87 -16.53 -13.51 -8.86
CA ASP G 87 -17.98 -13.38 -8.78
C ASP G 87 -18.53 -13.10 -10.17
N ILE G 88 -19.12 -14.12 -10.80
CA ILE G 88 -19.69 -13.99 -12.13
C ILE G 88 -21.21 -13.93 -12.09
N ARG G 89 -21.79 -13.75 -10.90
CA ARG G 89 -23.23 -13.77 -10.76
C ARG G 89 -23.90 -12.71 -11.61
N GLY G 90 -23.25 -11.56 -11.79
CA GLY G 90 -23.80 -10.52 -12.66
C GLY G 90 -23.94 -10.93 -14.12
N PHE G 91 -23.27 -12.02 -14.53
CA PHE G 91 -23.36 -12.48 -15.90
C PHE G 91 -24.51 -13.43 -16.14
N ILE G 92 -25.11 -13.98 -15.09
CA ILE G 92 -26.22 -14.92 -15.27
C ILE G 92 -27.37 -14.16 -15.93
N SER G 93 -27.83 -14.68 -17.06
CA SER G 93 -28.86 -14.02 -17.85
C SER G 93 -29.88 -15.04 -18.33
N GLU G 94 -31.10 -14.61 -18.50
CA GLU G 94 -32.15 -15.41 -19.05
C GLU G 94 -32.51 -14.84 -20.40
N ASP G 95 -31.78 -13.89 -20.93
CA ASP G 95 -32.08 -13.33 -22.24
C ASP G 95 -31.35 -14.05 -23.31
N LEU G 96 -31.98 -15.08 -23.84
CA LEU G 96 -31.36 -15.88 -24.86
C LEU G 96 -31.81 -15.94 -26.29
N GLU G 97 -32.59 -14.99 -26.77
CA GLU G 97 -32.95 -14.99 -28.16
C GLU G 97 -32.21 -13.87 -28.88
N GLY G 98 -31.72 -14.17 -30.07
CA GLY G 98 -30.86 -13.31 -30.84
C GLY G 98 -29.43 -13.71 -30.50
N VAL G 99 -29.23 -14.84 -29.83
CA VAL G 99 -27.90 -15.24 -29.39
C VAL G 99 -27.26 -16.49 -29.93
N ASP G 100 -26.08 -16.34 -30.48
CA ASP G 100 -25.33 -17.44 -30.95
C ASP G 100 -24.51 -17.71 -29.74
N ALA G 101 -24.68 -18.89 -29.17
CA ALA G 101 -24.08 -19.29 -27.90
C ALA G 101 -22.87 -20.19 -28.10
N THR G 102 -22.05 -20.23 -27.07
CA THR G 102 -20.93 -21.14 -26.98
C THR G 102 -21.11 -22.09 -25.79
N LEU G 103 -20.55 -23.28 -25.90
CA LEU G 103 -20.55 -24.27 -24.83
C LEU G 103 -19.10 -24.51 -24.45
N VAL G 104 -18.75 -24.24 -23.19
CA VAL G 104 -17.38 -24.29 -22.72
C VAL G 104 -17.20 -25.53 -21.85
N VAL G 105 -16.37 -26.46 -22.31
CA VAL G 105 -16.18 -27.76 -21.68
C VAL G 105 -14.74 -27.89 -21.23
N HIS G 106 -14.54 -28.51 -20.06
CA HIS G 106 -13.22 -28.74 -19.51
C HIS G 106 -13.28 -30.02 -18.66
N SER G 107 -13.33 -31.16 -19.35
CA SER G 107 -13.38 -32.49 -18.74
C SER G 107 -13.13 -33.55 -19.82
N ASN G 108 -12.64 -34.72 -19.42
CA ASN G 108 -12.33 -35.81 -20.36
C ASN G 108 -11.36 -35.26 -21.41
N ASN G 109 -11.54 -35.60 -22.72
CA ASN G 109 -10.71 -35.07 -23.82
C ASN G 109 -11.03 -33.61 -24.12
N PHE G 110 -12.19 -33.19 -23.68
CA PHE G 110 -12.69 -31.87 -24.02
C PHE G 110 -12.19 -30.86 -22.99
N THR G 111 -10.86 -30.75 -22.95
CA THR G 111 -10.20 -29.73 -22.15
C THR G 111 -10.07 -28.46 -22.98
N ASN G 112 -10.23 -27.33 -22.32
CA ASN G 112 -10.17 -26.00 -22.95
C ASN G 112 -10.93 -25.99 -24.27
N THR G 113 -12.19 -26.45 -24.22
CA THR G 113 -12.98 -26.70 -25.41
C THR G 113 -14.12 -25.69 -25.51
N ILE G 114 -14.21 -25.02 -26.66
CA ILE G 114 -15.19 -23.98 -26.92
C ILE G 114 -15.95 -24.41 -28.15
N LEU G 115 -17.19 -24.87 -27.98
CA LEU G 115 -18.05 -25.31 -29.08
C LEU G 115 -18.98 -24.16 -29.46
N GLU G 116 -19.10 -23.89 -30.75
CA GLU G 116 -20.03 -22.86 -31.23
C GLU G 116 -21.36 -23.57 -31.50
N VAL G 117 -22.35 -23.40 -30.61
CA VAL G 117 -23.54 -24.23 -30.71
C VAL G 117 -24.69 -23.53 -31.40
N GLY G 118 -24.53 -22.27 -31.78
CA GLY G 118 -25.56 -21.60 -32.54
C GLY G 118 -26.66 -21.04 -31.68
N PRO G 119 -27.82 -20.78 -32.28
CA PRO G 119 -28.95 -20.27 -31.51
C PRO G 119 -29.42 -21.26 -30.46
N VAL G 120 -30.01 -20.73 -29.40
CA VAL G 120 -30.50 -21.52 -28.28
C VAL G 120 -31.94 -21.07 -28.01
N THR G 121 -32.77 -22.03 -27.59
CA THR G 121 -34.15 -21.68 -27.26
C THR G 121 -34.65 -22.55 -26.12
N MET G 122 -35.68 -22.05 -25.44
CA MET G 122 -36.28 -22.82 -24.36
C MET G 122 -37.42 -23.69 -24.87
N ARG G 135 -39.08 -27.41 -18.76
CA ARG G 135 -38.39 -27.12 -20.02
C ARG G 135 -36.99 -26.54 -19.76
N MET G 136 -36.12 -26.65 -20.77
CA MET G 136 -34.71 -26.36 -20.66
C MET G 136 -34.25 -25.54 -21.86
N ILE G 137 -32.96 -25.17 -21.85
CA ILE G 137 -32.35 -24.53 -23.00
C ILE G 137 -31.82 -25.62 -23.94
N ARG G 138 -32.15 -25.50 -25.20
CA ARG G 138 -31.76 -26.42 -26.21
C ARG G 138 -30.99 -25.75 -27.32
N TYR G 139 -29.97 -26.43 -27.84
CA TYR G 139 -29.11 -25.94 -28.90
C TYR G 139 -28.89 -27.05 -29.85
N ASP G 140 -28.83 -26.76 -31.14
CA ASP G 140 -28.59 -27.80 -32.11
C ASP G 140 -27.16 -27.99 -32.26
N TYR G 141 -26.73 -29.08 -31.75
CA TYR G 141 -25.33 -29.45 -31.93
C TYR G 141 -25.16 -30.90 -31.51
N ALA G 142 -24.58 -31.72 -32.40
CA ALA G 142 -24.38 -33.14 -32.15
C ALA G 142 -23.50 -33.34 -30.93
N THR G 143 -24.12 -33.60 -29.78
CA THR G 143 -23.39 -33.72 -28.54
C THR G 143 -22.75 -35.11 -28.39
N LYS G 144 -21.52 -35.10 -27.88
CA LYS G 144 -20.85 -36.30 -27.41
C LYS G 144 -21.07 -36.44 -25.92
N THR G 145 -20.90 -37.66 -25.41
CA THR G 145 -20.88 -37.85 -23.97
C THR G 145 -19.61 -37.25 -23.36
N GLY G 146 -19.59 -37.17 -22.04
CA GLY G 146 -18.43 -36.61 -21.36
C GLY G 146 -18.32 -35.11 -21.40
N GLN G 147 -19.36 -34.41 -21.86
CA GLN G 147 -19.35 -32.96 -21.87
C GLN G 147 -20.24 -32.38 -20.80
N CYS G 148 -20.85 -33.22 -19.97
CA CYS G 148 -21.79 -32.76 -18.95
C CYS G 148 -21.12 -31.75 -18.03
N GLY G 149 -21.89 -30.73 -17.64
CA GLY G 149 -21.36 -29.62 -16.89
C GLY G 149 -20.89 -28.46 -17.72
N GLY G 150 -20.83 -28.61 -19.05
CA GLY G 150 -20.39 -27.54 -19.92
C GLY G 150 -21.19 -26.28 -19.72
N VAL G 151 -20.52 -25.13 -19.76
CA VAL G 151 -21.14 -23.86 -19.46
C VAL G 151 -21.64 -23.26 -20.75
N LEU G 152 -22.95 -23.05 -20.83
CA LEU G 152 -23.58 -22.43 -21.98
C LEU G 152 -23.63 -20.92 -21.74
N CYS G 153 -22.97 -20.18 -22.63
CA CYS G 153 -22.72 -18.75 -22.40
C CYS G 153 -22.58 -18.00 -23.71
N ALA G 154 -22.52 -16.69 -23.60
CA ALA G 154 -22.18 -15.80 -24.69
C ALA G 154 -21.46 -14.60 -24.07
N THR G 155 -21.08 -13.63 -24.90
CA THR G 155 -20.33 -12.50 -24.35
C THR G 155 -21.13 -11.81 -23.24
N GLY G 156 -20.56 -11.79 -22.04
CA GLY G 156 -21.18 -11.18 -20.87
C GLY G 156 -22.39 -11.90 -20.34
N LYS G 157 -22.65 -13.13 -20.77
CA LYS G 157 -23.86 -13.84 -20.41
C LYS G 157 -23.58 -15.31 -20.13
N ILE G 158 -23.99 -15.80 -18.97
CA ILE G 158 -23.94 -17.22 -18.66
C ILE G 158 -25.39 -17.70 -18.58
N PHE G 159 -25.76 -18.64 -19.45
CA PHE G 159 -27.13 -19.10 -19.57
C PHE G 159 -27.41 -20.38 -18.80
N GLY G 160 -26.51 -21.37 -18.87
CA GLY G 160 -26.87 -22.62 -18.21
C GLY G 160 -25.75 -23.63 -18.15
N ILE G 161 -26.11 -24.82 -17.66
CA ILE G 161 -25.17 -25.92 -17.47
C ILE G 161 -25.65 -27.10 -18.31
N HIS G 162 -24.77 -27.63 -19.15
CA HIS G 162 -25.13 -28.75 -20.03
C HIS G 162 -25.32 -30.05 -19.22
N VAL G 163 -26.49 -30.67 -19.36
CA VAL G 163 -26.82 -31.86 -18.59
C VAL G 163 -27.24 -33.03 -19.47
N GLY G 164 -27.20 -32.91 -20.78
CA GLY G 164 -27.49 -34.06 -21.63
C GLY G 164 -27.78 -33.65 -23.06
N GLY G 165 -28.23 -34.64 -23.83
CA GLY G 165 -28.58 -34.42 -25.21
C GLY G 165 -29.29 -35.65 -25.76
N ASN G 166 -29.73 -35.53 -27.02
CA ASN G 166 -30.41 -36.63 -27.70
C ASN G 166 -29.63 -37.11 -28.92
N GLY G 167 -28.36 -36.74 -29.02
CA GLY G 167 -27.54 -37.15 -30.14
C GLY G 167 -27.51 -36.16 -31.29
N ARG G 168 -28.49 -35.27 -31.38
CA ARG G 168 -28.46 -34.17 -32.35
C ARG G 168 -28.62 -32.82 -31.70
N GLN G 169 -29.17 -32.75 -30.49
CA GLN G 169 -29.25 -31.52 -29.73
C GLN G 169 -28.70 -31.75 -28.35
N GLY G 170 -28.22 -30.66 -27.76
CA GLY G 170 -27.82 -30.68 -26.37
C GLY G 170 -28.80 -29.87 -25.56
N PHE G 171 -28.83 -30.14 -24.26
CA PHE G 171 -29.74 -29.49 -23.35
C PHE G 171 -28.96 -28.96 -22.15
N SER G 172 -29.29 -27.75 -21.77
CA SER G 172 -28.69 -27.09 -20.62
C SER G 172 -29.81 -26.75 -19.66
N ALA G 173 -29.59 -27.05 -18.40
CA ALA G 173 -30.44 -26.55 -17.34
C ALA G 173 -30.14 -25.07 -17.09
N GLN G 174 -31.20 -24.31 -16.90
CA GLN G 174 -31.10 -22.86 -16.82
C GLN G 174 -30.55 -22.41 -15.47
N LEU G 175 -29.62 -21.46 -15.52
CA LEU G 175 -29.13 -20.81 -14.32
C LEU G 175 -29.89 -19.49 -14.14
N LYS G 176 -30.15 -19.15 -12.88
CA LYS G 176 -30.89 -17.94 -12.52
C LYS G 176 -30.20 -17.28 -11.34
N LYS G 177 -30.25 -15.95 -11.32
CA LYS G 177 -29.59 -15.18 -10.26
C LYS G 177 -30.17 -15.49 -8.89
N GLN G 178 -31.46 -15.87 -8.81
CA GLN G 178 -32.06 -16.06 -7.50
C GLN G 178 -31.45 -17.25 -6.76
N TYR G 179 -30.79 -18.17 -7.47
CA TYR G 179 -30.23 -19.36 -6.84
C TYR G 179 -29.05 -19.03 -5.94
N PHE G 180 -28.48 -17.83 -6.05
CA PHE G 180 -27.31 -17.45 -5.26
C PHE G 180 -27.57 -16.07 -4.66
N VAL G 181 -27.76 -16.02 -3.35
CA VAL G 181 -28.23 -14.81 -2.67
C VAL G 181 -27.21 -13.68 -2.79
N GLN H 6 -26.84 6.41 -18.56
CA GLN H 6 -26.69 6.39 -17.11
C GLN H 6 -25.36 5.76 -16.67
N VAL H 7 -24.69 5.07 -17.60
CA VAL H 7 -23.32 4.60 -17.38
C VAL H 7 -22.39 5.80 -17.47
N GLN H 8 -21.44 5.89 -16.55
CA GLN H 8 -20.55 7.06 -16.55
C GLN H 8 -19.11 6.72 -16.16
N LEU H 9 -18.18 7.34 -16.88
CA LEU H 9 -16.74 7.16 -16.72
C LEU H 9 -16.13 8.55 -16.51
N VAL H 10 -15.72 8.83 -15.28
CA VAL H 10 -15.17 10.14 -14.93
C VAL H 10 -13.65 9.99 -14.83
N GLN H 11 -12.95 10.75 -15.65
CA GLN H 11 -11.50 10.73 -15.73
C GLN H 11 -10.91 11.88 -14.91
N SER H 12 -9.65 11.69 -14.52
CA SER H 12 -8.89 12.71 -13.81
C SER H 12 -8.55 13.87 -14.74
N GLY H 13 -8.05 14.97 -14.15
CA GLY H 13 -7.91 16.23 -14.86
C GLY H 13 -6.62 16.36 -15.69
N ALA H 14 -6.53 17.48 -16.42
CA ALA H 14 -5.43 17.74 -17.34
C ALA H 14 -4.08 17.70 -16.64
N GLU H 15 -3.05 17.32 -17.39
CA GLU H 15 -1.70 17.17 -16.88
C GLU H 15 -0.70 17.79 -17.84
N VAL H 16 0.35 18.37 -17.26
CA VAL H 16 1.49 18.91 -17.99
C VAL H 16 2.75 18.22 -17.46
N LYS H 17 3.55 17.68 -18.36
CA LYS H 17 4.66 16.84 -17.96
C LYS H 17 5.88 17.23 -18.77
N GLN H 18 7.04 16.89 -18.24
CA GLN H 18 8.25 17.12 -19.01
C GLN H 18 8.71 15.82 -19.66
N PRO H 19 9.50 15.91 -20.73
CA PRO H 19 9.96 14.67 -21.40
C PRO H 19 10.73 13.79 -20.44
N GLY H 20 10.52 12.48 -20.54
CA GLY H 20 11.20 11.54 -19.68
C GLY H 20 10.45 11.23 -18.41
N SER H 21 9.40 11.98 -18.09
CA SER H 21 8.63 11.75 -16.88
C SER H 21 7.52 10.72 -17.16
N SER H 22 6.57 10.57 -16.23
CA SER H 22 5.49 9.61 -16.40
C SER H 22 4.16 10.24 -15.98
N VAL H 23 3.06 9.69 -16.49
CA VAL H 23 1.74 10.23 -16.21
C VAL H 23 0.80 9.11 -15.85
N LYS H 24 -0.06 9.36 -14.86
CA LYS H 24 -1.09 8.42 -14.46
C LYS H 24 -2.45 9.08 -14.64
N VAL H 25 -3.32 8.42 -15.38
CA VAL H 25 -4.67 8.88 -15.60
C VAL H 25 -5.62 7.85 -15.02
N SER H 26 -6.64 8.30 -14.29
CA SER H 26 -7.62 7.43 -13.67
C SER H 26 -8.96 7.58 -14.40
N CYS H 27 -9.78 6.55 -14.24
CA CYS H 27 -11.11 6.49 -14.82
C CYS H 27 -12.02 5.80 -13.81
N LYS H 28 -13.00 6.53 -13.29
CA LYS H 28 -13.89 6.02 -12.24
C LYS H 28 -15.26 5.69 -12.81
N THR H 29 -15.81 4.55 -12.38
CA THR H 29 -17.18 4.18 -12.72
C THR H 29 -17.85 3.65 -11.46
N SER H 30 -19.08 3.15 -11.59
CA SER H 30 -19.81 2.61 -10.45
C SER H 30 -19.28 1.21 -10.14
N GLY H 31 -19.78 0.60 -9.07
CA GLY H 31 -19.32 -0.71 -8.64
C GLY H 31 -19.76 -1.92 -9.45
N ASP H 32 -21.04 -1.96 -9.87
CA ASP H 32 -21.50 -3.04 -10.73
C ASP H 32 -20.76 -3.06 -12.06
N ILE H 33 -20.63 -1.90 -12.69
CA ILE H 33 -19.94 -1.82 -13.97
C ILE H 33 -18.46 -2.15 -13.80
N PHE H 34 -17.81 -1.61 -12.76
CA PHE H 34 -16.41 -1.96 -12.54
C PHE H 34 -16.26 -3.47 -12.38
N SER H 35 -17.20 -4.10 -11.70
CA SER H 35 -17.04 -5.51 -11.39
C SER H 35 -17.55 -6.42 -12.50
N THR H 36 -18.07 -5.88 -13.62
CA THR H 36 -18.52 -6.75 -14.71
C THR H 36 -17.92 -6.44 -16.09
N TYR H 37 -17.48 -5.23 -16.37
CA TYR H 37 -17.11 -4.85 -17.74
C TYR H 37 -15.60 -4.75 -17.90
N GLY H 38 -15.19 -4.66 -19.19
CA GLY H 38 -13.84 -4.29 -19.57
C GLY H 38 -13.73 -2.81 -19.99
N PHE H 39 -12.50 -2.32 -19.98
CA PHE H 39 -12.20 -0.91 -20.23
C PHE H 39 -10.95 -0.81 -21.08
N ASN H 40 -10.92 0.17 -21.97
CA ASN H 40 -9.84 0.35 -22.90
C ASN H 40 -9.35 1.79 -22.81
N TRP H 41 -8.07 1.97 -23.07
CA TRP H 41 -7.45 3.27 -23.17
C TRP H 41 -7.16 3.53 -24.63
N VAL H 42 -7.62 4.70 -25.10
CA VAL H 42 -7.50 5.15 -26.48
C VAL H 42 -7.00 6.57 -26.42
N ARG H 43 -5.98 6.91 -27.22
CA ARG H 43 -5.51 8.28 -27.18
C ARG H 43 -5.70 8.96 -28.54
N GLN H 44 -5.57 10.29 -28.55
CA GLN H 44 -5.76 11.08 -29.76
C GLN H 44 -4.86 12.31 -29.69
N ALA H 45 -3.82 12.34 -30.52
CA ALA H 45 -2.92 13.49 -30.62
C ALA H 45 -3.63 14.66 -31.30
N PRO H 46 -3.16 15.89 -31.11
CA PRO H 46 -3.88 17.05 -31.67
C PRO H 46 -4.01 16.99 -33.19
N GLY H 47 -5.24 17.04 -33.67
CA GLY H 47 -5.50 16.94 -35.09
C GLY H 47 -5.32 15.57 -35.70
N GLN H 48 -5.16 14.51 -34.92
CA GLN H 48 -4.94 13.20 -35.49
C GLN H 48 -6.07 12.23 -35.14
N GLY H 49 -5.86 10.94 -35.48
CA GLY H 49 -6.87 9.91 -35.32
C GLY H 49 -6.79 9.22 -33.96
N LEU H 50 -7.70 8.28 -33.77
CA LEU H 50 -7.80 7.50 -32.54
C LEU H 50 -6.82 6.33 -32.56
N GLU H 51 -6.17 6.08 -31.43
CA GLU H 51 -5.19 5.00 -31.35
C GLU H 51 -5.41 4.16 -30.09
N TRP H 52 -5.64 2.87 -30.29
CA TRP H 52 -5.87 1.96 -29.19
C TRP H 52 -4.56 1.65 -28.45
N MET H 53 -4.60 1.71 -27.13
CA MET H 53 -3.40 1.51 -26.32
C MET H 53 -3.39 0.21 -25.54
N GLY H 54 -4.51 -0.21 -25.00
CA GLY H 54 -4.58 -1.37 -24.15
C GLY H 54 -5.91 -1.38 -23.42
N GLY H 55 -6.08 -2.40 -22.58
CA GLY H 55 -7.35 -2.59 -21.89
C GLY H 55 -7.26 -3.60 -20.78
N ILE H 56 -8.28 -3.58 -19.92
CA ILE H 56 -8.35 -4.41 -18.72
C ILE H 56 -9.79 -4.76 -18.41
N ALA H 57 -10.04 -6.03 -18.10
CA ALA H 57 -11.30 -6.46 -17.49
C ALA H 57 -11.02 -6.92 -16.06
N PRO H 58 -11.32 -6.10 -15.05
CA PRO H 58 -10.92 -6.44 -13.68
C PRO H 58 -11.53 -7.74 -13.17
N VAL H 59 -12.78 -8.04 -13.54
CA VAL H 59 -13.42 -9.26 -13.04
C VAL H 59 -12.56 -10.51 -13.32
N PHE H 60 -11.83 -10.51 -14.43
CA PHE H 60 -11.03 -11.68 -14.80
C PHE H 60 -9.54 -11.38 -14.82
N ASP H 61 -9.10 -10.19 -14.40
CA ASP H 61 -7.71 -9.75 -14.58
C ASP H 61 -7.28 -9.91 -16.04
N THR H 62 -8.18 -9.62 -16.98
CA THR H 62 -7.79 -9.66 -18.38
C THR H 62 -7.01 -8.39 -18.73
N LEU H 63 -5.79 -8.55 -19.26
CA LEU H 63 -4.97 -7.43 -19.68
C LEU H 63 -4.58 -7.57 -21.14
N LYS H 64 -4.69 -6.48 -21.89
CA LYS H 64 -4.25 -6.43 -23.28
C LYS H 64 -3.45 -5.16 -23.50
N TYR H 65 -2.33 -5.28 -24.20
CA TYR H 65 -1.46 -4.15 -24.47
C TYR H 65 -1.19 -4.09 -25.96
N ALA H 66 -1.27 -2.89 -26.54
CA ALA H 66 -0.82 -2.71 -27.91
C ALA H 66 0.70 -2.79 -27.94
N GLN H 67 1.23 -3.45 -28.97
CA GLN H 67 2.67 -3.64 -29.05
C GLN H 67 3.45 -2.33 -28.95
N ARG H 68 2.91 -1.23 -29.50
CA ARG H 68 3.67 0.02 -29.50
C ARG H 68 3.94 0.55 -28.10
N PHE H 69 3.07 0.24 -27.13
CA PHE H 69 3.19 0.81 -25.80
C PHE H 69 3.59 -0.22 -24.75
N GLN H 70 3.76 -1.49 -25.14
CA GLN H 70 3.95 -2.57 -24.17
C GLN H 70 5.14 -2.33 -23.22
N GLY H 71 6.23 -1.75 -23.70
CA GLY H 71 7.37 -1.53 -22.84
C GLY H 71 7.27 -0.36 -21.85
N ARG H 72 6.29 0.53 -22.00
CA ARG H 72 6.26 1.68 -21.09
C ARG H 72 4.87 2.04 -20.60
N LEU H 73 3.91 1.13 -20.71
CA LEU H 73 2.54 1.35 -20.28
C LEU H 73 2.14 0.30 -19.27
N LEU H 74 1.50 0.75 -18.20
CA LEU H 74 0.97 -0.15 -17.18
C LEU H 74 -0.50 0.19 -16.96
N ILE H 75 -1.38 -0.78 -17.14
CA ILE H 75 -2.80 -0.60 -16.93
C ILE H 75 -3.19 -1.36 -15.67
N THR H 76 -3.93 -0.71 -14.78
CA THR H 76 -4.26 -1.30 -13.48
C THR H 76 -5.70 -0.96 -13.09
N ALA H 77 -6.12 -1.52 -11.96
CA ALA H 77 -7.48 -1.38 -11.47
C ALA H 77 -7.45 -1.40 -9.94
N ASP H 78 -8.36 -0.65 -9.34
CA ASP H 78 -8.52 -0.69 -7.89
C ASP H 78 -10.02 -0.81 -7.56
N GLU H 79 -10.38 -1.87 -6.83
CA GLU H 79 -11.77 -2.15 -6.50
C GLU H 79 -12.35 -1.16 -5.50
N SER H 80 -11.58 -0.80 -4.45
CA SER H 80 -12.08 0.15 -3.47
C SER H 80 -12.44 1.48 -4.12
N ALA H 81 -11.66 1.91 -5.11
CA ALA H 81 -11.95 3.15 -5.81
C ALA H 81 -12.85 2.95 -7.03
N THR H 82 -13.24 1.72 -7.32
CA THR H 82 -13.92 1.35 -8.56
C THR H 82 -13.34 2.09 -9.77
N SER H 83 -12.03 2.02 -9.91
CA SER H 83 -11.40 2.77 -10.97
C SER H 83 -10.38 1.90 -11.71
N VAL H 84 -10.17 2.22 -12.97
CA VAL H 84 -9.06 1.67 -13.73
C VAL H 84 -8.11 2.81 -14.05
N TYR H 85 -6.88 2.45 -14.39
CA TYR H 85 -5.78 3.41 -14.51
C TYR H 85 -4.90 3.04 -15.68
N MET H 86 -4.27 4.06 -16.23
CA MET H 86 -3.16 3.89 -17.14
C MET H 86 -2.00 4.74 -16.65
N GLU H 87 -0.80 4.19 -16.75
CA GLU H 87 0.43 4.90 -16.42
C GLU H 87 1.36 4.74 -17.61
N LEU H 88 1.68 5.86 -18.25
CA LEU H 88 2.57 5.92 -19.40
C LEU H 88 3.85 6.61 -18.98
N SER H 89 4.98 5.95 -19.19
CA SER H 89 6.27 6.46 -18.73
C SER H 89 7.18 6.79 -19.92
N SER H 90 8.35 7.34 -19.59
CA SER H 90 9.31 7.80 -20.60
C SER H 90 8.61 8.70 -21.61
N LEU H 91 7.89 9.69 -21.08
CA LEU H 91 7.07 10.55 -21.90
C LEU H 91 7.91 11.31 -22.92
N ARG H 92 7.40 11.37 -24.15
CA ARG H 92 7.96 12.19 -25.21
C ARG H 92 6.90 13.18 -25.65
N SER H 93 7.33 14.22 -26.36
CA SER H 93 6.38 15.26 -26.71
C SER H 93 5.33 14.77 -27.69
N ASP H 94 5.67 13.75 -28.48
CA ASP H 94 4.68 13.06 -29.33
C ASP H 94 3.64 12.30 -28.52
N ASP H 95 3.79 12.18 -27.19
CA ASP H 95 2.74 11.60 -26.35
C ASP H 95 1.69 12.64 -25.94
N THR H 96 1.91 13.91 -26.29
CA THR H 96 0.93 14.95 -26.08
C THR H 96 -0.36 14.53 -26.77
N ALA H 97 -1.43 14.35 -26.00
CA ALA H 97 -2.65 13.78 -26.55
C ALA H 97 -3.76 13.87 -25.53
N VAL H 98 -4.98 13.65 -26.01
CA VAL H 98 -6.12 13.37 -25.13
C VAL H 98 -6.20 11.87 -24.92
N TYR H 99 -6.24 11.44 -23.67
CA TYR H 99 -6.34 10.03 -23.32
C TYR H 99 -7.76 9.73 -22.84
N TYR H 100 -8.39 8.75 -23.46
CA TYR H 100 -9.77 8.36 -23.24
C TYR H 100 -9.82 7.00 -22.57
N CYS H 101 -10.66 6.90 -21.55
CA CYS H 101 -11.13 5.64 -21.04
C CYS H 101 -12.48 5.29 -21.69
N ALA H 102 -12.64 4.04 -22.12
CA ALA H 102 -13.89 3.64 -22.78
C ALA H 102 -14.29 2.21 -22.39
N ARG H 103 -15.58 1.99 -22.21
CA ARG H 103 -16.10 0.68 -21.84
C ARG H 103 -16.31 -0.21 -23.05
N ALA H 104 -15.83 -1.43 -22.97
CA ALA H 104 -16.19 -2.45 -23.94
C ALA H 104 -17.59 -2.94 -23.65
N GLY H 105 -18.37 -3.16 -24.70
CA GLY H 105 -19.77 -3.55 -24.54
C GLY H 105 -19.97 -4.98 -24.04
N GLN H 106 -21.22 -5.25 -23.63
CA GLN H 106 -21.73 -6.57 -23.29
C GLN H 106 -21.21 -7.15 -21.97
N GLY H 107 -19.92 -7.01 -21.68
CA GLY H 107 -19.42 -7.43 -20.39
C GLY H 107 -18.41 -8.57 -20.38
N GLY H 108 -17.50 -8.52 -19.40
CA GLY H 108 -16.54 -9.57 -19.18
C GLY H 108 -15.37 -9.60 -20.13
N VAL H 109 -15.26 -8.64 -21.05
CA VAL H 109 -14.25 -8.70 -22.10
C VAL H 109 -13.58 -7.34 -22.31
N VAL H 110 -12.33 -7.39 -22.73
CA VAL H 110 -11.61 -6.21 -23.20
C VAL H 110 -11.89 -5.96 -24.68
N GLY H 111 -11.80 -7.02 -25.51
CA GLY H 111 -11.94 -6.92 -26.95
C GLY H 111 -13.37 -6.87 -27.44
N ASN H 112 -13.91 -5.67 -27.56
CA ASN H 112 -15.28 -5.51 -28.06
C ASN H 112 -15.43 -4.06 -28.53
N TYR H 113 -16.57 -3.79 -29.16
CA TYR H 113 -16.92 -2.41 -29.49
C TYR H 113 -17.00 -1.59 -28.20
N LEU H 114 -16.74 -0.29 -28.33
CA LEU H 114 -16.61 0.61 -27.18
C LEU H 114 -17.87 1.48 -27.10
N ASP H 115 -18.76 1.18 -26.15
CA ASP H 115 -20.07 1.82 -26.18
C ASP H 115 -20.20 3.04 -25.27
N TYR H 116 -19.34 3.21 -24.27
CA TYR H 116 -19.36 4.44 -23.47
C TYR H 116 -17.94 4.97 -23.32
N TRP H 117 -17.77 6.29 -23.48
CA TRP H 117 -16.45 6.91 -23.43
C TRP H 117 -16.39 7.92 -22.30
N GLY H 118 -15.27 7.94 -21.58
CA GLY H 118 -15.04 9.00 -20.64
C GLY H 118 -14.80 10.32 -21.36
N GLN H 119 -14.74 11.41 -20.57
CA GLN H 119 -14.67 12.74 -21.17
C GLN H 119 -13.29 13.07 -21.72
N GLY H 120 -12.28 12.26 -21.44
CA GLY H 120 -10.95 12.55 -21.94
C GLY H 120 -10.11 13.30 -20.93
N THR H 121 -8.80 13.06 -20.98
CA THR H 121 -7.82 13.74 -20.15
C THR H 121 -6.70 14.24 -21.05
N LEU H 122 -6.51 15.54 -21.12
CA LEU H 122 -5.43 16.11 -21.91
C LEU H 122 -4.11 15.99 -21.15
N VAL H 123 -3.11 15.39 -21.80
CA VAL H 123 -1.74 15.34 -21.31
C VAL H 123 -0.86 16.10 -22.30
N THR H 124 -0.16 17.11 -21.81
CA THR H 124 0.72 17.93 -22.64
C THR H 124 2.15 17.68 -22.19
N VAL H 125 2.99 17.22 -23.10
CA VAL H 125 4.41 17.04 -22.84
C VAL H 125 5.16 18.13 -23.59
N SER H 126 5.86 18.98 -22.84
CA SER H 126 6.74 19.95 -23.49
C SER H 126 7.96 19.22 -24.00
N SER H 127 8.53 19.68 -25.11
CA SER H 127 9.78 19.08 -25.54
C SER H 127 10.96 19.96 -25.19
N ASP I 1 0.05 -5.71 -37.57
CA ASP I 1 -0.03 -6.73 -38.61
C ASP I 1 -1.16 -6.45 -39.60
N ILE I 2 -2.38 -6.31 -39.11
CA ILE I 2 -3.53 -6.12 -39.97
C ILE I 2 -3.85 -4.63 -40.03
N GLN I 3 -4.16 -4.14 -41.23
CA GLN I 3 -4.30 -2.71 -41.48
C GLN I 3 -5.77 -2.38 -41.73
N MET I 4 -6.21 -1.31 -41.10
CA MET I 4 -7.54 -0.73 -41.25
C MET I 4 -7.37 0.60 -41.97
N THR I 5 -7.85 0.68 -43.20
CA THR I 5 -7.74 1.87 -44.02
C THR I 5 -9.15 2.34 -44.40
N GLN I 6 -9.36 3.64 -44.37
CA GLN I 6 -10.66 4.17 -44.74
C GLN I 6 -10.51 4.98 -46.01
N SER I 7 -11.60 5.08 -46.78
CA SER I 7 -11.57 5.83 -48.00
C SER I 7 -12.95 6.43 -48.22
N PRO I 8 -13.04 7.73 -48.55
CA PRO I 8 -11.92 8.66 -48.64
C PRO I 8 -11.37 9.04 -47.26
N SER I 9 -10.29 9.82 -47.21
CA SER I 9 -9.84 10.31 -45.91
C SER I 9 -10.58 11.59 -45.50
N SER I 10 -11.21 12.28 -46.44
CA SER I 10 -12.07 13.42 -46.10
C SER I 10 -12.93 13.75 -47.31
N LEU I 11 -14.08 14.39 -47.05
CA LEU I 11 -14.92 14.83 -48.15
C LEU I 11 -15.79 16.00 -47.71
N SER I 12 -16.24 16.78 -48.68
CA SER I 12 -17.20 17.84 -48.45
C SER I 12 -18.42 17.63 -49.33
N ALA I 13 -19.59 17.59 -48.73
CA ALA I 13 -20.82 17.35 -49.47
C ALA I 13 -21.86 18.39 -49.04
N SER I 14 -23.06 18.24 -49.58
CA SER I 14 -24.15 19.15 -49.30
C SER I 14 -25.19 18.45 -48.42
N VAL I 15 -25.94 19.27 -47.69
CA VAL I 15 -27.05 18.78 -46.90
C VAL I 15 -27.98 17.99 -47.80
N GLY I 16 -28.37 16.80 -47.35
CA GLY I 16 -29.26 15.94 -48.12
C GLY I 16 -28.56 14.92 -49.01
N ASP I 17 -27.25 14.99 -49.16
CA ASP I 17 -26.51 14.05 -50.00
C ASP I 17 -26.41 12.67 -49.33
N ARG I 18 -26.39 11.64 -50.17
CA ARG I 18 -25.97 10.33 -49.73
C ARG I 18 -24.44 10.31 -49.64
N VAL I 19 -23.91 9.90 -48.50
CA VAL I 19 -22.48 9.84 -48.28
C VAL I 19 -22.12 8.41 -47.92
N THR I 20 -21.11 7.86 -48.60
CA THR I 20 -20.66 6.50 -48.36
C THR I 20 -19.17 6.53 -48.10
N ILE I 21 -18.75 5.87 -47.04
CA ILE I 21 -17.36 5.77 -46.60
C ILE I 21 -17.04 4.30 -46.50
N THR I 22 -15.90 3.89 -47.05
CA THR I 22 -15.50 2.48 -46.94
C THR I 22 -14.35 2.33 -45.94
N CYS I 23 -14.26 1.14 -45.42
CA CYS I 23 -13.24 0.70 -44.54
C CYS I 23 -12.76 -0.62 -45.04
N ARG I 24 -11.47 -0.82 -45.07
CA ARG I 24 -10.88 -2.05 -45.46
C ARG I 24 -9.95 -2.61 -44.41
N ALA I 25 -10.03 -3.90 -44.22
CA ALA I 25 -9.16 -4.60 -43.33
C ALA I 25 -8.29 -5.45 -44.22
N SER I 26 -6.99 -5.47 -44.01
CA SER I 26 -6.04 -6.24 -44.79
C SER I 26 -6.28 -7.75 -44.71
N GLN I 27 -6.72 -8.22 -43.56
CA GLN I 27 -7.17 -9.59 -43.35
C GLN I 27 -8.61 -9.61 -42.83
N GLY I 28 -9.31 -10.71 -43.09
CA GLY I 28 -10.71 -10.80 -42.69
C GLY I 28 -10.91 -10.68 -41.18
N ILE I 29 -11.94 -9.94 -40.79
CA ILE I 29 -12.23 -9.70 -39.37
C ILE I 29 -13.68 -10.09 -39.10
N SER I 30 -14.24 -10.90 -40.00
CA SER I 30 -15.63 -11.35 -39.94
C SER I 30 -16.52 -10.10 -39.88
N ASN I 31 -17.43 -9.99 -38.91
CA ASN I 31 -18.24 -8.79 -38.75
C ASN I 31 -17.93 -8.07 -37.45
N TYR I 32 -16.71 -8.24 -36.94
CA TYR I 32 -16.28 -7.60 -35.70
C TYR I 32 -15.73 -6.20 -36.04
N LEU I 33 -16.65 -5.36 -36.50
CA LEU I 33 -16.32 -4.04 -36.95
C LEU I 33 -17.30 -3.02 -36.35
N ALA I 34 -16.76 -1.93 -35.83
CA ALA I 34 -17.57 -0.85 -35.28
C ALA I 34 -17.26 0.45 -36.00
N TRP I 35 -18.27 1.30 -36.06
CA TRP I 35 -18.17 2.66 -36.57
C TRP I 35 -18.48 3.63 -35.45
N TYR I 36 -17.61 4.66 -35.34
CA TYR I 36 -17.71 5.74 -34.36
C TYR I 36 -17.84 7.08 -35.08
N GLN I 37 -18.55 7.98 -34.42
CA GLN I 37 -18.70 9.36 -34.84
C GLN I 37 -18.05 10.27 -33.82
N GLN I 38 -17.15 11.15 -34.25
CA GLN I 38 -16.58 12.16 -33.35
C GLN I 38 -16.88 13.55 -33.91
N LYS I 39 -17.86 14.21 -33.31
CA LYS I 39 -18.19 15.58 -33.68
C LYS I 39 -17.08 16.52 -33.18
N PRO I 40 -16.89 17.66 -33.84
CA PRO I 40 -15.77 18.55 -33.48
C PRO I 40 -15.81 18.95 -32.00
N GLY I 41 -14.70 18.72 -31.32
CA GLY I 41 -14.59 18.99 -29.91
C GLY I 41 -15.34 18.05 -28.98
N LYS I 42 -15.87 16.93 -29.48
CA LYS I 42 -16.63 16.00 -28.65
C LYS I 42 -15.92 14.65 -28.55
N VAL I 43 -16.38 13.81 -27.63
CA VAL I 43 -15.78 12.50 -27.49
C VAL I 43 -16.36 11.56 -28.56
N PRO I 44 -15.63 10.54 -28.99
CA PRO I 44 -16.18 9.58 -29.95
C PRO I 44 -17.45 8.95 -29.40
N LYS I 45 -18.30 8.53 -30.32
CA LYS I 45 -19.60 7.97 -29.97
C LYS I 45 -19.90 6.82 -30.93
N LEU I 46 -20.31 5.69 -30.34
CA LEU I 46 -20.57 4.48 -31.12
C LEU I 46 -21.81 4.67 -31.98
N LEU I 47 -21.65 4.46 -33.28
CA LEU I 47 -22.79 4.45 -34.17
C LEU I 47 -23.24 3.05 -34.48
N ILE I 48 -22.29 2.17 -34.83
CA ILE I 48 -22.65 0.85 -35.36
C ILE I 48 -21.66 -0.16 -34.83
N TYR I 49 -22.15 -1.37 -34.52
CA TYR I 49 -21.28 -2.50 -34.21
C TYR I 49 -21.78 -3.73 -34.96
N ALA I 50 -21.01 -4.80 -34.84
CA ALA I 50 -21.23 -6.02 -35.62
C ALA I 50 -21.45 -5.68 -37.09
N ALA I 51 -20.75 -4.63 -37.55
CA ALA I 51 -20.69 -4.17 -38.94
C ALA I 51 -21.99 -3.50 -39.41
N SER I 52 -23.14 -3.96 -38.94
CA SER I 52 -24.39 -3.40 -39.45
C SER I 52 -25.48 -3.16 -38.40
N THR I 53 -25.22 -3.39 -37.12
CA THR I 53 -26.23 -3.14 -36.10
C THR I 53 -26.14 -1.70 -35.61
N LEU I 54 -27.23 -0.96 -35.79
CA LEU I 54 -27.27 0.41 -35.28
C LEU I 54 -27.33 0.39 -33.76
N GLN I 55 -26.46 1.18 -33.12
CA GLN I 55 -26.61 1.45 -31.70
C GLN I 55 -27.96 2.14 -31.46
N SER I 56 -28.54 1.90 -30.29
CA SER I 56 -29.86 2.46 -30.02
C SER I 56 -29.79 3.97 -29.87
N GLY I 57 -30.80 4.65 -30.41
CA GLY I 57 -30.82 6.10 -30.47
C GLY I 57 -30.24 6.68 -31.75
N VAL I 58 -29.47 5.89 -32.49
CA VAL I 58 -28.81 6.41 -33.70
C VAL I 58 -29.86 6.57 -34.80
N PRO I 59 -29.90 7.71 -35.50
CA PRO I 59 -30.90 7.89 -36.55
C PRO I 59 -30.78 6.84 -37.63
N SER I 60 -31.91 6.54 -38.27
CA SER I 60 -31.94 5.48 -39.27
C SER I 60 -31.29 5.88 -40.59
N ARG I 61 -30.88 7.13 -40.75
CA ARG I 61 -30.15 7.49 -41.96
C ARG I 61 -28.73 6.91 -41.98
N PHE I 62 -28.24 6.43 -40.85
CA PHE I 62 -26.96 5.73 -40.78
C PHE I 62 -27.20 4.24 -40.97
N SER I 63 -26.38 3.62 -41.83
CA SER I 63 -26.45 2.18 -42.00
C SER I 63 -25.04 1.66 -42.29
N GLY I 64 -24.81 0.41 -41.92
CA GLY I 64 -23.53 -0.22 -42.16
C GLY I 64 -23.71 -1.51 -42.93
N SER I 65 -22.67 -1.89 -43.69
CA SER I 65 -22.72 -3.14 -44.42
C SER I 65 -21.32 -3.69 -44.58
N GLY I 66 -21.25 -4.98 -44.91
CA GLY I 66 -20.01 -5.65 -45.20
C GLY I 66 -19.68 -6.76 -44.22
N SER I 67 -18.72 -7.61 -44.61
CA SER I 67 -18.26 -8.71 -43.78
C SER I 67 -16.91 -9.14 -44.31
N GLY I 68 -16.04 -9.58 -43.42
CA GLY I 68 -14.73 -10.05 -43.85
C GLY I 68 -13.68 -8.95 -43.95
N THR I 69 -13.49 -8.38 -45.15
CA THR I 69 -12.50 -7.35 -45.37
C THR I 69 -13.06 -6.00 -45.81
N ASP I 70 -14.30 -5.93 -46.31
CA ASP I 70 -14.79 -4.70 -46.94
C ASP I 70 -16.07 -4.22 -46.27
N PHE I 71 -16.02 -3.00 -45.74
CA PHE I 71 -17.13 -2.47 -44.96
C PHE I 71 -17.49 -1.08 -45.46
N THR I 72 -18.75 -0.73 -45.28
CA THR I 72 -19.28 0.54 -45.76
C THR I 72 -20.17 1.15 -44.70
N LEU I 73 -19.96 2.44 -44.44
CA LEU I 73 -20.89 3.28 -43.70
C LEU I 73 -21.59 4.21 -44.68
N THR I 74 -22.92 4.24 -44.60
CA THR I 74 -23.73 5.10 -45.45
C THR I 74 -24.55 6.04 -44.57
N ILE I 75 -24.58 7.31 -44.96
CA ILE I 75 -25.51 8.32 -44.45
C ILE I 75 -26.41 8.69 -45.62
N SER I 76 -27.66 8.27 -45.58
CA SER I 76 -28.52 8.42 -46.76
C SER I 76 -28.89 9.86 -47.06
N SER I 77 -28.83 10.74 -46.06
CA SER I 77 -29.16 12.16 -46.23
C SER I 77 -28.35 12.97 -45.22
N LEU I 78 -27.27 13.60 -45.69
CA LEU I 78 -26.36 14.31 -44.80
C LEU I 78 -27.04 15.50 -44.14
N GLN I 79 -27.00 15.53 -42.83
CA GLN I 79 -27.58 16.57 -41.98
C GLN I 79 -26.47 17.42 -41.36
N PRO I 80 -26.74 18.70 -41.03
CA PRO I 80 -25.66 19.55 -40.49
C PRO I 80 -25.02 19.01 -39.23
N GLU I 81 -25.79 18.38 -38.34
CA GLU I 81 -25.24 17.79 -37.13
C GLU I 81 -24.36 16.58 -37.42
N ASP I 82 -24.29 16.10 -38.67
CA ASP I 82 -23.47 14.94 -39.01
C ASP I 82 -22.03 15.32 -39.37
N VAL I 83 -21.68 16.62 -39.36
CA VAL I 83 -20.30 17.03 -39.58
C VAL I 83 -19.42 16.38 -38.52
N ALA I 84 -18.43 15.62 -38.96
CA ALA I 84 -17.73 14.81 -37.96
C ALA I 84 -16.58 14.07 -38.62
N THR I 85 -15.75 13.45 -37.80
CA THR I 85 -14.83 12.43 -38.29
C THR I 85 -15.37 11.05 -37.92
N TYR I 86 -15.42 10.16 -38.91
CA TYR I 86 -15.94 8.81 -38.72
C TYR I 86 -14.80 7.80 -38.75
N TYR I 87 -14.77 6.91 -37.76
CA TYR I 87 -13.73 5.90 -37.61
C TYR I 87 -14.31 4.50 -37.65
N CYS I 88 -13.63 3.59 -38.33
CA CYS I 88 -13.87 2.16 -38.14
C CYS I 88 -12.89 1.60 -37.13
N GLN I 89 -13.24 0.44 -36.59
CA GLN I 89 -12.43 -0.24 -35.60
C GLN I 89 -12.71 -1.72 -35.63
N LYS I 90 -11.66 -2.53 -35.69
CA LYS I 90 -11.84 -3.97 -35.60
C LYS I 90 -11.81 -4.40 -34.14
N TYR I 91 -12.55 -5.47 -33.82
CA TYR I 91 -12.47 -6.06 -32.49
C TYR I 91 -12.62 -7.57 -32.57
N ASN I 92 -12.17 -8.17 -33.67
CA ASN I 92 -12.04 -9.62 -33.76
C ASN I 92 -11.09 -10.14 -32.67
N SER I 93 -10.06 -9.35 -32.37
CA SER I 93 -9.06 -9.67 -31.37
C SER I 93 -8.24 -8.40 -31.13
N ALA I 94 -7.50 -8.38 -30.03
CA ALA I 94 -6.52 -7.32 -29.84
C ALA I 94 -5.45 -7.46 -30.90
N PRO I 95 -4.89 -6.34 -31.39
CA PRO I 95 -5.22 -4.96 -31.03
C PRO I 95 -6.54 -4.47 -31.61
N LEU I 96 -7.25 -3.60 -30.90
CA LEU I 96 -8.52 -3.04 -31.37
C LEU I 96 -8.24 -1.83 -32.27
N THR I 97 -7.66 -2.12 -33.42
CA THR I 97 -7.11 -1.11 -34.33
C THR I 97 -8.20 -0.27 -34.99
N PHE I 98 -8.03 1.05 -34.96
CA PHE I 98 -8.90 2.00 -35.63
C PHE I 98 -8.41 2.28 -37.05
N GLY I 99 -9.35 2.51 -37.96
CA GLY I 99 -8.99 3.13 -39.23
C GLY I 99 -8.50 4.56 -39.03
N GLN I 100 -7.96 5.18 -40.08
CA GLN I 100 -7.36 6.50 -39.88
C GLN I 100 -8.39 7.63 -39.78
N GLY I 101 -9.65 7.36 -40.04
CA GLY I 101 -10.68 8.36 -39.92
C GLY I 101 -11.01 8.99 -41.26
N THR I 102 -12.28 9.35 -41.41
CA THR I 102 -12.76 10.08 -42.58
C THR I 102 -13.47 11.34 -42.11
N LYS I 103 -12.93 12.50 -42.46
CA LYS I 103 -13.53 13.77 -42.08
C LYS I 103 -14.63 14.14 -43.06
N VAL I 104 -15.84 14.40 -42.55
CA VAL I 104 -17.00 14.77 -43.35
C VAL I 104 -17.40 16.20 -42.97
N ASP I 105 -17.37 17.09 -43.95
CA ASP I 105 -17.74 18.49 -43.85
C ASP I 105 -18.87 18.79 -44.85
N ILE I 106 -19.53 19.93 -44.64
CA ILE I 106 -20.61 20.37 -45.50
C ILE I 106 -20.18 21.62 -46.25
N LYS I 107 -20.40 21.61 -47.57
CA LYS I 107 -20.30 22.72 -48.53
C LYS I 107 -19.04 22.58 -49.36
N GLY J 1 -1.74 -23.01 -18.18
CA GLY J 1 -0.60 -23.32 -19.02
C GLY J 1 -0.71 -24.64 -19.76
N SER J 2 -0.78 -24.56 -21.09
CA SER J 2 -0.76 -25.76 -21.92
C SER J 2 0.63 -26.05 -22.47
N GLY J 3 1.63 -25.29 -22.03
CA GLY J 3 3.00 -25.57 -22.39
C GLY J 3 3.51 -24.95 -23.67
N PRO J 4 4.79 -25.19 -23.96
CA PRO J 4 5.41 -24.57 -25.15
C PRO J 4 4.81 -25.03 -26.47
N ASN J 5 4.21 -26.22 -26.52
CA ASN J 5 3.52 -26.65 -27.74
C ASN J 5 2.45 -25.63 -28.14
N THR J 6 1.66 -25.19 -27.16
CA THR J 6 0.62 -24.21 -27.44
C THR J 6 1.21 -22.88 -27.87
N GLU J 7 2.26 -22.41 -27.19
CA GLU J 7 2.86 -21.13 -27.60
C GLU J 7 3.36 -21.21 -29.03
N PHE J 8 4.02 -22.32 -29.39
CA PHE J 8 4.50 -22.47 -30.77
C PHE J 8 3.35 -22.42 -31.75
N ALA J 9 2.28 -23.16 -31.46
CA ALA J 9 1.10 -23.16 -32.32
C ALA J 9 0.49 -21.76 -32.46
N LEU J 10 0.37 -21.03 -31.35
CA LEU J 10 -0.22 -19.69 -31.42
C LEU J 10 0.65 -18.74 -32.23
N SER J 11 1.97 -18.83 -32.05
CA SER J 11 2.86 -17.94 -32.79
C SER J 11 2.82 -18.25 -34.29
N LEU J 12 2.73 -19.53 -34.63
CA LEU J 12 2.55 -19.92 -36.03
C LEU J 12 1.24 -19.37 -36.59
N LEU J 13 0.14 -19.46 -35.81
CA LEU J 13 -1.11 -18.85 -36.26
C LEU J 13 -0.91 -17.37 -36.52
N ARG J 14 -0.10 -16.72 -35.68
CA ARG J 14 0.08 -15.28 -35.82
C ARG J 14 0.86 -14.94 -37.09
N LYS J 15 1.85 -15.75 -37.45
CA LYS J 15 2.77 -15.32 -38.50
C LYS J 15 2.72 -16.14 -39.79
N ASN J 16 2.37 -17.42 -39.73
CA ASN J 16 2.61 -18.28 -40.88
C ASN J 16 1.43 -19.13 -41.33
N ILE J 17 0.44 -19.38 -40.48
CA ILE J 17 -0.68 -20.26 -40.83
C ILE J 17 -1.85 -19.36 -41.23
N MET J 18 -2.40 -19.59 -42.41
CA MET J 18 -3.48 -18.76 -42.93
C MET J 18 -4.64 -19.63 -43.41
N THR J 19 -5.74 -18.95 -43.72
CA THR J 19 -6.82 -19.53 -44.49
C THR J 19 -6.58 -19.23 -45.95
N ILE J 20 -6.50 -20.27 -46.78
CA ILE J 20 -6.41 -20.11 -48.23
C ILE J 20 -7.69 -20.61 -48.86
N THR J 21 -8.37 -19.75 -49.61
CA THR J 21 -9.61 -20.09 -50.28
C THR J 21 -9.36 -20.30 -51.77
N THR J 22 -9.69 -21.49 -52.27
CA THR J 22 -9.73 -21.75 -53.71
C THR J 22 -11.17 -22.00 -54.13
N SER J 23 -11.37 -22.35 -55.41
CA SER J 23 -12.71 -22.68 -55.86
C SER J 23 -13.26 -23.95 -55.19
N LYS J 24 -12.41 -24.75 -54.56
CA LYS J 24 -12.86 -25.90 -53.81
C LYS J 24 -13.15 -25.60 -52.35
N GLY J 25 -12.99 -24.34 -51.91
CA GLY J 25 -13.31 -24.05 -50.52
C GLY J 25 -12.13 -23.55 -49.72
N GLU J 26 -12.26 -23.64 -48.39
CA GLU J 26 -11.29 -23.10 -47.45
C GLU J 26 -10.36 -24.20 -46.96
N PHE J 27 -9.06 -23.91 -46.98
CA PHE J 27 -8.05 -24.84 -46.52
C PHE J 27 -7.09 -24.10 -45.59
N THR J 28 -6.40 -24.85 -44.76
CA THR J 28 -5.32 -24.25 -44.01
C THR J 28 -4.07 -24.24 -44.88
N GLY J 29 -3.34 -23.12 -44.87
CA GLY J 29 -2.10 -22.99 -45.62
C GLY J 29 -0.96 -22.61 -44.69
N LEU J 30 0.26 -23.03 -45.05
CA LEU J 30 1.44 -22.76 -44.22
C LEU J 30 2.47 -21.97 -45.02
N GLY J 31 2.73 -20.73 -44.61
CA GLY J 31 3.82 -19.97 -45.19
C GLY J 31 5.17 -20.49 -44.70
N ILE J 32 6.09 -20.71 -45.63
CA ILE J 32 7.39 -21.31 -45.34
C ILE J 32 8.47 -20.25 -45.17
N HIS J 33 8.54 -19.31 -46.10
CA HIS J 33 9.53 -18.24 -46.13
C HIS J 33 9.16 -17.36 -47.31
N ASP J 34 9.63 -16.11 -47.28
CA ASP J 34 9.37 -15.15 -48.35
C ASP J 34 7.89 -15.09 -48.67
N ARG J 35 7.52 -15.38 -49.93
CA ARG J 35 6.12 -15.49 -50.34
C ARG J 35 5.78 -16.91 -50.75
N VAL J 36 6.53 -17.89 -50.28
CA VAL J 36 6.29 -19.29 -50.59
C VAL J 36 5.40 -19.88 -49.51
N CYS J 37 4.33 -20.55 -49.91
CA CYS J 37 3.51 -21.26 -48.93
C CYS J 37 3.10 -22.61 -49.50
N VAL J 38 2.54 -23.43 -48.64
CA VAL J 38 2.20 -24.82 -48.95
C VAL J 38 0.72 -25.04 -48.65
N ILE J 39 0.04 -25.76 -49.54
CA ILE J 39 -1.34 -26.20 -49.35
C ILE J 39 -1.52 -27.59 -49.95
N PRO J 40 -2.56 -28.31 -49.53
CA PRO J 40 -2.86 -29.59 -50.19
C PRO J 40 -3.15 -29.42 -51.67
N THR J 41 -2.59 -30.33 -52.47
CA THR J 41 -2.86 -30.33 -53.92
C THR J 41 -4.34 -30.48 -54.22
N HIS J 42 -5.06 -31.23 -53.38
CA HIS J 42 -6.51 -31.37 -53.51
C HIS J 42 -7.24 -30.03 -53.54
N ALA J 43 -6.64 -28.96 -53.00
CA ALA J 43 -7.30 -27.66 -53.02
C ALA J 43 -7.36 -27.05 -54.41
N GLN J 44 -6.50 -27.50 -55.32
CA GLN J 44 -6.47 -27.04 -56.71
C GLN J 44 -6.51 -25.52 -56.85
N PRO J 45 -5.45 -24.82 -56.47
CA PRO J 45 -5.43 -23.37 -56.63
C PRO J 45 -5.37 -22.98 -58.10
N GLY J 46 -6.10 -21.91 -58.43
CA GLY J 46 -6.10 -21.35 -59.76
C GLY J 46 -5.07 -20.25 -59.89
N ASP J 47 -5.40 -19.21 -60.67
CA ASP J 47 -4.51 -18.07 -60.82
C ASP J 47 -4.62 -17.09 -59.66
N ASP J 48 -5.73 -17.12 -58.92
CA ASP J 48 -5.93 -16.32 -57.73
C ASP J 48 -6.41 -17.19 -56.59
N VAL J 49 -6.05 -16.81 -55.37
CA VAL J 49 -6.60 -17.38 -54.16
C VAL J 49 -6.99 -16.24 -53.24
N LEU J 50 -7.76 -16.56 -52.20
CA LEU J 50 -7.89 -15.65 -51.06
C LEU J 50 -6.95 -16.14 -49.96
N VAL J 51 -6.20 -15.20 -49.40
CA VAL J 51 -5.37 -15.38 -48.20
C VAL J 51 -6.04 -14.56 -47.10
N ASN J 52 -6.57 -15.24 -46.09
CA ASN J 52 -7.38 -14.62 -45.03
C ASN J 52 -8.37 -13.61 -45.60
N GLY J 53 -9.07 -14.00 -46.67
CA GLY J 53 -10.11 -13.17 -47.24
C GLY J 53 -9.66 -12.18 -48.31
N GLN J 54 -8.36 -11.94 -48.43
CA GLN J 54 -7.83 -11.00 -49.42
C GLN J 54 -7.46 -11.72 -50.71
N LYS J 55 -7.89 -11.17 -51.86
CA LYS J 55 -7.53 -11.77 -53.14
C LYS J 55 -6.05 -11.52 -53.44
N ILE J 56 -5.36 -12.60 -53.79
CA ILE J 56 -3.94 -12.60 -54.04
C ILE J 56 -3.73 -13.42 -55.30
N ARG J 57 -2.96 -12.85 -56.23
CA ARG J 57 -2.60 -13.53 -57.46
C ARG J 57 -1.49 -14.56 -57.21
N VAL J 58 -1.59 -15.71 -57.88
CA VAL J 58 -0.58 -16.76 -57.73
C VAL J 58 0.50 -16.52 -58.78
N LYS J 59 1.68 -16.10 -58.34
CA LYS J 59 2.80 -15.91 -59.27
C LYS J 59 3.30 -17.24 -59.79
N ASP J 60 3.31 -18.28 -58.94
CA ASP J 60 3.77 -19.58 -59.40
C ASP J 60 3.13 -20.68 -58.58
N LYS J 61 2.99 -21.85 -59.19
CA LYS J 61 2.36 -23.01 -58.55
C LYS J 61 3.05 -24.27 -59.03
N TYR J 62 3.29 -25.21 -58.10
CA TYR J 62 3.79 -26.50 -58.55
C TYR J 62 3.60 -27.54 -57.45
N LYS J 63 3.41 -28.79 -57.87
CA LYS J 63 3.32 -29.91 -56.95
C LYS J 63 4.71 -30.33 -56.48
N LEU J 64 4.77 -31.05 -55.36
CA LEU J 64 6.04 -31.51 -54.81
C LEU J 64 6.21 -32.99 -55.17
N VAL J 65 7.45 -33.46 -55.08
CA VAL J 65 7.78 -34.82 -55.51
C VAL J 65 8.84 -35.39 -54.59
N ASP J 66 8.72 -36.69 -54.30
CA ASP J 66 9.70 -37.46 -53.52
C ASP J 66 10.11 -36.78 -52.21
N LEU J 72 4.25 -36.65 -52.77
CA LEU J 72 3.11 -36.02 -53.41
C LEU J 72 2.19 -35.42 -52.35
N GLU J 73 0.98 -35.03 -52.77
CA GLU J 73 -0.11 -34.47 -51.98
C GLU J 73 -0.01 -32.98 -51.68
N LEU J 74 1.18 -32.38 -51.82
CA LEU J 74 1.35 -30.98 -51.48
C LEU J 74 1.71 -30.14 -52.70
N THR J 75 1.22 -28.89 -52.70
CA THR J 75 1.47 -27.91 -53.74
C THR J 75 2.05 -26.65 -53.11
N VAL J 76 3.08 -26.12 -53.74
CA VAL J 76 3.77 -24.90 -53.33
C VAL J 76 3.24 -23.76 -54.18
N LEU J 77 2.87 -22.67 -53.52
CA LEU J 77 2.43 -21.44 -54.17
C LEU J 77 3.43 -20.32 -53.87
N THR J 78 3.84 -19.61 -54.90
CA THR J 78 4.49 -18.32 -54.75
C THR J 78 3.45 -17.24 -55.01
N LEU J 79 3.18 -16.42 -53.98
CA LEU J 79 2.14 -15.42 -53.96
C LEU J 79 2.66 -14.01 -54.30
N ASP J 80 1.83 -13.23 -54.92
CA ASP J 80 2.17 -11.88 -55.23
C ASP J 80 1.60 -11.10 -54.06
N ARG J 81 2.39 -11.03 -53.02
CA ARG J 81 2.00 -10.49 -51.76
C ARG J 81 2.88 -9.47 -51.09
N ASN J 82 2.28 -8.71 -50.20
CA ASN J 82 3.04 -7.68 -49.53
C ASN J 82 3.89 -8.13 -48.36
N GLU J 83 3.27 -8.63 -47.31
CA GLU J 83 4.00 -9.09 -46.16
C GLU J 83 4.71 -10.34 -46.57
N LYS J 84 5.93 -10.57 -46.09
CA LYS J 84 6.57 -11.85 -46.37
C LYS J 84 6.47 -12.74 -45.15
N PHE J 85 6.65 -14.05 -45.36
CA PHE J 85 6.52 -14.99 -44.28
C PHE J 85 7.79 -15.06 -43.46
N ARG J 86 7.64 -15.24 -42.15
CA ARG J 86 8.78 -15.58 -41.30
C ARG J 86 9.34 -16.92 -41.73
N ASP J 87 10.67 -17.00 -41.84
CA ASP J 87 11.36 -18.21 -42.31
C ASP J 87 11.28 -19.27 -41.22
N ILE J 88 10.41 -20.28 -41.42
CA ILE J 88 10.25 -21.36 -40.47
C ILE J 88 10.92 -22.66 -40.96
N ARG J 89 11.73 -22.58 -42.01
CA ARG J 89 12.40 -23.76 -42.56
C ARG J 89 13.31 -24.45 -41.55
N GLY J 90 13.92 -23.69 -40.64
CA GLY J 90 14.76 -24.33 -39.62
C GLY J 90 14.01 -25.25 -38.68
N PHE J 91 12.68 -25.10 -38.59
CA PHE J 91 11.87 -25.97 -37.75
C PHE J 91 11.40 -27.21 -38.47
N ILE J 92 11.54 -27.27 -39.79
CA ILE J 92 11.06 -28.44 -40.51
C ILE J 92 11.86 -29.64 -40.02
N SER J 93 11.15 -30.66 -39.53
CA SER J 93 11.81 -31.78 -38.88
C SER J 93 11.21 -33.09 -39.38
N GLU J 94 12.06 -34.13 -39.41
CA GLU J 94 11.65 -35.51 -39.66
C GLU J 94 11.85 -36.36 -38.41
N ASP J 95 12.02 -35.74 -37.25
CA ASP J 95 12.29 -36.40 -35.98
C ASP J 95 10.98 -36.64 -35.24
N LEU J 96 10.35 -37.79 -35.53
CA LEU J 96 8.99 -38.08 -35.07
C LEU J 96 8.97 -39.03 -33.88
N GLU J 97 10.02 -39.01 -33.05
CA GLU J 97 10.14 -39.99 -31.96
C GLU J 97 9.92 -39.34 -30.61
N GLY J 98 9.06 -39.95 -29.79
CA GLY J 98 8.71 -39.36 -28.52
C GLY J 98 7.77 -38.18 -28.59
N VAL J 99 7.04 -38.00 -29.69
CA VAL J 99 6.38 -36.73 -29.94
C VAL J 99 4.87 -36.88 -29.82
N ASP J 100 4.31 -36.15 -28.86
CA ASP J 100 2.90 -35.82 -28.83
C ASP J 100 2.73 -34.58 -29.70
N ALA J 101 2.06 -34.72 -30.83
CA ALA J 101 1.98 -33.62 -31.79
C ALA J 101 0.69 -32.82 -31.62
N THR J 102 0.70 -31.61 -32.14
CA THR J 102 -0.51 -30.82 -32.25
C THR J 102 -0.79 -30.60 -33.72
N LEU J 103 -2.07 -30.45 -34.04
CA LEU J 103 -2.51 -30.13 -35.38
C LEU J 103 -3.13 -28.74 -35.32
N VAL J 104 -2.57 -27.80 -36.08
CA VAL J 104 -2.96 -26.40 -36.05
C VAL J 104 -3.76 -26.10 -37.31
N VAL J 105 -5.02 -25.74 -37.12
CA VAL J 105 -5.96 -25.54 -38.20
C VAL J 105 -6.45 -24.10 -38.16
N HIS J 106 -6.66 -23.54 -39.37
CA HIS J 106 -7.23 -22.20 -39.52
C HIS J 106 -8.04 -22.14 -40.82
N SER J 107 -9.14 -22.85 -40.82
CA SER J 107 -10.04 -22.89 -41.95
C SER J 107 -11.39 -23.36 -41.52
N ASN J 108 -12.39 -22.99 -42.27
CA ASN J 108 -13.79 -23.31 -42.02
C ASN J 108 -14.25 -22.87 -40.66
N ASN J 109 -14.94 -23.70 -39.92
CA ASN J 109 -15.32 -23.28 -38.60
C ASN J 109 -14.16 -23.46 -37.64
N PHE J 110 -13.14 -24.17 -38.04
CA PHE J 110 -11.99 -24.38 -37.20
C PHE J 110 -10.90 -23.29 -37.24
N THR J 111 -11.22 -22.08 -36.86
CA THR J 111 -10.28 -21.00 -36.82
C THR J 111 -9.50 -21.03 -35.55
N ASN J 112 -8.24 -20.68 -35.60
CA ASN J 112 -7.39 -20.65 -34.41
C ASN J 112 -7.57 -21.91 -33.57
N THR J 113 -7.44 -23.06 -34.22
CA THR J 113 -7.78 -24.33 -33.60
C THR J 113 -6.52 -25.16 -33.41
N ILE J 114 -6.29 -25.58 -32.18
CA ILE J 114 -5.08 -26.30 -31.79
C ILE J 114 -5.53 -27.63 -31.19
N LEU J 115 -5.37 -28.71 -31.95
CA LEU J 115 -5.77 -30.04 -31.52
C LEU J 115 -4.57 -30.81 -30.99
N GLU J 116 -4.71 -31.39 -29.80
CA GLU J 116 -3.68 -32.26 -29.24
C GLU J 116 -3.98 -33.64 -29.79
N VAL J 117 -3.13 -34.09 -30.73
CA VAL J 117 -3.45 -35.23 -31.57
C VAL J 117 -2.76 -36.51 -31.13
N GLY J 118 -1.94 -36.45 -30.08
CA GLY J 118 -1.31 -37.61 -29.48
C GLY J 118 -0.05 -38.02 -30.20
N PRO J 119 0.45 -39.22 -29.90
CA PRO J 119 1.69 -39.69 -30.54
C PRO J 119 1.48 -39.88 -32.04
N VAL J 120 2.57 -39.76 -32.78
CA VAL J 120 2.47 -39.78 -34.23
C VAL J 120 3.47 -40.79 -34.79
N THR J 121 3.11 -41.43 -35.91
CA THR J 121 4.02 -42.42 -36.47
C THR J 121 3.96 -42.45 -38.00
N MET J 122 4.97 -43.05 -38.62
CA MET J 122 4.94 -43.23 -40.06
C MET J 122 4.22 -44.54 -40.39
N ALA J 123 3.44 -44.52 -41.47
CA ALA J 123 2.60 -45.66 -41.82
C ALA J 123 2.49 -45.84 -43.32
N ARG J 135 4.71 -43.69 -47.61
CA ARG J 135 4.23 -43.68 -46.24
C ARG J 135 3.72 -42.29 -45.83
N MET J 136 2.92 -42.18 -44.82
CA MET J 136 2.44 -40.87 -44.42
C MET J 136 2.53 -40.76 -42.93
N ILE J 137 2.34 -39.60 -42.36
CA ILE J 137 2.37 -39.48 -40.94
C ILE J 137 0.99 -39.74 -40.47
N ARG J 138 0.82 -40.59 -39.50
CA ARG J 138 -0.48 -40.94 -38.99
C ARG J 138 -0.69 -40.69 -37.51
N TYR J 139 -1.87 -40.23 -37.17
CA TYR J 139 -2.22 -39.93 -35.82
C TYR J 139 -3.62 -40.39 -35.46
N ASP J 140 -3.76 -40.85 -34.26
CA ASP J 140 -5.02 -41.35 -33.83
C ASP J 140 -5.79 -40.33 -33.11
N TYR J 141 -6.63 -39.66 -33.82
CA TYR J 141 -7.43 -38.67 -33.27
C TYR J 141 -8.51 -38.68 -34.28
N ALA J 142 -9.75 -38.35 -33.93
CA ALA J 142 -10.81 -38.40 -34.92
C ALA J 142 -10.96 -37.11 -35.67
N THR J 143 -10.59 -37.19 -36.91
CA THR J 143 -10.59 -36.11 -37.82
C THR J 143 -11.90 -35.77 -38.51
N LYS J 144 -12.20 -34.51 -38.49
CA LYS J 144 -13.36 -34.01 -39.20
C LYS J 144 -12.95 -33.45 -40.57
N THR J 145 -13.94 -33.34 -41.46
CA THR J 145 -13.69 -32.65 -42.73
C THR J 145 -13.53 -31.15 -42.48
N GLY J 146 -13.06 -30.46 -43.51
CA GLY J 146 -12.82 -29.03 -43.38
C GLY J 146 -11.55 -28.68 -42.62
N GLN J 147 -10.70 -29.66 -42.31
CA GLN J 147 -9.45 -29.42 -41.63
C GLN J 147 -8.22 -29.59 -42.53
N CYS J 148 -8.42 -29.89 -43.82
CA CYS J 148 -7.28 -30.14 -44.69
C CYS J 148 -6.34 -28.95 -44.74
N GLY J 149 -5.04 -29.25 -44.79
CA GLY J 149 -4.00 -28.26 -44.74
C GLY J 149 -3.45 -28.00 -43.35
N GLY J 150 -4.11 -28.49 -42.30
CA GLY J 150 -3.66 -28.30 -40.94
C GLY J 150 -2.23 -28.73 -40.72
N VAL J 151 -1.49 -27.96 -39.92
CA VAL J 151 -0.06 -28.13 -39.77
C VAL J 151 0.22 -29.03 -38.56
N LEU J 152 0.88 -30.15 -38.82
CA LEU J 152 1.28 -31.07 -37.77
C LEU J 152 2.65 -30.64 -37.28
N CYS J 153 2.73 -30.32 -35.98
CA CYS J 153 3.92 -29.72 -35.41
C CYS J 153 4.05 -30.09 -33.93
N ALA J 154 5.19 -29.73 -33.36
CA ALA J 154 5.43 -29.73 -31.93
C ALA J 154 6.41 -28.60 -31.66
N THR J 155 6.80 -28.42 -30.40
CA THR J 155 7.65 -27.28 -30.02
C THR J 155 8.95 -27.26 -30.83
N GLY J 156 9.14 -26.18 -31.59
CA GLY J 156 10.29 -26.07 -32.46
C GLY J 156 10.33 -27.02 -33.63
N LYS J 157 9.24 -27.71 -33.94
CA LYS J 157 9.26 -28.72 -34.99
C LYS J 157 7.97 -28.65 -35.82
N ILE J 158 8.14 -28.58 -37.14
CA ILE J 158 7.05 -28.68 -38.09
C ILE J 158 7.25 -29.97 -38.88
N PHE J 159 6.31 -30.90 -38.76
CA PHE J 159 6.42 -32.23 -39.36
C PHE J 159 5.66 -32.37 -40.67
N GLY J 160 4.44 -31.86 -40.77
CA GLY J 160 3.73 -32.13 -42.00
C GLY J 160 2.45 -31.34 -42.15
N ILE J 161 1.72 -31.67 -43.22
CA ILE J 161 0.46 -31.01 -43.57
C ILE J 161 -0.66 -32.04 -43.63
N HIS J 162 -1.77 -31.75 -42.95
CA HIS J 162 -2.91 -32.65 -42.91
C HIS J 162 -3.59 -32.74 -44.28
N VAL J 163 -3.73 -33.95 -44.82
CA VAL J 163 -4.31 -34.14 -46.14
C VAL J 163 -5.45 -35.14 -46.16
N GLY J 164 -5.87 -35.66 -45.01
CA GLY J 164 -7.02 -36.53 -45.00
C GLY J 164 -7.09 -37.37 -43.74
N GLY J 165 -8.02 -38.31 -43.77
CA GLY J 165 -8.25 -39.23 -42.67
C GLY J 165 -9.16 -40.36 -43.11
N ASN J 166 -9.32 -41.34 -42.21
CA ASN J 166 -10.15 -42.51 -42.47
C ASN J 166 -11.31 -42.64 -41.49
N GLY J 167 -11.61 -41.57 -40.78
CA GLY J 167 -12.67 -41.57 -39.79
C GLY J 167 -12.23 -41.85 -38.37
N ARG J 168 -11.08 -42.52 -38.18
CA ARG J 168 -10.51 -42.65 -36.83
C ARG J 168 -9.06 -42.18 -36.74
N GLN J 169 -8.35 -42.06 -37.85
CA GLN J 169 -7.00 -41.48 -37.85
C GLN J 169 -6.88 -40.40 -38.90
N GLY J 170 -5.94 -39.49 -38.68
CA GLY J 170 -5.60 -38.50 -39.69
C GLY J 170 -4.23 -38.76 -40.30
N PHE J 171 -4.01 -38.18 -41.49
CA PHE J 171 -2.78 -38.38 -42.24
C PHE J 171 -2.20 -37.04 -42.69
N SER J 172 -0.89 -36.91 -42.54
CA SER J 172 -0.15 -35.73 -42.94
C SER J 172 0.91 -36.14 -43.94
N ALA J 173 1.00 -35.38 -45.02
CA ALA J 173 2.14 -35.48 -45.91
C ALA J 173 3.36 -34.84 -45.25
N GLN J 174 4.48 -35.53 -45.34
CA GLN J 174 5.70 -35.14 -44.66
C GLN J 174 6.37 -33.96 -45.38
N LEU J 175 6.82 -32.98 -44.61
CA LEU J 175 7.60 -31.87 -45.13
C LEU J 175 9.09 -32.12 -44.89
N LYS J 176 9.92 -31.65 -45.81
CA LYS J 176 11.37 -31.82 -45.71
C LYS J 176 12.04 -30.50 -46.04
N LYS J 177 13.15 -30.22 -45.35
CA LYS J 177 13.86 -28.98 -45.61
C LYS J 177 14.35 -28.92 -47.05
N GLN J 178 14.61 -30.08 -47.66
CA GLN J 178 15.16 -30.11 -49.01
C GLN J 178 14.18 -29.55 -50.03
N TYR J 179 12.88 -29.52 -49.69
CA TYR J 179 11.88 -28.97 -50.60
C TYR J 179 12.03 -27.47 -50.80
N PHE J 180 12.82 -26.81 -49.96
CA PHE J 180 12.96 -25.36 -50.01
C PHE J 180 14.44 -25.05 -49.92
N VAL J 181 15.01 -24.48 -50.98
CA VAL J 181 16.46 -24.38 -51.14
C VAL J 181 17.09 -23.61 -49.99
N GLN K 6 28.17 -25.42 -28.18
CA GLN K 6 28.73 -24.47 -29.14
C GLN K 6 27.93 -23.18 -29.15
N VAL K 7 26.83 -23.18 -28.40
CA VAL K 7 25.95 -22.01 -28.33
C VAL K 7 26.62 -20.90 -27.52
N GLN K 8 26.48 -19.65 -27.97
CA GLN K 8 27.09 -18.52 -27.27
C GLN K 8 26.14 -17.36 -27.11
N LEU K 9 26.13 -16.85 -25.87
CA LEU K 9 25.31 -15.71 -25.49
C LEU K 9 26.27 -14.78 -24.79
N VAL K 10 26.74 -13.77 -25.51
CA VAL K 10 27.73 -12.84 -24.99
C VAL K 10 27.02 -11.54 -24.65
N GLN K 11 27.09 -11.16 -23.38
CA GLN K 11 26.44 -9.96 -22.87
C GLN K 11 27.42 -8.79 -22.78
N SER K 12 26.88 -7.59 -22.77
CA SER K 12 27.66 -6.39 -22.59
C SER K 12 28.15 -6.27 -21.14
N GLY K 13 29.06 -5.33 -20.90
CA GLY K 13 29.78 -5.25 -19.65
C GLY K 13 29.03 -4.52 -18.53
N ALA K 14 29.64 -4.56 -17.35
CA ALA K 14 29.03 -4.02 -16.14
C ALA K 14 28.69 -2.55 -16.30
N GLU K 15 27.64 -2.11 -15.60
CA GLU K 15 27.11 -0.76 -15.68
C GLU K 15 26.90 -0.19 -14.29
N VAL K 16 27.12 1.11 -14.16
CA VAL K 16 26.83 1.87 -12.95
C VAL K 16 25.86 2.98 -13.32
N LYS K 17 24.77 3.03 -12.60
CA LYS K 17 23.74 3.98 -12.80
C LYS K 17 23.19 4.64 -11.56
N GLN K 18 22.63 5.80 -11.74
CA GLN K 18 21.99 6.52 -10.68
C GLN K 18 20.51 6.25 -10.63
N PRO K 19 19.92 6.45 -9.39
CA PRO K 19 18.48 6.19 -9.34
C PRO K 19 17.73 7.05 -10.29
N GLY K 20 16.70 6.50 -10.88
CA GLY K 20 15.88 7.21 -11.83
C GLY K 20 16.29 7.17 -13.26
N SER K 21 17.45 6.70 -13.58
CA SER K 21 17.86 6.57 -14.97
C SER K 21 17.52 5.17 -15.48
N SER K 22 18.07 4.79 -16.63
CA SER K 22 17.73 3.53 -17.25
C SER K 22 19.00 2.82 -17.73
N VAL K 23 18.90 1.51 -17.90
CA VAL K 23 20.05 0.70 -18.31
C VAL K 23 19.62 -0.22 -19.44
N LYS K 24 20.50 -0.37 -20.42
CA LYS K 24 20.29 -1.28 -21.54
C LYS K 24 21.39 -2.34 -21.53
N VAL K 25 20.99 -3.60 -21.53
CA VAL K 25 21.91 -4.72 -21.55
C VAL K 25 21.67 -5.49 -22.84
N SER K 26 22.76 -5.91 -23.49
CA SER K 26 22.70 -6.62 -24.75
C SER K 26 23.13 -8.07 -24.57
N CYS K 27 22.69 -8.90 -25.52
CA CYS K 27 23.00 -10.33 -25.54
C CYS K 27 23.16 -10.72 -27.00
N LYS K 28 24.39 -11.06 -27.38
CA LYS K 28 24.70 -11.38 -28.76
C LYS K 28 24.85 -12.88 -28.95
N THR K 29 24.26 -13.39 -30.02
CA THR K 29 24.41 -14.79 -30.36
C THR K 29 24.61 -14.86 -31.87
N SER K 30 24.68 -16.08 -32.40
CA SER K 30 24.90 -16.26 -33.82
C SER K 30 23.60 -16.05 -34.59
N GLY K 31 23.73 -15.94 -35.92
CA GLY K 31 22.57 -15.71 -36.76
C GLY K 31 21.58 -16.87 -36.77
N ASP K 32 22.10 -18.11 -36.81
CA ASP K 32 21.23 -19.29 -36.76
C ASP K 32 20.40 -19.33 -35.48
N ILE K 33 21.03 -19.15 -34.32
CA ILE K 33 20.29 -19.25 -33.05
C ILE K 33 19.30 -18.10 -32.91
N PHE K 34 19.73 -16.87 -33.26
CA PHE K 34 18.87 -15.68 -33.14
C PHE K 34 17.58 -15.84 -33.93
N SER K 35 17.65 -16.44 -35.11
CA SER K 35 16.49 -16.52 -35.98
C SER K 35 15.64 -17.74 -35.70
N THR K 36 15.97 -18.52 -34.66
CA THR K 36 15.27 -19.75 -34.33
C THR K 36 14.74 -19.82 -32.91
N TYR K 37 15.45 -19.25 -31.92
CA TYR K 37 15.13 -19.47 -30.53
C TYR K 37 14.51 -18.25 -29.86
N GLY K 38 13.93 -18.50 -28.69
CA GLY K 38 13.52 -17.45 -27.78
C GLY K 38 14.56 -17.28 -26.71
N PHE K 39 14.51 -16.12 -26.06
CA PHE K 39 15.49 -15.69 -25.07
C PHE K 39 14.77 -15.03 -23.92
N ASN K 40 15.30 -15.23 -22.72
CA ASN K 40 14.68 -14.73 -21.50
C ASN K 40 15.70 -13.95 -20.70
N TRP K 41 15.22 -12.95 -20.00
CA TRP K 41 16.02 -12.14 -19.09
C TRP K 41 15.65 -12.51 -17.67
N VAL K 42 16.66 -12.85 -16.87
CA VAL K 42 16.50 -13.27 -15.49
C VAL K 42 17.51 -12.49 -14.65
N ARG K 43 17.09 -11.95 -13.53
CA ARG K 43 18.05 -11.21 -12.72
C ARG K 43 18.20 -11.84 -11.34
N GLN K 44 19.26 -11.43 -10.67
CA GLN K 44 19.62 -11.98 -9.36
C GLN K 44 20.33 -10.91 -8.56
N ALA K 45 19.66 -10.38 -7.54
CA ALA K 45 20.27 -9.43 -6.62
C ALA K 45 21.27 -10.16 -5.70
N PRO K 46 22.22 -9.42 -5.11
CA PRO K 46 23.30 -10.07 -4.34
C PRO K 46 22.76 -10.88 -3.16
N GLY K 47 23.14 -12.15 -3.13
CA GLY K 47 22.65 -13.05 -2.10
C GLY K 47 21.21 -13.48 -2.21
N GLN K 48 20.50 -13.15 -3.29
CA GLN K 48 19.09 -13.53 -3.37
C GLN K 48 18.87 -14.49 -4.54
N GLY K 49 17.59 -14.79 -4.81
CA GLY K 49 17.24 -15.80 -5.80
C GLY K 49 17.09 -15.25 -7.21
N LEU K 50 16.80 -16.17 -8.12
CA LEU K 50 16.61 -15.82 -9.51
C LEU K 50 15.20 -15.29 -9.71
N GLU K 51 15.07 -14.25 -10.54
CA GLU K 51 13.79 -13.60 -10.80
C GLU K 51 13.63 -13.45 -12.30
N TRP K 52 12.58 -14.06 -12.85
CA TRP K 52 12.31 -13.97 -14.27
C TRP K 52 11.74 -12.59 -14.61
N MET K 53 12.23 -12.01 -15.72
CA MET K 53 11.79 -10.67 -16.10
C MET K 53 10.92 -10.62 -17.35
N GLY K 54 11.23 -11.42 -18.37
CA GLY K 54 10.56 -11.34 -19.65
C GLY K 54 11.36 -12.08 -20.69
N GLY K 55 10.86 -12.06 -21.92
CA GLY K 55 11.48 -12.80 -23.00
C GLY K 55 10.96 -12.42 -24.36
N ILE K 56 11.72 -12.82 -25.37
CA ILE K 56 11.44 -12.44 -26.75
C ILE K 56 11.85 -13.61 -27.65
N ALA K 57 10.98 -13.96 -28.59
CA ALA K 57 11.33 -14.87 -29.68
C ALA K 57 11.28 -14.06 -30.96
N PRO K 58 12.43 -13.64 -31.49
CA PRO K 58 12.42 -12.71 -32.64
C PRO K 58 11.75 -13.30 -33.86
N VAL K 59 11.91 -14.60 -34.12
CA VAL K 59 11.35 -15.19 -35.33
C VAL K 59 9.85 -14.92 -35.44
N PHE K 60 9.14 -14.87 -34.31
CA PHE K 60 7.69 -14.65 -34.32
C PHE K 60 7.28 -13.36 -33.62
N ASP K 61 8.23 -12.50 -33.23
CA ASP K 61 7.96 -11.32 -32.40
C ASP K 61 7.17 -11.67 -31.14
N THR K 62 7.49 -12.80 -30.51
CA THR K 62 6.82 -13.14 -29.26
C THR K 62 7.46 -12.35 -28.12
N LEU K 63 6.65 -11.61 -27.38
CA LEU K 63 7.09 -10.83 -26.23
C LEU K 63 6.32 -11.25 -24.99
N LYS K 64 7.03 -11.43 -23.88
CA LYS K 64 6.38 -11.71 -22.61
C LYS K 64 7.05 -10.88 -21.54
N TYR K 65 6.24 -10.29 -20.67
CA TYR K 65 6.75 -9.44 -19.60
C TYR K 65 6.23 -9.89 -18.25
N ALA K 66 7.12 -9.90 -17.26
CA ALA K 66 6.64 -10.09 -15.90
C ALA K 66 5.83 -8.87 -15.46
N GLN K 67 4.70 -9.14 -14.81
CA GLN K 67 3.86 -8.07 -14.29
C GLN K 67 4.64 -7.12 -13.40
N ARG K 68 5.63 -7.64 -12.65
CA ARG K 68 6.39 -6.83 -11.71
C ARG K 68 7.17 -5.73 -12.40
N PHE K 69 7.54 -5.94 -13.67
CA PHE K 69 8.31 -4.96 -14.41
C PHE K 69 7.51 -4.29 -15.51
N GLN K 70 6.25 -4.71 -15.69
CA GLN K 70 5.42 -4.17 -16.77
C GLN K 70 5.33 -2.66 -16.64
N GLY K 71 5.60 -1.96 -17.72
CA GLY K 71 5.55 -0.51 -17.74
C GLY K 71 6.90 0.16 -17.62
N ARG K 72 7.93 -0.57 -17.18
CA ARG K 72 9.23 0.06 -17.12
C ARG K 72 10.32 -0.86 -17.67
N LEU K 73 9.94 -1.91 -18.38
CA LEU K 73 10.87 -2.84 -19.02
C LEU K 73 10.53 -2.93 -20.49
N LEU K 74 11.54 -2.79 -21.35
CA LEU K 74 11.39 -2.92 -22.79
C LEU K 74 12.40 -3.96 -23.30
N ILE K 75 11.90 -5.02 -23.94
CA ILE K 75 12.77 -6.06 -24.48
C ILE K 75 12.71 -5.99 -25.99
N THR K 76 13.89 -6.01 -26.63
CA THR K 76 13.92 -5.83 -28.09
C THR K 76 14.90 -6.81 -28.72
N ALA K 77 14.91 -6.79 -30.05
CA ALA K 77 15.74 -7.68 -30.84
C ALA K 77 16.20 -6.90 -32.05
N ASP K 78 17.42 -7.16 -32.50
CA ASP K 78 17.97 -6.53 -33.69
C ASP K 78 18.66 -7.59 -34.54
N GLU K 79 18.17 -7.74 -35.77
CA GLU K 79 18.63 -8.79 -36.67
C GLU K 79 20.02 -8.49 -37.24
N SER K 80 20.29 -7.23 -37.59
CA SER K 80 21.61 -6.87 -38.08
C SER K 80 22.69 -7.20 -37.05
N ALA K 81 22.39 -7.02 -35.77
CA ALA K 81 23.31 -7.37 -34.69
C ALA K 81 23.10 -8.79 -34.17
N THR K 82 22.09 -9.51 -34.66
CA THR K 82 21.65 -10.81 -34.09
C THR K 82 21.74 -10.79 -32.56
N SER K 83 21.13 -9.78 -31.97
CA SER K 83 21.21 -9.59 -30.53
C SER K 83 19.82 -9.30 -29.98
N VAL K 84 19.62 -9.65 -28.72
CA VAL K 84 18.44 -9.24 -27.97
C VAL K 84 18.89 -8.30 -26.86
N TYR K 85 17.93 -7.53 -26.36
CA TYR K 85 18.25 -6.44 -25.43
C TYR K 85 17.17 -6.35 -24.37
N MET K 86 17.55 -5.85 -23.21
CA MET K 86 16.61 -5.45 -22.19
C MET K 86 16.93 -4.02 -21.78
N GLU K 87 15.89 -3.22 -21.57
CA GLU K 87 16.03 -1.85 -21.10
C GLU K 87 15.14 -1.68 -19.89
N LEU K 88 15.74 -1.44 -18.73
CA LEU K 88 15.00 -1.26 -17.49
C LEU K 88 15.10 0.20 -17.08
N SER K 89 13.96 0.84 -16.80
CA SER K 89 13.89 2.26 -16.54
C SER K 89 13.49 2.52 -15.10
N SER K 90 13.56 3.79 -14.73
CA SER K 90 13.28 4.23 -13.35
C SER K 90 14.04 3.39 -12.34
N LEU K 91 15.35 3.28 -12.55
CA LEU K 91 16.16 2.40 -11.72
C LEU K 91 16.08 2.84 -10.24
N ARG K 92 15.95 1.85 -9.37
CA ARG K 92 16.02 2.03 -7.93
C ARG K 92 17.19 1.20 -7.42
N SER K 93 17.61 1.46 -6.19
CA SER K 93 18.78 0.73 -5.71
C SER K 93 18.46 -0.76 -5.56
N ASP K 94 17.18 -1.11 -5.39
CA ASP K 94 16.71 -2.49 -5.44
C ASP K 94 16.92 -3.17 -6.79
N ASP K 95 17.28 -2.42 -7.83
CA ASP K 95 17.54 -2.99 -9.14
C ASP K 95 19.00 -3.42 -9.32
N THR K 96 19.85 -3.15 -8.34
CA THR K 96 21.22 -3.68 -8.36
C THR K 96 21.18 -5.20 -8.43
N ALA K 97 21.77 -5.76 -9.48
CA ALA K 97 21.63 -7.20 -9.70
C ALA K 97 22.55 -7.61 -10.84
N VAL K 98 22.77 -8.92 -10.95
CA VAL K 98 23.31 -9.49 -12.16
C VAL K 98 22.13 -9.85 -13.06
N TYR K 99 22.18 -9.41 -14.31
CA TYR K 99 21.14 -9.66 -15.30
C TYR K 99 21.64 -10.70 -16.29
N TYR K 100 20.89 -11.79 -16.45
CA TYR K 100 21.25 -12.91 -17.30
C TYR K 100 20.35 -12.95 -18.52
N CYS K 101 20.96 -13.17 -19.65
CA CYS K 101 20.30 -13.60 -20.87
C CYS K 101 20.36 -15.13 -20.92
N ALA K 102 19.25 -15.78 -21.26
CA ALA K 102 19.21 -17.24 -21.31
C ALA K 102 18.33 -17.70 -22.46
N ARG K 103 18.77 -18.74 -23.16
CA ARG K 103 18.02 -19.29 -24.29
C ARG K 103 16.97 -20.29 -23.82
N ALA K 104 15.76 -20.12 -24.31
CA ALA K 104 14.72 -21.13 -24.15
C ALA K 104 14.97 -22.29 -25.11
N GLY K 105 14.77 -23.51 -24.63
CA GLY K 105 15.09 -24.69 -25.43
C GLY K 105 14.14 -24.96 -26.58
N GLN K 106 14.62 -25.84 -27.48
CA GLN K 106 13.85 -26.46 -28.59
C GLN K 106 13.56 -25.51 -29.75
N GLY K 107 13.22 -24.24 -29.46
CA GLY K 107 13.04 -23.29 -30.54
C GLY K 107 11.64 -22.71 -30.71
N GLY K 108 11.59 -21.46 -31.17
CA GLY K 108 10.35 -20.82 -31.56
C GLY K 108 9.49 -20.31 -30.42
N VAL K 109 9.92 -20.46 -29.17
CA VAL K 109 9.09 -20.14 -28.02
C VAL K 109 9.92 -19.41 -26.96
N VAL K 110 9.24 -18.53 -26.22
CA VAL K 110 9.81 -17.88 -25.03
C VAL K 110 9.64 -18.74 -23.79
N GLY K 111 8.43 -19.28 -23.57
CA GLY K 111 8.13 -20.05 -22.38
C GLY K 111 8.60 -21.48 -22.48
N ASN K 112 9.81 -21.75 -22.01
CA ASN K 112 10.37 -23.10 -21.99
C ASN K 112 11.52 -23.13 -21.01
N TYR K 113 12.02 -24.33 -20.73
CA TYR K 113 13.21 -24.43 -19.91
C TYR K 113 14.39 -23.72 -20.58
N LEU K 114 15.32 -23.25 -19.75
CA LEU K 114 16.42 -22.41 -20.20
C LEU K 114 17.71 -23.25 -20.24
N ASP K 115 18.17 -23.60 -21.44
CA ASP K 115 19.28 -24.54 -21.51
C ASP K 115 20.66 -23.90 -21.68
N TYR K 116 20.75 -22.65 -22.13
CA TYR K 116 22.05 -21.98 -22.20
C TYR K 116 21.91 -20.59 -21.62
N TRP K 117 22.89 -20.19 -20.84
CA TRP K 117 22.86 -18.90 -20.16
C TRP K 117 24.07 -18.07 -20.57
N GLY K 118 23.88 -16.78 -20.74
CA GLY K 118 24.99 -15.87 -20.89
C GLY K 118 25.74 -15.73 -19.58
N GLN K 119 26.86 -14.99 -19.63
CA GLN K 119 27.76 -14.88 -18.48
C GLN K 119 27.24 -13.93 -17.41
N GLY K 120 26.23 -13.13 -17.69
CA GLY K 120 25.73 -12.18 -16.72
C GLY K 120 26.29 -10.78 -16.92
N THR K 121 25.49 -9.78 -16.55
CA THR K 121 25.89 -8.38 -16.59
C THR K 121 25.55 -7.73 -15.24
N LEU K 122 26.57 -7.23 -14.55
CA LEU K 122 26.35 -6.57 -13.27
C LEU K 122 25.85 -5.15 -13.51
N VAL K 123 24.70 -4.81 -12.90
CA VAL K 123 24.16 -3.47 -12.90
C VAL K 123 24.13 -2.98 -11.46
N THR K 124 24.81 -1.87 -11.19
CA THR K 124 24.86 -1.28 -9.86
C THR K 124 24.10 0.04 -9.89
N VAL K 125 23.08 0.19 -9.05
CA VAL K 125 22.38 1.45 -8.89
C VAL K 125 22.86 2.04 -7.57
N SER K 126 23.59 3.15 -7.66
CA SER K 126 24.12 3.86 -6.48
C SER K 126 23.05 4.74 -5.86
N SER K 127 22.43 4.27 -4.78
CA SER K 127 21.49 5.10 -4.02
C SER K 127 22.18 6.35 -3.47
N ASP L 1 -2.13 -15.02 -7.39
CA ASP L 1 -0.85 -15.03 -8.08
C ASP L 1 -0.17 -16.42 -8.11
N ILE L 2 1.09 -16.51 -8.50
CA ILE L 2 1.77 -17.80 -8.51
C ILE L 2 2.88 -17.94 -7.54
N GLN L 3 2.86 -19.12 -6.94
CA GLN L 3 3.82 -19.48 -5.98
C GLN L 3 4.52 -20.71 -6.38
N MET L 4 5.82 -20.65 -6.21
CA MET L 4 6.69 -21.73 -6.42
C MET L 4 7.45 -21.72 -5.13
N THR L 5 7.17 -22.67 -4.26
CA THR L 5 7.87 -22.74 -2.97
C THR L 5 8.73 -23.99 -2.90
N GLN L 6 9.92 -23.84 -2.33
CA GLN L 6 10.84 -24.95 -2.19
C GLN L 6 11.04 -25.27 -0.72
N SER L 7 11.36 -26.53 -0.45
CA SER L 7 11.61 -26.93 0.90
C SER L 7 12.65 -28.02 0.90
N PRO L 8 13.66 -27.95 1.77
CA PRO L 8 13.87 -26.79 2.64
C PRO L 8 14.43 -25.62 1.85
N SER L 9 14.64 -24.47 2.48
CA SER L 9 15.34 -23.40 1.79
C SER L 9 16.86 -23.50 1.92
N SER L 10 17.36 -24.25 2.91
CA SER L 10 18.81 -24.47 3.00
C SER L 10 19.06 -25.67 3.88
N LEU L 11 20.17 -26.34 3.62
CA LEU L 11 20.57 -27.47 4.45
C LEU L 11 22.08 -27.68 4.36
N SER L 12 22.63 -28.33 5.37
CA SER L 12 24.02 -28.75 5.41
C SER L 12 24.04 -30.27 5.57
N ALA L 13 24.71 -30.94 4.65
CA ALA L 13 24.82 -32.39 4.66
C ALA L 13 26.29 -32.77 4.50
N SER L 14 26.53 -34.07 4.41
CA SER L 14 27.85 -34.65 4.28
C SER L 14 28.02 -35.24 2.89
N VAL L 15 29.29 -35.34 2.46
CA VAL L 15 29.60 -36.04 1.23
C VAL L 15 29.06 -37.47 1.32
N GLY L 16 28.36 -37.90 0.28
CA GLY L 16 27.76 -39.23 0.24
C GLY L 16 26.32 -39.28 0.71
N ASP L 17 25.80 -38.23 1.33
CA ASP L 17 24.41 -38.26 1.78
C ASP L 17 23.45 -38.19 0.60
N ARG L 18 22.29 -38.81 0.80
CA ARG L 18 21.13 -38.62 -0.06
C ARG L 18 20.43 -37.31 0.29
N VAL L 19 20.17 -36.46 -0.69
CA VAL L 19 19.55 -35.16 -0.48
C VAL L 19 18.28 -35.06 -1.30
N THR L 20 17.21 -34.58 -0.68
CA THR L 20 15.92 -34.45 -1.33
C THR L 20 15.41 -33.03 -1.16
N ILE L 21 15.01 -32.40 -2.25
CA ILE L 21 14.49 -31.05 -2.26
C ILE L 21 13.11 -31.08 -2.91
N THR L 22 12.13 -30.44 -2.31
CA THR L 22 10.81 -30.42 -2.91
C THR L 22 10.49 -29.02 -3.42
N CYS L 23 9.58 -29.00 -4.38
CA CYS L 23 9.06 -27.81 -4.99
C CYS L 23 7.55 -28.00 -5.10
N ARG L 24 6.79 -27.00 -4.66
CA ARG L 24 5.35 -27.00 -4.80
C ARG L 24 4.93 -25.81 -5.66
N ALA L 25 4.08 -26.08 -6.64
CA ALA L 25 3.41 -25.05 -7.41
C ALA L 25 2.02 -24.83 -6.84
N SER L 26 1.64 -23.57 -6.64
CA SER L 26 0.30 -23.27 -6.13
C SER L 26 -0.79 -23.71 -7.10
N GLN L 27 -0.49 -23.69 -8.39
CA GLN L 27 -1.38 -24.18 -9.43
C GLN L 27 -0.73 -25.37 -10.13
N GLY L 28 -1.57 -26.28 -10.64
CA GLY L 28 -1.02 -27.41 -11.39
C GLY L 28 -0.31 -26.91 -12.64
N ILE L 29 0.87 -27.49 -12.93
CA ILE L 29 1.66 -27.05 -14.08
C ILE L 29 2.03 -28.24 -14.95
N SER L 30 1.29 -29.34 -14.83
CA SER L 30 1.59 -30.59 -15.52
C SER L 30 3.02 -30.98 -15.19
N ASN L 31 3.89 -31.27 -16.18
CA ASN L 31 5.30 -31.54 -15.90
C ASN L 31 6.21 -30.46 -16.48
N TYR L 32 5.69 -29.24 -16.63
CA TYR L 32 6.46 -28.13 -17.19
C TYR L 32 7.30 -27.49 -16.08
N LEU L 33 8.25 -28.27 -15.57
CA LEU L 33 9.08 -27.87 -14.45
C LEU L 33 10.55 -28.20 -14.73
N ALA L 34 11.43 -27.25 -14.44
CA ALA L 34 12.86 -27.41 -14.59
C ALA L 34 13.55 -27.22 -13.26
N TRP L 35 14.68 -27.91 -13.11
CA TRP L 35 15.60 -27.73 -12.00
C TRP L 35 16.93 -27.21 -12.52
N TYR L 36 17.43 -26.16 -11.85
CA TYR L 36 18.70 -25.50 -12.12
C TYR L 36 19.61 -25.60 -10.91
N GLN L 37 20.90 -25.71 -11.21
CA GLN L 37 21.97 -25.70 -10.22
C GLN L 37 22.79 -24.43 -10.43
N GLN L 38 22.99 -23.65 -9.35
CA GLN L 38 23.89 -22.50 -9.38
C GLN L 38 24.96 -22.70 -8.29
N LYS L 39 26.16 -23.12 -8.68
CA LYS L 39 27.28 -23.22 -7.75
C LYS L 39 27.72 -21.81 -7.33
N PRO L 40 28.29 -21.68 -6.13
CA PRO L 40 28.65 -20.34 -5.62
C PRO L 40 29.52 -19.57 -6.60
N GLY L 41 29.11 -18.34 -6.91
CA GLY L 41 29.84 -17.54 -7.88
C GLY L 41 29.76 -17.97 -9.34
N LYS L 42 28.84 -18.85 -9.71
CA LYS L 42 28.74 -19.33 -11.08
C LYS L 42 27.40 -18.93 -11.69
N VAL L 43 27.28 -19.17 -13.00
CA VAL L 43 26.05 -18.93 -13.75
C VAL L 43 25.09 -20.08 -13.52
N PRO L 44 23.78 -19.87 -13.48
CA PRO L 44 22.87 -21.01 -13.34
C PRO L 44 23.04 -21.98 -14.50
N LYS L 45 22.71 -23.24 -14.24
CA LYS L 45 22.89 -24.30 -15.23
C LYS L 45 21.71 -25.28 -15.17
N LEU L 46 21.17 -25.62 -16.35
CA LEU L 46 20.01 -26.52 -16.41
C LEU L 46 20.42 -27.94 -16.03
N LEU L 47 19.73 -28.52 -15.05
CA LEU L 47 19.92 -29.91 -14.64
C LEU L 47 18.84 -30.81 -15.20
N ILE L 48 17.57 -30.43 -15.02
CA ILE L 48 16.45 -31.31 -15.35
C ILE L 48 15.32 -30.48 -15.96
N TYR L 49 14.66 -31.03 -16.97
CA TYR L 49 13.45 -30.44 -17.53
C TYR L 49 12.37 -31.51 -17.71
N ALA L 50 11.17 -31.05 -18.04
CA ALA L 50 9.97 -31.90 -18.06
C ALA L 50 9.86 -32.70 -16.76
N ALA L 51 10.30 -32.07 -15.66
CA ALA L 51 10.22 -32.58 -14.28
C ALA L 51 11.21 -33.71 -14.00
N SER L 52 11.49 -34.58 -14.98
CA SER L 52 12.33 -35.75 -14.71
C SER L 52 13.33 -36.09 -15.80
N THR L 53 13.43 -35.31 -16.86
CA THR L 53 14.41 -35.60 -17.91
C THR L 53 15.73 -34.92 -17.57
N LEU L 54 16.78 -35.73 -17.48
CA LEU L 54 18.12 -35.20 -17.26
C LEU L 54 18.65 -34.52 -18.51
N GLN L 55 19.16 -33.30 -18.36
CA GLN L 55 19.95 -32.70 -19.42
C GLN L 55 21.19 -33.58 -19.67
N SER L 56 21.63 -33.63 -20.92
CA SER L 56 22.76 -34.50 -21.23
C SER L 56 24.03 -33.96 -20.63
N GLY L 57 24.88 -34.86 -20.15
CA GLY L 57 26.06 -34.50 -19.40
C GLY L 57 25.86 -34.47 -17.90
N VAL L 58 24.61 -34.40 -17.43
CA VAL L 58 24.34 -34.31 -16.00
C VAL L 58 24.52 -35.70 -15.38
N PRO L 59 25.25 -35.82 -14.27
CA PRO L 59 25.47 -37.14 -13.65
C PRO L 59 24.17 -37.81 -13.25
N SER L 60 24.20 -39.15 -13.22
CA SER L 60 23.01 -39.93 -12.94
C SER L 60 22.61 -39.90 -11.47
N ARG L 61 23.45 -39.37 -10.58
CA ARG L 61 23.03 -39.22 -9.19
C ARG L 61 21.95 -38.15 -9.01
N PHE L 62 21.71 -37.31 -10.02
CA PHE L 62 20.60 -36.36 -9.99
C PHE L 62 19.37 -37.01 -10.59
N SER L 63 18.22 -36.86 -9.94
CA SER L 63 16.98 -37.36 -10.54
C SER L 63 15.84 -36.47 -10.07
N GLY L 64 14.81 -36.37 -10.91
CA GLY L 64 13.64 -35.59 -10.58
C GLY L 64 12.37 -36.40 -10.77
N SER L 65 11.34 -36.03 -10.02
CA SER L 65 10.06 -36.70 -10.13
C SER L 65 8.95 -35.73 -9.81
N GLY L 66 7.73 -36.11 -10.20
CA GLY L 66 6.53 -35.35 -9.88
C GLY L 66 5.78 -34.85 -11.10
N SER L 67 4.54 -34.45 -10.89
CA SER L 67 3.68 -33.89 -11.93
C SER L 67 2.53 -33.19 -11.23
N GLY L 68 2.04 -32.13 -11.84
CA GLY L 68 0.95 -31.39 -11.23
C GLY L 68 1.37 -30.26 -10.30
N THR L 69 1.42 -30.50 -8.99
CA THR L 69 1.81 -29.47 -8.04
C THR L 69 3.04 -29.77 -7.21
N ASP L 70 3.46 -31.03 -7.09
CA ASP L 70 4.50 -31.41 -6.15
C ASP L 70 5.61 -32.13 -6.88
N PHE L 71 6.84 -31.60 -6.74
CA PHE L 71 7.99 -32.08 -7.48
C PHE L 71 9.13 -32.30 -6.50
N THR L 72 10.03 -33.21 -6.87
CA THR L 72 11.14 -33.57 -6.01
C THR L 72 12.40 -33.69 -6.84
N LEU L 73 13.48 -33.06 -6.38
CA LEU L 73 14.83 -33.27 -6.88
C LEU L 73 15.61 -34.07 -5.84
N THR L 74 16.22 -35.16 -6.29
CA THR L 74 17.01 -36.04 -5.44
C THR L 74 18.45 -36.08 -5.94
N ILE L 75 19.37 -36.01 -5.00
CA ILE L 75 20.79 -36.28 -5.21
C ILE L 75 21.10 -37.53 -4.43
N SER L 76 21.35 -38.63 -5.12
CA SER L 76 21.49 -39.91 -4.43
C SER L 76 22.76 -40.00 -3.60
N SER L 77 23.81 -39.26 -3.96
CA SER L 77 25.06 -39.28 -3.20
C SER L 77 25.76 -37.94 -3.37
N LEU L 78 25.64 -37.08 -2.35
CA LEU L 78 26.15 -35.72 -2.45
C LEU L 78 27.67 -35.71 -2.59
N GLN L 79 28.15 -35.11 -3.68
CA GLN L 79 29.55 -34.98 -4.06
C GLN L 79 30.02 -33.55 -3.82
N PRO L 80 31.33 -33.35 -3.57
CA PRO L 80 31.81 -31.99 -3.21
C PRO L 80 31.44 -30.93 -4.23
N GLU L 81 31.50 -31.28 -5.51
CA GLU L 81 31.13 -30.31 -6.54
C GLU L 81 29.64 -29.98 -6.56
N ASP L 82 28.79 -30.68 -5.80
CA ASP L 82 27.36 -30.44 -5.84
C ASP L 82 26.89 -29.31 -4.93
N VAL L 83 27.81 -28.69 -4.16
CA VAL L 83 27.45 -27.54 -3.34
C VAL L 83 26.90 -26.44 -4.23
N ALA L 84 25.71 -25.94 -3.92
CA ALA L 84 25.02 -25.05 -4.86
C ALA L 84 23.69 -24.62 -4.29
N THR L 85 23.08 -23.63 -4.92
CA THR L 85 21.66 -23.34 -4.69
C THR L 85 20.89 -23.94 -5.86
N TYR L 86 19.84 -24.70 -5.56
CA TYR L 86 19.04 -25.37 -6.57
C TYR L 86 17.71 -24.63 -6.69
N TYR L 87 17.31 -24.31 -7.91
CA TYR L 87 16.09 -23.56 -8.19
C TYR L 87 15.16 -24.42 -9.04
N CYS L 88 13.89 -24.47 -8.69
CA CYS L 88 12.90 -24.99 -9.63
C CYS L 88 12.27 -23.82 -10.40
N GLN L 89 11.67 -24.15 -11.54
CA GLN L 89 11.05 -23.14 -12.39
C GLN L 89 9.92 -23.75 -13.20
N LYS L 90 8.77 -23.10 -13.21
CA LYS L 90 7.66 -23.53 -14.05
C LYS L 90 7.79 -22.89 -15.44
N TYR L 91 7.26 -23.59 -16.44
CA TYR L 91 7.13 -22.98 -17.76
C TYR L 91 5.90 -23.50 -18.50
N ASN L 92 4.84 -23.85 -17.75
CA ASN L 92 3.53 -24.12 -18.37
C ASN L 92 3.04 -22.92 -19.16
N SER L 93 3.33 -21.72 -18.67
CA SER L 93 3.01 -20.46 -19.34
C SER L 93 3.73 -19.36 -18.58
N ALA L 94 3.85 -18.20 -19.20
CA ALA L 94 4.39 -17.05 -18.51
C ALA L 94 3.47 -16.66 -17.37
N PRO L 95 4.02 -16.17 -16.26
CA PRO L 95 5.43 -15.98 -15.96
C PRO L 95 6.20 -17.26 -15.68
N LEU L 96 7.48 -17.27 -16.06
CA LEU L 96 8.37 -18.42 -15.83
C LEU L 96 8.96 -18.32 -14.42
N THR L 97 8.10 -18.52 -13.44
CA THR L 97 8.43 -18.25 -12.04
C THR L 97 9.44 -19.25 -11.49
N PHE L 98 10.49 -18.73 -10.85
CA PHE L 98 11.45 -19.53 -10.11
C PHE L 98 10.99 -19.68 -8.68
N GLY L 99 11.24 -20.87 -8.11
CA GLY L 99 11.17 -21.03 -6.68
C GLY L 99 12.21 -20.20 -5.99
N GLN L 100 12.13 -20.14 -4.66
CA GLN L 100 13.05 -19.25 -3.96
C GLN L 100 14.46 -19.82 -3.84
N GLY L 101 14.69 -21.07 -4.21
CA GLY L 101 16.02 -21.69 -4.16
C GLY L 101 16.26 -22.45 -2.86
N THR L 102 17.06 -23.52 -2.97
CA THR L 102 17.47 -24.32 -1.83
C THR L 102 19.00 -24.36 -1.81
N LYS L 103 19.60 -23.77 -0.79
CA LYS L 103 21.05 -23.75 -0.68
C LYS L 103 21.50 -25.05 -0.02
N VAL L 104 22.40 -25.77 -0.69
CA VAL L 104 22.97 -27.02 -0.21
C VAL L 104 24.46 -26.80 0.02
N ASP L 105 24.88 -27.00 1.28
CA ASP L 105 26.24 -26.88 1.78
C ASP L 105 26.70 -28.22 2.33
N ILE L 106 28.01 -28.34 2.51
CA ILE L 106 28.60 -29.53 3.11
C ILE L 106 29.18 -29.14 4.46
N LYS L 107 28.75 -29.84 5.52
CA LYS L 107 29.24 -29.66 6.89
C LYS L 107 29.29 -28.18 7.30
#